data_5MP0
# 
_entry.id   5MP0 
# 
_audit_conform.dict_name       mmcif_pdbx.dic 
_audit_conform.dict_version    5.383 
_audit_conform.dict_location   http://mmcif.pdb.org/dictionaries/ascii/mmcif_pdbx.dic 
# 
loop_
_database_2.database_id 
_database_2.database_code 
_database_2.pdbx_database_accession 
_database_2.pdbx_DOI 
PDB   5MP0         pdb_00005mp0 10.2210/pdb5mp0/pdb 
WWPDB D_1200002788 ?            ?                   
# 
loop_
_pdbx_audit_revision_history.ordinal 
_pdbx_audit_revision_history.data_content_type 
_pdbx_audit_revision_history.major_revision 
_pdbx_audit_revision_history.minor_revision 
_pdbx_audit_revision_history.revision_date 
1 'Structure model' 1 0 2017-06-28 
2 'Structure model' 1 1 2024-01-17 
# 
_pdbx_audit_revision_details.ordinal             1 
_pdbx_audit_revision_details.revision_ordinal    1 
_pdbx_audit_revision_details.data_content_type   'Structure model' 
_pdbx_audit_revision_details.provider            repository 
_pdbx_audit_revision_details.type                'Initial release' 
_pdbx_audit_revision_details.description         ? 
_pdbx_audit_revision_details.details             ? 
# 
loop_
_pdbx_audit_revision_group.ordinal 
_pdbx_audit_revision_group.revision_ordinal 
_pdbx_audit_revision_group.data_content_type 
_pdbx_audit_revision_group.group 
1 2 'Structure model' 'Data collection'        
2 2 'Structure model' 'Database references'    
3 2 'Structure model' 'Refinement description' 
# 
loop_
_pdbx_audit_revision_category.ordinal 
_pdbx_audit_revision_category.revision_ordinal 
_pdbx_audit_revision_category.data_content_type 
_pdbx_audit_revision_category.category 
1 2 'Structure model' chem_comp_atom                
2 2 'Structure model' chem_comp_bond                
3 2 'Structure model' database_2                    
4 2 'Structure model' pdbx_initial_refinement_model 
# 
loop_
_pdbx_audit_revision_item.ordinal 
_pdbx_audit_revision_item.revision_ordinal 
_pdbx_audit_revision_item.data_content_type 
_pdbx_audit_revision_item.item 
1 2 'Structure model' '_database_2.pdbx_DOI'                
2 2 'Structure model' '_database_2.pdbx_database_accession' 
# 
_pdbx_database_status.status_code                     REL 
_pdbx_database_status.status_code_sf                  REL 
_pdbx_database_status.status_code_mr                  ? 
_pdbx_database_status.entry_id                        5MP0 
_pdbx_database_status.recvd_initial_deposition_date   2016-12-15 
_pdbx_database_status.SG_entry                        N 
_pdbx_database_status.deposit_site                    PDBE 
_pdbx_database_status.process_site                    PDBE 
_pdbx_database_status.status_code_cs                  ? 
_pdbx_database_status.methods_development_category    ? 
_pdbx_database_status.pdb_format_compatible           Y 
_pdbx_database_status.status_code_nmr_data            ? 
# 
loop_
_audit_author.name 
_audit_author.pdbx_ordinal 
_audit_author.identifier_ORCID 
'Mathea, S.'        1  ? 
'Salah, E.'         2  ? 
'Velupillai, S.'    3  ? 
'Tallant, C.'       4  ? 
'Pike, A.C.W.'      5  ? 
'Bushell, S.R.'     6  ? 
'Faust, B.'         7  ? 
'Wang, D.'          8  ? 
'Burgess-Brown, N.' 9  ? 
'von Delft, F.'     10 ? 
'Arrowsmith, C.H.'  11 ? 
'Edwards, A.M.'     12 ? 
'Bountra, C.'       13 ? 
'Knapp, S.'         14 ? 
'Huber, K.'         15 ? 
# 
_citation.abstract                  ? 
_citation.abstract_id_CAS           ? 
_citation.book_id_ISBN              ? 
_citation.book_publisher            ? 
_citation.book_publisher_city       ? 
_citation.book_title                ? 
_citation.coordinate_linkage        ? 
_citation.country                   ? 
_citation.database_id_Medline       ? 
_citation.details                   ? 
_citation.id                        primary 
_citation.journal_abbrev            'To Be Published' 
_citation.journal_id_ASTM           ? 
_citation.journal_id_CSD            0353 
_citation.journal_id_ISSN           ? 
_citation.journal_full              ? 
_citation.journal_issue             ? 
_citation.journal_volume            ? 
_citation.language                  ? 
_citation.page_first                ? 
_citation.page_last                 ? 
_citation.title                     'Human m7GpppN-mRNA Hydrolase (DCP2, NUDT20) Catalytic Domain' 
_citation.year                      ? 
_citation.database_id_CSD           ? 
_citation.pdbx_database_id_DOI      ? 
_citation.pdbx_database_id_PubMed   ? 
_citation.unpublished_flag          ? 
# 
loop_
_citation_author.citation_id 
_citation_author.name 
_citation_author.ordinal 
_citation_author.identifier_ORCID 
primary 'Mathea, S.' 1 ? 
primary 'Huber, K.'  2 ? 
# 
loop_
_entity.id 
_entity.type 
_entity.src_method 
_entity.pdbx_description 
_entity.formula_weight 
_entity.pdbx_number_of_molecules 
_entity.pdbx_ec 
_entity.pdbx_mutation 
_entity.pdbx_fragment 
_entity.details 
1 polymer     man 'm7GpppN-mRNA hydrolase' 18986.660 1  3.6.1.62 ? ? ? 
2 non-polymer syn 1,2-ETHANEDIOL           62.068    2  ?        ? ? ? 
3 water       nat water                    18.015    60 ?        ? ? ? 
# 
_entity_name_com.entity_id   1 
_entity_name_com.name        'Nucleoside diphosphate-linked moiety X motif 20,Nudix motif 20,mRNA-decapping enzyme 2,hDpc' 
# 
_entity_poly.entity_id                      1 
_entity_poly.type                           'polypeptide(L)' 
_entity_poly.nstd_linkage                   no 
_entity_poly.nstd_monomer                   no 
_entity_poly.pdbx_seq_one_letter_code       
;MGVPTYGAIILDETLENVLLVQGYLAKSGWGFPKGKVNKEEAPHDCAAREVFEETGFDIKDYICKDDYIELRINDQLARL
YIIPGIPKDTKFNPKTRREIRNIEWFSIEKLPCHRNDMTPKSKLGLAPNKFFMAIPFIRPLRDWLSRRFGDSSDSDNGFS
STGSTP
;
_entity_poly.pdbx_seq_one_letter_code_can   
;MGVPTYGAIILDETLENVLLVQGYLAKSGWGFPKGKVNKEEAPHDCAAREVFEETGFDIKDYICKDDYIELRINDQLARL
YIIPGIPKDTKFNPKTRREIRNIEWFSIEKLPCHRNDMTPKSKLGLAPNKFFMAIPFIRPLRDWLSRRFGDSSDSDNGFS
STGSTP
;
_entity_poly.pdbx_strand_id                 D 
_entity_poly.pdbx_target_identifier         ? 
# 
loop_
_pdbx_entity_nonpoly.entity_id 
_pdbx_entity_nonpoly.name 
_pdbx_entity_nonpoly.comp_id 
2 1,2-ETHANEDIOL EDO 
3 water          HOH 
# 
loop_
_entity_poly_seq.entity_id 
_entity_poly_seq.num 
_entity_poly_seq.mon_id 
_entity_poly_seq.hetero 
1 1   MET n 
1 2   GLY n 
1 3   VAL n 
1 4   PRO n 
1 5   THR n 
1 6   TYR n 
1 7   GLY n 
1 8   ALA n 
1 9   ILE n 
1 10  ILE n 
1 11  LEU n 
1 12  ASP n 
1 13  GLU n 
1 14  THR n 
1 15  LEU n 
1 16  GLU n 
1 17  ASN n 
1 18  VAL n 
1 19  LEU n 
1 20  LEU n 
1 21  VAL n 
1 22  GLN n 
1 23  GLY n 
1 24  TYR n 
1 25  LEU n 
1 26  ALA n 
1 27  LYS n 
1 28  SER n 
1 29  GLY n 
1 30  TRP n 
1 31  GLY n 
1 32  PHE n 
1 33  PRO n 
1 34  LYS n 
1 35  GLY n 
1 36  LYS n 
1 37  VAL n 
1 38  ASN n 
1 39  LYS n 
1 40  GLU n 
1 41  GLU n 
1 42  ALA n 
1 43  PRO n 
1 44  HIS n 
1 45  ASP n 
1 46  CYS n 
1 47  ALA n 
1 48  ALA n 
1 49  ARG n 
1 50  GLU n 
1 51  VAL n 
1 52  PHE n 
1 53  GLU n 
1 54  GLU n 
1 55  THR n 
1 56  GLY n 
1 57  PHE n 
1 58  ASP n 
1 59  ILE n 
1 60  LYS n 
1 61  ASP n 
1 62  TYR n 
1 63  ILE n 
1 64  CYS n 
1 65  LYS n 
1 66  ASP n 
1 67  ASP n 
1 68  TYR n 
1 69  ILE n 
1 70  GLU n 
1 71  LEU n 
1 72  ARG n 
1 73  ILE n 
1 74  ASN n 
1 75  ASP n 
1 76  GLN n 
1 77  LEU n 
1 78  ALA n 
1 79  ARG n 
1 80  LEU n 
1 81  TYR n 
1 82  ILE n 
1 83  ILE n 
1 84  PRO n 
1 85  GLY n 
1 86  ILE n 
1 87  PRO n 
1 88  LYS n 
1 89  ASP n 
1 90  THR n 
1 91  LYS n 
1 92  PHE n 
1 93  ASN n 
1 94  PRO n 
1 95  LYS n 
1 96  THR n 
1 97  ARG n 
1 98  ARG n 
1 99  GLU n 
1 100 ILE n 
1 101 ARG n 
1 102 ASN n 
1 103 ILE n 
1 104 GLU n 
1 105 TRP n 
1 106 PHE n 
1 107 SER n 
1 108 ILE n 
1 109 GLU n 
1 110 LYS n 
1 111 LEU n 
1 112 PRO n 
1 113 CYS n 
1 114 HIS n 
1 115 ARG n 
1 116 ASN n 
1 117 ASP n 
1 118 MET n 
1 119 THR n 
1 120 PRO n 
1 121 LYS n 
1 122 SER n 
1 123 LYS n 
1 124 LEU n 
1 125 GLY n 
1 126 LEU n 
1 127 ALA n 
1 128 PRO n 
1 129 ASN n 
1 130 LYS n 
1 131 PHE n 
1 132 PHE n 
1 133 MET n 
1 134 ALA n 
1 135 ILE n 
1 136 PRO n 
1 137 PHE n 
1 138 ILE n 
1 139 ARG n 
1 140 PRO n 
1 141 LEU n 
1 142 ARG n 
1 143 ASP n 
1 144 TRP n 
1 145 LEU n 
1 146 SER n 
1 147 ARG n 
1 148 ARG n 
1 149 PHE n 
1 150 GLY n 
1 151 ASP n 
1 152 SER n 
1 153 SER n 
1 154 ASP n 
1 155 SER n 
1 156 ASP n 
1 157 ASN n 
1 158 GLY n 
1 159 PHE n 
1 160 SER n 
1 161 SER n 
1 162 THR n 
1 163 GLY n 
1 164 SER n 
1 165 THR n 
1 166 PRO n 
# 
_entity_src_gen.entity_id                          1 
_entity_src_gen.pdbx_src_id                        1 
_entity_src_gen.pdbx_alt_source_flag               sample 
_entity_src_gen.pdbx_seq_type                      'Biological sequence' 
_entity_src_gen.pdbx_beg_seq_num                   1 
_entity_src_gen.pdbx_end_seq_num                   166 
_entity_src_gen.gene_src_common_name               Human 
_entity_src_gen.gene_src_genus                     ? 
_entity_src_gen.pdbx_gene_src_gene                 'DCP2, NUDT20' 
_entity_src_gen.gene_src_species                   ? 
_entity_src_gen.gene_src_strain                    ? 
_entity_src_gen.gene_src_tissue                    ? 
_entity_src_gen.gene_src_tissue_fraction           ? 
_entity_src_gen.gene_src_details                   ? 
_entity_src_gen.pdbx_gene_src_fragment             ? 
_entity_src_gen.pdbx_gene_src_scientific_name      'Homo sapiens' 
_entity_src_gen.pdbx_gene_src_ncbi_taxonomy_id     9606 
_entity_src_gen.pdbx_gene_src_variant              ? 
_entity_src_gen.pdbx_gene_src_cell_line            ? 
_entity_src_gen.pdbx_gene_src_atcc                 ? 
_entity_src_gen.pdbx_gene_src_organ                ? 
_entity_src_gen.pdbx_gene_src_organelle            ? 
_entity_src_gen.pdbx_gene_src_cell                 ? 
_entity_src_gen.pdbx_gene_src_cellular_location    ? 
_entity_src_gen.host_org_common_name               ? 
_entity_src_gen.pdbx_host_org_scientific_name      'Escherichia coli BL21' 
_entity_src_gen.pdbx_host_org_ncbi_taxonomy_id     511693 
_entity_src_gen.host_org_genus                     ? 
_entity_src_gen.pdbx_host_org_gene                 ? 
_entity_src_gen.pdbx_host_org_organ                ? 
_entity_src_gen.host_org_species                   ? 
_entity_src_gen.pdbx_host_org_tissue               ? 
_entity_src_gen.pdbx_host_org_tissue_fraction      ? 
_entity_src_gen.pdbx_host_org_strain               ? 
_entity_src_gen.pdbx_host_org_variant              ? 
_entity_src_gen.pdbx_host_org_cell_line            ? 
_entity_src_gen.pdbx_host_org_atcc                 ? 
_entity_src_gen.pdbx_host_org_culture_collection   ? 
_entity_src_gen.pdbx_host_org_cell                 ? 
_entity_src_gen.pdbx_host_org_organelle            ? 
_entity_src_gen.pdbx_host_org_cellular_location    ? 
_entity_src_gen.pdbx_host_org_vector_type          ? 
_entity_src_gen.pdbx_host_org_vector               ? 
_entity_src_gen.host_org_details                   ? 
_entity_src_gen.expression_system_id               ? 
_entity_src_gen.plasmid_name                       ? 
_entity_src_gen.plasmid_details                    ? 
_entity_src_gen.pdbx_description                   ? 
# 
loop_
_chem_comp.id 
_chem_comp.type 
_chem_comp.mon_nstd_flag 
_chem_comp.name 
_chem_comp.pdbx_synonyms 
_chem_comp.formula 
_chem_comp.formula_weight 
ALA 'L-peptide linking' y ALANINE         ?                 'C3 H7 N O2'     89.093  
ARG 'L-peptide linking' y ARGININE        ?                 'C6 H15 N4 O2 1' 175.209 
ASN 'L-peptide linking' y ASPARAGINE      ?                 'C4 H8 N2 O3'    132.118 
ASP 'L-peptide linking' y 'ASPARTIC ACID' ?                 'C4 H7 N O4'     133.103 
CYS 'L-peptide linking' y CYSTEINE        ?                 'C3 H7 N O2 S'   121.158 
EDO non-polymer         . 1,2-ETHANEDIOL  'ETHYLENE GLYCOL' 'C2 H6 O2'       62.068  
GLN 'L-peptide linking' y GLUTAMINE       ?                 'C5 H10 N2 O3'   146.144 
GLU 'L-peptide linking' y 'GLUTAMIC ACID' ?                 'C5 H9 N O4'     147.129 
GLY 'peptide linking'   y GLYCINE         ?                 'C2 H5 N O2'     75.067  
HIS 'L-peptide linking' y HISTIDINE       ?                 'C6 H10 N3 O2 1' 156.162 
HOH non-polymer         . WATER           ?                 'H2 O'           18.015  
ILE 'L-peptide linking' y ISOLEUCINE      ?                 'C6 H13 N O2'    131.173 
LEU 'L-peptide linking' y LEUCINE         ?                 'C6 H13 N O2'    131.173 
LYS 'L-peptide linking' y LYSINE          ?                 'C6 H15 N2 O2 1' 147.195 
MET 'L-peptide linking' y METHIONINE      ?                 'C5 H11 N O2 S'  149.211 
PHE 'L-peptide linking' y PHENYLALANINE   ?                 'C9 H11 N O2'    165.189 
PRO 'L-peptide linking' y PROLINE         ?                 'C5 H9 N O2'     115.130 
SER 'L-peptide linking' y SERINE          ?                 'C3 H7 N O3'     105.093 
THR 'L-peptide linking' y THREONINE       ?                 'C4 H9 N O3'     119.119 
TRP 'L-peptide linking' y TRYPTOPHAN      ?                 'C11 H12 N2 O2'  204.225 
TYR 'L-peptide linking' y TYROSINE        ?                 'C9 H11 N O3'    181.189 
VAL 'L-peptide linking' y VALINE          ?                 'C5 H11 N O2'    117.146 
# 
loop_
_pdbx_poly_seq_scheme.asym_id 
_pdbx_poly_seq_scheme.entity_id 
_pdbx_poly_seq_scheme.seq_id 
_pdbx_poly_seq_scheme.mon_id 
_pdbx_poly_seq_scheme.ndb_seq_num 
_pdbx_poly_seq_scheme.pdb_seq_num 
_pdbx_poly_seq_scheme.auth_seq_num 
_pdbx_poly_seq_scheme.pdb_mon_id 
_pdbx_poly_seq_scheme.auth_mon_id 
_pdbx_poly_seq_scheme.pdb_strand_id 
_pdbx_poly_seq_scheme.pdb_ins_code 
_pdbx_poly_seq_scheme.hetero 
A 1 1   MET 1   95  ?   ?   ?   D . n 
A 1 2   GLY 2   96  96  GLY GLY D . n 
A 1 3   VAL 3   97  97  VAL VAL D . n 
A 1 4   PRO 4   98  98  PRO PRO D . n 
A 1 5   THR 5   99  99  THR THR D . n 
A 1 6   TYR 6   100 100 TYR TYR D . n 
A 1 7   GLY 7   101 101 GLY GLY D . n 
A 1 8   ALA 8   102 102 ALA ALA D . n 
A 1 9   ILE 9   103 103 ILE ILE D . n 
A 1 10  ILE 10  104 104 ILE ILE D . n 
A 1 11  LEU 11  105 105 LEU LEU D . n 
A 1 12  ASP 12  106 106 ASP ASP D . n 
A 1 13  GLU 13  107 107 GLU GLU D . n 
A 1 14  THR 14  108 108 THR THR D . n 
A 1 15  LEU 15  109 109 LEU LEU D . n 
A 1 16  GLU 16  110 110 GLU GLU D . n 
A 1 17  ASN 17  111 111 ASN ASN D . n 
A 1 18  VAL 18  112 112 VAL VAL D . n 
A 1 19  LEU 19  113 113 LEU LEU D . n 
A 1 20  LEU 20  114 114 LEU LEU D . n 
A 1 21  VAL 21  115 115 VAL VAL D . n 
A 1 22  GLN 22  116 116 GLN GLN D . n 
A 1 23  GLY 23  117 117 GLY GLY D . n 
A 1 24  TYR 24  118 118 TYR TYR D . n 
A 1 25  LEU 25  119 119 LEU LEU D . n 
A 1 26  ALA 26  120 120 ALA ALA D . n 
A 1 27  LYS 27  121 121 LYS LYS D . n 
A 1 28  SER 28  122 122 SER SER D . n 
A 1 29  GLY 29  123 123 GLY GLY D . n 
A 1 30  TRP 30  124 124 TRP TRP D . n 
A 1 31  GLY 31  125 125 GLY GLY D . n 
A 1 32  PHE 32  126 126 PHE PHE D . n 
A 1 33  PRO 33  127 127 PRO PRO D . n 
A 1 34  LYS 34  128 128 LYS LYS D . n 
A 1 35  GLY 35  129 129 GLY GLY D . n 
A 1 36  LYS 36  130 130 LYS LYS D . n 
A 1 37  VAL 37  131 131 VAL VAL D . n 
A 1 38  ASN 38  132 132 ASN ASN D . n 
A 1 39  LYS 39  133 133 LYS LYS D . n 
A 1 40  GLU 40  134 134 GLU GLU D . n 
A 1 41  GLU 41  135 135 GLU GLU D . n 
A 1 42  ALA 42  136 136 ALA ALA D . n 
A 1 43  PRO 43  137 137 PRO PRO D . n 
A 1 44  HIS 44  138 138 HIS HIS D . n 
A 1 45  ASP 45  139 139 ASP ASP D . n 
A 1 46  CYS 46  140 140 CYS CYS D . n 
A 1 47  ALA 47  141 141 ALA ALA D . n 
A 1 48  ALA 48  142 142 ALA ALA D . n 
A 1 49  ARG 49  143 143 ARG ARG D . n 
A 1 50  GLU 50  144 144 GLU GLU D . n 
A 1 51  VAL 51  145 145 VAL VAL D . n 
A 1 52  PHE 52  146 146 PHE PHE D . n 
A 1 53  GLU 53  147 147 GLU GLU D . n 
A 1 54  GLU 54  148 148 GLU GLU D . n 
A 1 55  THR 55  149 149 THR THR D . n 
A 1 56  GLY 56  150 150 GLY GLY D . n 
A 1 57  PHE 57  151 151 PHE PHE D . n 
A 1 58  ASP 58  152 152 ASP ASP D . n 
A 1 59  ILE 59  153 153 ILE ILE D . n 
A 1 60  LYS 60  154 154 LYS LYS D . n 
A 1 61  ASP 61  155 155 ASP ASP D . n 
A 1 62  TYR 62  156 156 TYR TYR D . n 
A 1 63  ILE 63  157 157 ILE ILE D . n 
A 1 64  CYS 64  158 158 CYS CYS D . n 
A 1 65  LYS 65  159 159 LYS LYS D . n 
A 1 66  ASP 66  160 160 ASP ASP D . n 
A 1 67  ASP 67  161 161 ASP ASP D . n 
A 1 68  TYR 68  162 162 TYR TYR D . n 
A 1 69  ILE 69  163 163 ILE ILE D . n 
A 1 70  GLU 70  164 164 GLU GLU D . n 
A 1 71  LEU 71  165 165 LEU LEU D . n 
A 1 72  ARG 72  166 166 ARG ARG D . n 
A 1 73  ILE 73  167 167 ILE ILE D . n 
A 1 74  ASN 74  168 168 ASN ASN D . n 
A 1 75  ASP 75  169 169 ASP ASP D . n 
A 1 76  GLN 76  170 170 GLN GLN D . n 
A 1 77  LEU 77  171 171 LEU LEU D . n 
A 1 78  ALA 78  172 172 ALA ALA D . n 
A 1 79  ARG 79  173 173 ARG ARG D . n 
A 1 80  LEU 80  174 174 LEU LEU D . n 
A 1 81  TYR 81  175 175 TYR TYR D . n 
A 1 82  ILE 82  176 176 ILE ILE D . n 
A 1 83  ILE 83  177 177 ILE ILE D . n 
A 1 84  PRO 84  178 178 PRO PRO D . n 
A 1 85  GLY 85  179 179 GLY GLY D . n 
A 1 86  ILE 86  180 180 ILE ILE D . n 
A 1 87  PRO 87  181 181 PRO PRO D . n 
A 1 88  LYS 88  182 182 LYS LYS D . n 
A 1 89  ASP 89  183 183 ASP ASP D . n 
A 1 90  THR 90  184 184 THR THR D . n 
A 1 91  LYS 91  185 185 LYS LYS D . n 
A 1 92  PHE 92  186 186 PHE PHE D . n 
A 1 93  ASN 93  187 187 ASN ASN D . n 
A 1 94  PRO 94  188 188 PRO PRO D . n 
A 1 95  LYS 95  189 189 LYS LYS D . n 
A 1 96  THR 96  190 190 THR THR D . n 
A 1 97  ARG 97  191 191 ARG ARG D . n 
A 1 98  ARG 98  192 192 ARG ARG D . n 
A 1 99  GLU 99  193 193 GLU GLU D . n 
A 1 100 ILE 100 194 194 ILE ILE D . n 
A 1 101 ARG 101 195 195 ARG ARG D . n 
A 1 102 ASN 102 196 196 ASN ASN D . n 
A 1 103 ILE 103 197 197 ILE ILE D . n 
A 1 104 GLU 104 198 198 GLU GLU D . n 
A 1 105 TRP 105 199 199 TRP TRP D . n 
A 1 106 PHE 106 200 200 PHE PHE D . n 
A 1 107 SER 107 201 201 SER SER D . n 
A 1 108 ILE 108 202 202 ILE ILE D . n 
A 1 109 GLU 109 203 203 GLU GLU D . n 
A 1 110 LYS 110 204 204 LYS LYS D . n 
A 1 111 LEU 111 205 205 LEU LEU D . n 
A 1 112 PRO 112 206 206 PRO PRO D . n 
A 1 113 CYS 113 207 207 CYS CYS D . n 
A 1 114 HIS 114 208 208 HIS HIS D . n 
A 1 115 ARG 115 209 209 ARG ARG D . n 
A 1 116 ASN 116 210 210 ASN ASN D . n 
A 1 117 ASP 117 211 211 ASP ASP D . n 
A 1 118 MET 118 212 212 MET MET D . n 
A 1 119 THR 119 213 213 THR THR D . n 
A 1 120 PRO 120 214 214 PRO PRO D . n 
A 1 121 LYS 121 215 215 LYS LYS D . n 
A 1 122 SER 122 216 216 SER SER D . n 
A 1 123 LYS 123 217 217 LYS LYS D . n 
A 1 124 LEU 124 218 218 LEU LEU D . n 
A 1 125 GLY 125 219 219 GLY GLY D . n 
A 1 126 LEU 126 220 220 LEU LEU D . n 
A 1 127 ALA 127 221 221 ALA ALA D . n 
A 1 128 PRO 128 222 222 PRO PRO D . n 
A 1 129 ASN 129 223 223 ASN ASN D . n 
A 1 130 LYS 130 224 224 LYS LYS D . n 
A 1 131 PHE 131 225 225 PHE PHE D . n 
A 1 132 PHE 132 226 226 PHE PHE D . n 
A 1 133 MET 133 227 227 MET MET D . n 
A 1 134 ALA 134 228 228 ALA ALA D . n 
A 1 135 ILE 135 229 229 ILE ILE D . n 
A 1 136 PRO 136 230 230 PRO PRO D . n 
A 1 137 PHE 137 231 231 PHE PHE D . n 
A 1 138 ILE 138 232 232 ILE ILE D . n 
A 1 139 ARG 139 233 233 ARG ARG D . n 
A 1 140 PRO 140 234 234 PRO PRO D . n 
A 1 141 LEU 141 235 235 LEU LEU D . n 
A 1 142 ARG 142 236 236 ARG ARG D . n 
A 1 143 ASP 143 237 237 ASP ASP D . n 
A 1 144 TRP 144 238 238 TRP TRP D . n 
A 1 145 LEU 145 239 239 LEU LEU D . n 
A 1 146 SER 146 240 240 SER SER D . n 
A 1 147 ARG 147 241 241 ARG ARG D . n 
A 1 148 ARG 148 242 242 ARG ARG D . n 
A 1 149 PHE 149 243 243 PHE PHE D . n 
A 1 150 GLY 150 244 244 GLY GLY D . n 
A 1 151 ASP 151 245 ?   ?   ?   D . n 
A 1 152 SER 152 246 ?   ?   ?   D . n 
A 1 153 SER 153 247 ?   ?   ?   D . n 
A 1 154 ASP 154 248 ?   ?   ?   D . n 
A 1 155 SER 155 249 ?   ?   ?   D . n 
A 1 156 ASP 156 250 ?   ?   ?   D . n 
A 1 157 ASN 157 251 ?   ?   ?   D . n 
A 1 158 GLY 158 252 ?   ?   ?   D . n 
A 1 159 PHE 159 253 ?   ?   ?   D . n 
A 1 160 SER 160 254 ?   ?   ?   D . n 
A 1 161 SER 161 255 ?   ?   ?   D . n 
A 1 162 THR 162 256 ?   ?   ?   D . n 
A 1 163 GLY 163 257 ?   ?   ?   D . n 
A 1 164 SER 164 258 ?   ?   ?   D . n 
A 1 165 THR 165 259 ?   ?   ?   D . n 
A 1 166 PRO 166 260 ?   ?   ?   D . n 
# 
loop_
_pdbx_nonpoly_scheme.asym_id 
_pdbx_nonpoly_scheme.entity_id 
_pdbx_nonpoly_scheme.mon_id 
_pdbx_nonpoly_scheme.ndb_seq_num 
_pdbx_nonpoly_scheme.pdb_seq_num 
_pdbx_nonpoly_scheme.auth_seq_num 
_pdbx_nonpoly_scheme.pdb_mon_id 
_pdbx_nonpoly_scheme.auth_mon_id 
_pdbx_nonpoly_scheme.pdb_strand_id 
_pdbx_nonpoly_scheme.pdb_ins_code 
B 2 EDO 1  301 1  EDO EDO D . 
C 2 EDO 1  302 2  EDO EDO D . 
D 3 HOH 1  401 37 HOH HOH D . 
D 3 HOH 2  402 60 HOH HOH D . 
D 3 HOH 3  403 8  HOH HOH D . 
D 3 HOH 4  404 10 HOH HOH D . 
D 3 HOH 5  405 11 HOH HOH D . 
D 3 HOH 6  406 15 HOH HOH D . 
D 3 HOH 7  407 55 HOH HOH D . 
D 3 HOH 8  408 23 HOH HOH D . 
D 3 HOH 9  409 17 HOH HOH D . 
D 3 HOH 10 410 12 HOH HOH D . 
D 3 HOH 11 411 13 HOH HOH D . 
D 3 HOH 12 412 18 HOH HOH D . 
D 3 HOH 13 413 46 HOH HOH D . 
D 3 HOH 14 414 39 HOH HOH D . 
D 3 HOH 15 415 4  HOH HOH D . 
D 3 HOH 16 416 38 HOH HOH D . 
D 3 HOH 17 417 2  HOH HOH D . 
D 3 HOH 18 418 31 HOH HOH D . 
D 3 HOH 19 419 59 HOH HOH D . 
D 3 HOH 20 420 1  HOH HOH D . 
D 3 HOH 21 421 14 HOH HOH D . 
D 3 HOH 22 422 6  HOH HOH D . 
D 3 HOH 23 423 24 HOH HOH D . 
D 3 HOH 24 424 32 HOH HOH D . 
D 3 HOH 25 425 5  HOH HOH D . 
D 3 HOH 26 426 27 HOH HOH D . 
D 3 HOH 27 427 9  HOH HOH D . 
D 3 HOH 28 428 3  HOH HOH D . 
D 3 HOH 29 429 22 HOH HOH D . 
D 3 HOH 30 430 28 HOH HOH D . 
D 3 HOH 31 431 29 HOH HOH D . 
D 3 HOH 32 432 16 HOH HOH D . 
D 3 HOH 33 433 7  HOH HOH D . 
D 3 HOH 34 434 35 HOH HOH D . 
D 3 HOH 35 435 19 HOH HOH D . 
D 3 HOH 36 436 57 HOH HOH D . 
D 3 HOH 37 437 33 HOH HOH D . 
D 3 HOH 38 438 49 HOH HOH D . 
D 3 HOH 39 439 30 HOH HOH D . 
D 3 HOH 40 440 50 HOH HOH D . 
D 3 HOH 41 441 52 HOH HOH D . 
D 3 HOH 42 442 25 HOH HOH D . 
D 3 HOH 43 443 48 HOH HOH D . 
D 3 HOH 44 444 47 HOH HOH D . 
D 3 HOH 45 445 34 HOH HOH D . 
D 3 HOH 46 446 43 HOH HOH D . 
D 3 HOH 47 447 62 HOH HOH D . 
D 3 HOH 48 448 42 HOH HOH D . 
D 3 HOH 49 449 54 HOH HOH D . 
D 3 HOH 50 450 40 HOH HOH D . 
D 3 HOH 51 451 36 HOH HOH D . 
D 3 HOH 52 452 21 HOH HOH D . 
D 3 HOH 53 453 58 HOH HOH D . 
D 3 HOH 54 454 26 HOH HOH D . 
D 3 HOH 55 455 45 HOH HOH D . 
D 3 HOH 56 456 20 HOH HOH D . 
D 3 HOH 57 457 51 HOH HOH D . 
D 3 HOH 58 458 56 HOH HOH D . 
D 3 HOH 59 459 53 HOH HOH D . 
D 3 HOH 60 460 41 HOH HOH D . 
# 
loop_
_pdbx_unobs_or_zero_occ_atoms.id 
_pdbx_unobs_or_zero_occ_atoms.PDB_model_num 
_pdbx_unobs_or_zero_occ_atoms.polymer_flag 
_pdbx_unobs_or_zero_occ_atoms.occupancy_flag 
_pdbx_unobs_or_zero_occ_atoms.auth_asym_id 
_pdbx_unobs_or_zero_occ_atoms.auth_comp_id 
_pdbx_unobs_or_zero_occ_atoms.auth_seq_id 
_pdbx_unobs_or_zero_occ_atoms.PDB_ins_code 
_pdbx_unobs_or_zero_occ_atoms.auth_atom_id 
_pdbx_unobs_or_zero_occ_atoms.label_alt_id 
_pdbx_unobs_or_zero_occ_atoms.label_asym_id 
_pdbx_unobs_or_zero_occ_atoms.label_comp_id 
_pdbx_unobs_or_zero_occ_atoms.label_seq_id 
_pdbx_unobs_or_zero_occ_atoms.label_atom_id 
1  1 Y 1 D LYS 121 ? NZ  ? A LYS 27  NZ  
2  1 Y 1 D LYS 130 ? CD  ? A LYS 36  CD  
3  1 Y 1 D LYS 130 ? CE  ? A LYS 36  CE  
4  1 Y 1 D LYS 130 ? NZ  ? A LYS 36  NZ  
5  1 Y 1 D LYS 133 ? CG  ? A LYS 39  CG  
6  1 Y 1 D LYS 133 ? CD  ? A LYS 39  CD  
7  1 Y 1 D LYS 133 ? CE  ? A LYS 39  CE  
8  1 Y 1 D LYS 133 ? NZ  ? A LYS 39  NZ  
9  1 Y 1 D GLU 134 ? CG  ? A GLU 40  CG  
10 1 Y 1 D GLU 134 ? CD  ? A GLU 40  CD  
11 1 Y 1 D GLU 134 ? OE1 ? A GLU 40  OE1 
12 1 Y 1 D GLU 134 ? OE2 ? A GLU 40  OE2 
13 1 Y 1 D GLU 147 ? CG  ? A GLU 53  CG  
14 1 Y 1 D GLU 147 ? CD  ? A GLU 53  CD  
15 1 Y 1 D GLU 147 ? OE1 ? A GLU 53  OE1 
16 1 Y 1 D GLU 147 ? OE2 ? A GLU 53  OE2 
17 1 Y 1 D LYS 159 ? CE  ? A LYS 65  CE  
18 1 Y 1 D LYS 159 ? NZ  ? A LYS 65  NZ  
19 1 Y 1 D ARG 166 ? CD  ? A ARG 72  CD  
20 1 Y 1 D ARG 166 ? NE  ? A ARG 72  NE  
21 1 Y 1 D ARG 166 ? CZ  ? A ARG 72  CZ  
22 1 Y 1 D ARG 166 ? NH1 ? A ARG 72  NH1 
23 1 Y 1 D ARG 166 ? NH2 ? A ARG 72  NH2 
24 1 Y 1 D GLN 170 ? CG  ? A GLN 76  CG  
25 1 Y 1 D GLN 170 ? CD  ? A GLN 76  CD  
26 1 Y 1 D GLN 170 ? OE1 ? A GLN 76  OE1 
27 1 Y 1 D GLN 170 ? NE2 ? A GLN 76  NE2 
28 1 Y 1 D LYS 182 ? CE  ? A LYS 88  CE  
29 1 Y 1 D LYS 182 ? NZ  ? A LYS 88  NZ  
30 1 Y 1 D LYS 185 ? CE  ? A LYS 91  CE  
31 1 Y 1 D LYS 185 ? NZ  ? A LYS 91  NZ  
32 1 Y 1 D LYS 189 ? CG  ? A LYS 95  CG  
33 1 Y 1 D LYS 189 ? CD  ? A LYS 95  CD  
34 1 Y 1 D LYS 189 ? CE  ? A LYS 95  CE  
35 1 Y 1 D LYS 189 ? NZ  ? A LYS 95  NZ  
36 1 Y 1 D LYS 215 ? CD  ? A LYS 121 CD  
37 1 Y 1 D LYS 215 ? CE  ? A LYS 121 CE  
38 1 Y 1 D LYS 215 ? NZ  ? A LYS 121 NZ  
39 1 Y 1 D LYS 217 ? CE  ? A LYS 123 CE  
40 1 Y 1 D LYS 217 ? NZ  ? A LYS 123 NZ  
41 1 Y 1 D ARG 241 ? CD  ? A ARG 147 CD  
42 1 Y 1 D ARG 241 ? NE  ? A ARG 147 NE  
43 1 Y 1 D ARG 241 ? CZ  ? A ARG 147 CZ  
44 1 Y 1 D ARG 241 ? NH1 ? A ARG 147 NH1 
45 1 Y 1 D ARG 241 ? NH2 ? A ARG 147 NH2 
46 1 Y 1 D ARG 242 ? CG  ? A ARG 148 CG  
47 1 Y 1 D ARG 242 ? CD  ? A ARG 148 CD  
48 1 Y 1 D ARG 242 ? NE  ? A ARG 148 NE  
49 1 Y 1 D ARG 242 ? CZ  ? A ARG 148 CZ  
50 1 Y 1 D ARG 242 ? NH1 ? A ARG 148 NH1 
51 1 Y 1 D ARG 242 ? NH2 ? A ARG 148 NH2 
# 
loop_
_software.citation_id 
_software.classification 
_software.compiler_name 
_software.compiler_version 
_software.contact_author 
_software.contact_author_email 
_software.date 
_software.description 
_software.dependencies 
_software.hardware 
_software.language 
_software.location 
_software.mods 
_software.name 
_software.os 
_software.os_version 
_software.type 
_software.version 
_software.pdbx_ordinal 
? refinement       ? ? ? ? ? ? ? ? ? ? ? REFMAC  ? ? ? 5.8.0103 1 
? 'data reduction' ? ? ? ? ? ? ? ? ? ? ? iMOSFLM ? ? ? .        2 
? 'data scaling'   ? ? ? ? ? ? ? ? ? ? ? Aimless ? ? ? .        3 
? phasing          ? ? ? ? ? ? ? ? ? ? ? PHASER  ? ? ? .        4 
# 
_cell.angle_alpha                  90.00 
_cell.angle_alpha_esd              ? 
_cell.angle_beta                   90.00 
_cell.angle_beta_esd               ? 
_cell.angle_gamma                  90.00 
_cell.angle_gamma_esd              ? 
_cell.entry_id                     5MP0 
_cell.details                      ? 
_cell.formula_units_Z              ? 
_cell.length_a                     48.050 
_cell.length_a_esd                 ? 
_cell.length_b                     60.570 
_cell.length_b_esd                 ? 
_cell.length_c                     65.450 
_cell.length_c_esd                 ? 
_cell.volume                       ? 
_cell.volume_esd                   ? 
_cell.Z_PDB                        4 
_cell.reciprocal_angle_alpha       ? 
_cell.reciprocal_angle_beta        ? 
_cell.reciprocal_angle_gamma       ? 
_cell.reciprocal_angle_alpha_esd   ? 
_cell.reciprocal_angle_beta_esd    ? 
_cell.reciprocal_angle_gamma_esd   ? 
_cell.reciprocal_length_a          ? 
_cell.reciprocal_length_b          ? 
_cell.reciprocal_length_c          ? 
_cell.reciprocal_length_a_esd      ? 
_cell.reciprocal_length_b_esd      ? 
_cell.reciprocal_length_c_esd      ? 
_cell.pdbx_unique_axis             ? 
# 
_symmetry.entry_id                         5MP0 
_symmetry.cell_setting                     ? 
_symmetry.Int_Tables_number                19 
_symmetry.space_group_name_Hall            ? 
_symmetry.space_group_name_H-M             'P 21 21 21' 
_symmetry.pdbx_full_space_group_name_H-M   ? 
# 
_exptl.absorpt_coefficient_mu     ? 
_exptl.absorpt_correction_T_max   ? 
_exptl.absorpt_correction_T_min   ? 
_exptl.absorpt_correction_type    ? 
_exptl.absorpt_process_details    ? 
_exptl.entry_id                   5MP0 
_exptl.crystals_number            1 
_exptl.details                    ? 
_exptl.method                     'X-RAY DIFFRACTION' 
_exptl.method_details             ? 
# 
_exptl_crystal.colour                      ? 
_exptl_crystal.density_diffrn              ? 
_exptl_crystal.density_Matthews            2.51 
_exptl_crystal.density_method              ? 
_exptl_crystal.density_percent_sol         50.96 
_exptl_crystal.description                 ? 
_exptl_crystal.F_000                       ? 
_exptl_crystal.id                          1 
_exptl_crystal.preparation                 ? 
_exptl_crystal.size_max                    ? 
_exptl_crystal.size_mid                    ? 
_exptl_crystal.size_min                    ? 
_exptl_crystal.size_rad                    ? 
_exptl_crystal.colour_lustre               ? 
_exptl_crystal.colour_modifier             ? 
_exptl_crystal.colour_primary              ? 
_exptl_crystal.density_meas                ? 
_exptl_crystal.density_meas_esd            ? 
_exptl_crystal.density_meas_gt             ? 
_exptl_crystal.density_meas_lt             ? 
_exptl_crystal.density_meas_temp           ? 
_exptl_crystal.density_meas_temp_esd       ? 
_exptl_crystal.density_meas_temp_gt        ? 
_exptl_crystal.density_meas_temp_lt        ? 
_exptl_crystal.pdbx_crystal_image_url      ? 
_exptl_crystal.pdbx_crystal_image_format   ? 
_exptl_crystal.pdbx_mosaicity              ? 
_exptl_crystal.pdbx_mosaicity_esd          ? 
# 
_exptl_crystal_grow.apparatus       ? 
_exptl_crystal_grow.atmosphere      ? 
_exptl_crystal_grow.crystal_id      1 
_exptl_crystal_grow.details         ? 
_exptl_crystal_grow.method          'VAPOR DIFFUSION, SITTING DROP' 
_exptl_crystal_grow.method_ref      ? 
_exptl_crystal_grow.pH              4.5 
_exptl_crystal_grow.pressure        ? 
_exptl_crystal_grow.pressure_esd    ? 
_exptl_crystal_grow.seeding         ? 
_exptl_crystal_grow.seeding_ref     ? 
_exptl_crystal_grow.temp            277 
_exptl_crystal_grow.temp_details    ? 
_exptl_crystal_grow.temp_esd        ? 
_exptl_crystal_grow.time            ? 
_exptl_crystal_grow.pdbx_details    
;0.1 M acetate pH 4.5
25% PEG3350
;
_exptl_crystal_grow.pdbx_pH_range   ? 
# 
_diffrn.ambient_environment    ? 
_diffrn.ambient_temp           100 
_diffrn.ambient_temp_details   ? 
_diffrn.ambient_temp_esd       ? 
_diffrn.crystal_id             1 
_diffrn.crystal_support        ? 
_diffrn.crystal_treatment      ? 
_diffrn.details                ? 
_diffrn.id                     1 
_diffrn.ambient_pressure       ? 
_diffrn.ambient_pressure_esd   ? 
_diffrn.ambient_pressure_gt    ? 
_diffrn.ambient_pressure_lt    ? 
_diffrn.ambient_temp_gt        ? 
_diffrn.ambient_temp_lt        ? 
# 
_diffrn_detector.details                      ? 
_diffrn_detector.detector                     PIXEL 
_diffrn_detector.diffrn_id                    1 
_diffrn_detector.type                         'DECTRIS PILATUS 6M' 
_diffrn_detector.area_resol_mean              ? 
_diffrn_detector.dtime                        ? 
_diffrn_detector.pdbx_frames_total            ? 
_diffrn_detector.pdbx_collection_time_total   ? 
_diffrn_detector.pdbx_collection_date         2016-07-17 
# 
_diffrn_radiation.collimation                      ? 
_diffrn_radiation.diffrn_id                        1 
_diffrn_radiation.filter_edge                      ? 
_diffrn_radiation.inhomogeneity                    ? 
_diffrn_radiation.monochromator                    ? 
_diffrn_radiation.polarisn_norm                    ? 
_diffrn_radiation.polarisn_ratio                   ? 
_diffrn_radiation.probe                            ? 
_diffrn_radiation.type                             ? 
_diffrn_radiation.xray_symbol                      ? 
_diffrn_radiation.wavelength_id                    1 
_diffrn_radiation.pdbx_monochromatic_or_laue_m_l   M 
_diffrn_radiation.pdbx_wavelength_list             ? 
_diffrn_radiation.pdbx_wavelength                  ? 
_diffrn_radiation.pdbx_diffrn_protocol             'SINGLE WAVELENGTH' 
_diffrn_radiation.pdbx_analyzer                    ? 
_diffrn_radiation.pdbx_scattering_type             x-ray 
# 
_diffrn_radiation_wavelength.id           1 
_diffrn_radiation_wavelength.wavelength   0.9686 
_diffrn_radiation_wavelength.wt           1.0 
# 
_diffrn_source.current                     ? 
_diffrn_source.details                     ? 
_diffrn_source.diffrn_id                   1 
_diffrn_source.power                       ? 
_diffrn_source.size                        ? 
_diffrn_source.source                      SYNCHROTRON 
_diffrn_source.target                      ? 
_diffrn_source.type                        'DIAMOND BEAMLINE I24' 
_diffrn_source.voltage                     ? 
_diffrn_source.take-off_angle              ? 
_diffrn_source.pdbx_wavelength_list        0.9686 
_diffrn_source.pdbx_wavelength             ? 
_diffrn_source.pdbx_synchrotron_beamline   I24 
_diffrn_source.pdbx_synchrotron_site       Diamond 
# 
_reflns.B_iso_Wilson_estimate            ? 
_reflns.entry_id                         5MP0 
_reflns.data_reduction_details           ? 
_reflns.data_reduction_method            ? 
_reflns.d_resolution_high                1.63 
_reflns.d_resolution_low                 38.73 
_reflns.details                          ? 
_reflns.limit_h_max                      ? 
_reflns.limit_h_min                      ? 
_reflns.limit_k_max                      ? 
_reflns.limit_k_min                      ? 
_reflns.limit_l_max                      ? 
_reflns.limit_l_min                      ? 
_reflns.number_all                       ? 
_reflns.number_obs                       24476 
_reflns.observed_criterion               ? 
_reflns.observed_criterion_F_max         ? 
_reflns.observed_criterion_F_min         ? 
_reflns.observed_criterion_I_max         ? 
_reflns.observed_criterion_I_min         ? 
_reflns.observed_criterion_sigma_F       ? 
_reflns.observed_criterion_sigma_I       ? 
_reflns.percent_possible_obs             99.9 
_reflns.R_free_details                   ? 
_reflns.Rmerge_F_all                     ? 
_reflns.Rmerge_F_obs                     ? 
_reflns.Friedel_coverage                 ? 
_reflns.number_gt                        ? 
_reflns.threshold_expression             ? 
_reflns.pdbx_redundancy                  6.5 
_reflns.pdbx_Rmerge_I_obs                ? 
_reflns.pdbx_Rmerge_I_all                ? 
_reflns.pdbx_Rsym_value                  ? 
_reflns.pdbx_netI_over_av_sigmaI         ? 
_reflns.pdbx_netI_over_sigmaI            11.3 
_reflns.pdbx_res_netI_over_av_sigmaI_2   ? 
_reflns.pdbx_res_netI_over_sigmaI_2      ? 
_reflns.pdbx_chi_squared                 ? 
_reflns.pdbx_scaling_rejects             ? 
_reflns.pdbx_d_res_high_opt              ? 
_reflns.pdbx_d_res_low_opt               ? 
_reflns.pdbx_d_res_opt_method            ? 
_reflns.phase_calculation_details        ? 
_reflns.pdbx_Rrim_I_all                  0.088 
_reflns.pdbx_Rpim_I_all                  ? 
_reflns.pdbx_d_opt                       ? 
_reflns.pdbx_number_measured_all         ? 
_reflns.pdbx_diffrn_id                   1 
_reflns.pdbx_ordinal                     1 
_reflns.pdbx_CC_half                     ? 
_reflns.pdbx_R_split                     ? 
# 
_reflns_shell.d_res_high                  1.63 
_reflns_shell.d_res_low                   1.66 
_reflns_shell.meanI_over_sigI_all         ? 
_reflns_shell.meanI_over_sigI_obs         0.8 
_reflns_shell.number_measured_all         ? 
_reflns_shell.number_measured_obs         ? 
_reflns_shell.number_possible             ? 
_reflns_shell.number_unique_all           ? 
_reflns_shell.number_unique_obs           ? 
_reflns_shell.percent_possible_all        99.7 
_reflns_shell.percent_possible_obs        ? 
_reflns_shell.Rmerge_F_all                ? 
_reflns_shell.Rmerge_F_obs                ? 
_reflns_shell.Rmerge_I_all                ? 
_reflns_shell.Rmerge_I_obs                ? 
_reflns_shell.meanI_over_sigI_gt          ? 
_reflns_shell.meanI_over_uI_all           ? 
_reflns_shell.meanI_over_uI_gt            ? 
_reflns_shell.number_measured_gt          ? 
_reflns_shell.number_unique_gt            ? 
_reflns_shell.percent_possible_gt         ? 
_reflns_shell.Rmerge_F_gt                 ? 
_reflns_shell.Rmerge_I_gt                 ? 
_reflns_shell.pdbx_redundancy             6.5 
_reflns_shell.pdbx_Rsym_value             ? 
_reflns_shell.pdbx_chi_squared            ? 
_reflns_shell.pdbx_netI_over_sigmaI_all   ? 
_reflns_shell.pdbx_netI_over_sigmaI_obs   ? 
_reflns_shell.pdbx_Rrim_I_all             1.895 
_reflns_shell.pdbx_Rpim_I_all             ? 
_reflns_shell.pdbx_rejects                ? 
_reflns_shell.pdbx_ordinal                1 
_reflns_shell.pdbx_diffrn_id              1 
_reflns_shell.pdbx_CC_half                ? 
_reflns_shell.pdbx_R_split                ? 
# 
_refine.aniso_B[1][1]                            1.94 
_refine.aniso_B[1][2]                            0.00 
_refine.aniso_B[1][3]                            -0.00 
_refine.aniso_B[2][2]                            -2.02 
_refine.aniso_B[2][3]                            0.00 
_refine.aniso_B[3][3]                            0.08 
_refine.B_iso_max                                ? 
_refine.B_iso_mean                               30.885 
_refine.B_iso_min                                ? 
_refine.correlation_coeff_Fo_to_Fc               0.957 
_refine.correlation_coeff_Fo_to_Fc_free          0.937 
_refine.details                                  'HYDROGENS HAVE BEEN ADDED IN THE RIDING POSITIONS' 
_refine.diff_density_max                         ? 
_refine.diff_density_max_esd                     ? 
_refine.diff_density_min                         ? 
_refine.diff_density_min_esd                     ? 
_refine.diff_density_rms                         ? 
_refine.diff_density_rms_esd                     ? 
_refine.entry_id                                 5MP0 
_refine.pdbx_refine_id                           'X-RAY DIFFRACTION' 
_refine.ls_abs_structure_details                 ? 
_refine.ls_abs_structure_Flack                   ? 
_refine.ls_abs_structure_Flack_esd               ? 
_refine.ls_abs_structure_Rogers                  ? 
_refine.ls_abs_structure_Rogers_esd              ? 
_refine.ls_d_res_high                            1.63 
_refine.ls_d_res_low                             38.73 
_refine.ls_extinction_coef                       ? 
_refine.ls_extinction_coef_esd                   ? 
_refine.ls_extinction_expression                 ? 
_refine.ls_extinction_method                     ? 
_refine.ls_goodness_of_fit_all                   ? 
_refine.ls_goodness_of_fit_all_esd               ? 
_refine.ls_goodness_of_fit_obs                   ? 
_refine.ls_goodness_of_fit_obs_esd               ? 
_refine.ls_hydrogen_treatment                    ? 
_refine.ls_matrix_type                           ? 
_refine.ls_number_constraints                    ? 
_refine.ls_number_parameters                     ? 
_refine.ls_number_reflns_all                     ? 
_refine.ls_number_reflns_obs                     23182 
_refine.ls_number_reflns_R_free                  1244 
_refine.ls_number_reflns_R_work                  ? 
_refine.ls_number_restraints                     ? 
_refine.ls_percent_reflns_obs                    99.74 
_refine.ls_percent_reflns_R_free                 5.1 
_refine.ls_R_factor_all                          ? 
_refine.ls_R_factor_obs                          0.21441 
_refine.ls_R_factor_R_free                       0.26178 
_refine.ls_R_factor_R_free_error                 ? 
_refine.ls_R_factor_R_free_error_details         ? 
_refine.ls_R_factor_R_work                       0.21187 
_refine.ls_R_Fsqd_factor_obs                     ? 
_refine.ls_R_I_factor_obs                        ? 
_refine.ls_redundancy_reflns_all                 ? 
_refine.ls_redundancy_reflns_obs                 ? 
_refine.ls_restrained_S_all                      ? 
_refine.ls_restrained_S_obs                      ? 
_refine.ls_shift_over_esd_max                    ? 
_refine.ls_shift_over_esd_mean                   ? 
_refine.ls_structure_factor_coef                 ? 
_refine.ls_weighting_details                     ? 
_refine.ls_weighting_scheme                      ? 
_refine.ls_wR_factor_all                         ? 
_refine.ls_wR_factor_obs                         ? 
_refine.ls_wR_factor_R_free                      ? 
_refine.ls_wR_factor_R_work                      ? 
_refine.occupancy_max                            ? 
_refine.occupancy_min                            ? 
_refine.solvent_model_details                    ? 
_refine.solvent_model_param_bsol                 ? 
_refine.solvent_model_param_ksol                 ? 
_refine.ls_R_factor_gt                           ? 
_refine.ls_goodness_of_fit_gt                    ? 
_refine.ls_goodness_of_fit_ref                   ? 
_refine.ls_shift_over_su_max                     ? 
_refine.ls_shift_over_su_max_lt                  ? 
_refine.ls_shift_over_su_mean                    ? 
_refine.ls_shift_over_su_mean_lt                 ? 
_refine.pdbx_ls_sigma_I                          ? 
_refine.pdbx_ls_sigma_F                          ? 
_refine.pdbx_ls_sigma_Fsqd                       ? 
_refine.pdbx_data_cutoff_high_absF               ? 
_refine.pdbx_data_cutoff_high_rms_absF           ? 
_refine.pdbx_data_cutoff_low_absF                ? 
_refine.pdbx_isotropic_thermal_model             ? 
_refine.pdbx_ls_cross_valid_method               THROUGHOUT 
_refine.pdbx_method_to_determine_struct          'MOLECULAR REPLACEMENT' 
_refine.pdbx_starting_model                      5j3t 
_refine.pdbx_stereochemistry_target_values       ? 
_refine.pdbx_R_Free_selection_details            RANDOM 
_refine.pdbx_stereochem_target_val_spec_case     ? 
_refine.pdbx_overall_ESU_R                       0.092 
_refine.pdbx_overall_ESU_R_Free                  0.101 
_refine.pdbx_solvent_vdw_probe_radii             1.20 
_refine.pdbx_solvent_ion_probe_radii             0.80 
_refine.pdbx_solvent_shrinkage_radii             0.80 
_refine.pdbx_real_space_R                        ? 
_refine.pdbx_density_correlation                 ? 
_refine.pdbx_pd_number_of_powder_patterns        ? 
_refine.pdbx_pd_number_of_points                 ? 
_refine.pdbx_pd_meas_number_of_points            ? 
_refine.pdbx_pd_proc_ls_prof_R_factor            ? 
_refine.pdbx_pd_proc_ls_prof_wR_factor           ? 
_refine.pdbx_pd_Marquardt_correlation_coeff      ? 
_refine.pdbx_pd_Fsqrd_R_factor                   ? 
_refine.pdbx_pd_ls_matrix_band_width             ? 
_refine.pdbx_overall_phase_error                 ? 
_refine.pdbx_overall_SU_R_free_Cruickshank_DPI   ? 
_refine.pdbx_overall_SU_R_free_Blow_DPI          ? 
_refine.pdbx_overall_SU_R_Blow_DPI               ? 
_refine.pdbx_TLS_residual_ADP_flag               ? 
_refine.pdbx_diffrn_id                           1 
_refine.overall_SU_B                             2.585 
_refine.overall_SU_ML                            0.084 
_refine.overall_SU_R_Cruickshank_DPI             ? 
_refine.overall_SU_R_free                        ? 
_refine.overall_FOM_free_R_set                   ? 
_refine.overall_FOM_work_R_set                   ? 
_refine.pdbx_average_fsc_overall                 ? 
_refine.pdbx_average_fsc_work                    ? 
_refine.pdbx_average_fsc_free                    ? 
# 
_refine_hist.pdbx_refine_id                   'X-RAY DIFFRACTION' 
_refine_hist.cycle_id                         1 
_refine_hist.pdbx_number_atoms_protein        1169 
_refine_hist.pdbx_number_atoms_nucleic_acid   0 
_refine_hist.pdbx_number_atoms_ligand         8 
_refine_hist.number_atoms_solvent             60 
_refine_hist.number_atoms_total               1237 
_refine_hist.d_res_high                       1.63 
_refine_hist.d_res_low                        38.73 
# 
loop_
_refine_ls_restr.pdbx_refine_id 
_refine_ls_restr.criterion 
_refine_ls_restr.dev_ideal 
_refine_ls_restr.dev_ideal_target 
_refine_ls_restr.number 
_refine_ls_restr.rejects 
_refine_ls_restr.type 
_refine_ls_restr.weight 
_refine_ls_restr.pdbx_restraint_function 
'X-RAY DIFFRACTION' ? 0.021  0.019  1216 ? r_bond_refined_d             ? ? 
'X-RAY DIFFRACTION' ? 0.002  0.020  1134 ? r_bond_other_d               ? ? 
'X-RAY DIFFRACTION' ? 2.028  1.967  1651 ? r_angle_refined_deg          ? ? 
'X-RAY DIFFRACTION' ? 1.084  3.000  2604 ? r_angle_other_deg            ? ? 
'X-RAY DIFFRACTION' ? 6.002  5.000  150  ? r_dihedral_angle_1_deg       ? ? 
'X-RAY DIFFRACTION' ? 31.887 23.519 54   ? r_dihedral_angle_2_deg       ? ? 
'X-RAY DIFFRACTION' ? 12.808 15.000 192  ? r_dihedral_angle_3_deg       ? ? 
'X-RAY DIFFRACTION' ? 16.225 15.000 8    ? r_dihedral_angle_4_deg       ? ? 
'X-RAY DIFFRACTION' ? 0.124  0.200  178  ? r_chiral_restr               ? ? 
'X-RAY DIFFRACTION' ? 0.011  0.021  1370 ? r_gen_planes_refined         ? ? 
'X-RAY DIFFRACTION' ? 0.002  0.020  278  ? r_gen_planes_other           ? ? 
'X-RAY DIFFRACTION' ? ?      ?      ?    ? r_nbd_refined                ? ? 
'X-RAY DIFFRACTION' ? ?      ?      ?    ? r_nbd_other                  ? ? 
'X-RAY DIFFRACTION' ? ?      ?      ?    ? r_nbtor_refined              ? ? 
'X-RAY DIFFRACTION' ? ?      ?      ?    ? r_nbtor_other                ? ? 
'X-RAY DIFFRACTION' ? ?      ?      ?    ? r_xyhbond_nbd_refined        ? ? 
'X-RAY DIFFRACTION' ? ?      ?      ?    ? r_xyhbond_nbd_other          ? ? 
'X-RAY DIFFRACTION' ? ?      ?      ?    ? r_metal_ion_refined          ? ? 
'X-RAY DIFFRACTION' ? ?      ?      ?    ? r_metal_ion_other            ? ? 
'X-RAY DIFFRACTION' ? ?      ?      ?    ? r_symmetry_vdw_refined       ? ? 
'X-RAY DIFFRACTION' ? ?      ?      ?    ? r_symmetry_vdw_other         ? ? 
'X-RAY DIFFRACTION' ? ?      ?      ?    ? r_symmetry_hbond_refined     ? ? 
'X-RAY DIFFRACTION' ? ?      ?      ?    ? r_symmetry_hbond_other       ? ? 
'X-RAY DIFFRACTION' ? ?      ?      ?    ? r_symmetry_metal_ion_refined ? ? 
'X-RAY DIFFRACTION' ? ?      ?      ?    ? r_symmetry_metal_ion_other   ? ? 
'X-RAY DIFFRACTION' ? 3.007  2.969  600  ? r_mcbond_it                  ? ? 
'X-RAY DIFFRACTION' ? 2.989  2.963  599  ? r_mcbond_other               ? ? 
'X-RAY DIFFRACTION' ? 4.073  4.435  750  ? r_mcangle_it                 ? ? 
'X-RAY DIFFRACTION' ? 4.070  4.444  751  ? r_mcangle_other              ? ? 
'X-RAY DIFFRACTION' ? 3.998  3.297  616  ? r_scbond_it                  ? ? 
'X-RAY DIFFRACTION' ? 3.973  3.296  616  ? r_scbond_other               ? ? 
'X-RAY DIFFRACTION' ? ?      ?      ?    ? r_scangle_it                 ? ? 
'X-RAY DIFFRACTION' ? 5.851  4.802  902  ? r_scangle_other              ? ? 
'X-RAY DIFFRACTION' ? 7.062  24.196 1330 ? r_long_range_B_refined       ? ? 
'X-RAY DIFFRACTION' ? 7.075  24.213 1331 ? r_long_range_B_other         ? ? 
'X-RAY DIFFRACTION' ? ?      ?      ?    ? r_rigid_bond_restr           ? ? 
'X-RAY DIFFRACTION' ? ?      ?      ?    ? r_sphericity_free            ? ? 
'X-RAY DIFFRACTION' ? ?      ?      ?    ? r_sphericity_bonded          ? ? 
# 
_refine_ls_shell.pdbx_refine_id                   'X-RAY DIFFRACTION' 
_refine_ls_shell.d_res_high                       1.630 
_refine_ls_shell.d_res_low                        1.672 
_refine_ls_shell.number_reflns_all                ? 
_refine_ls_shell.number_reflns_obs                ? 
_refine_ls_shell.number_reflns_R_free             96 
_refine_ls_shell.number_reflns_R_work             1672 
_refine_ls_shell.percent_reflns_obs               99.44 
_refine_ls_shell.percent_reflns_R_free            ? 
_refine_ls_shell.R_factor_all                     ? 
_refine_ls_shell.R_factor_obs                     ? 
_refine_ls_shell.R_factor_R_free                  0.387 
_refine_ls_shell.R_factor_R_free_error            ? 
_refine_ls_shell.R_factor_R_work                  0.342 
_refine_ls_shell.redundancy_reflns_all            ? 
_refine_ls_shell.redundancy_reflns_obs            ? 
_refine_ls_shell.wR_factor_all                    ? 
_refine_ls_shell.wR_factor_obs                    ? 
_refine_ls_shell.wR_factor_R_free                 ? 
_refine_ls_shell.wR_factor_R_work                 ? 
_refine_ls_shell.pdbx_total_number_of_bins_used   20 
_refine_ls_shell.pdbx_phase_error                 ? 
_refine_ls_shell.pdbx_fsc_work                    ? 
_refine_ls_shell.pdbx_fsc_free                    ? 
# 
_struct.entry_id                     5MP0 
_struct.title                        'Human m7GpppN-mRNA Hydrolase (DCP2, NUDT20) Catalytic Domain' 
_struct.pdbx_model_details           ? 
_struct.pdbx_formula_weight          ? 
_struct.pdbx_formula_weight_method   ? 
_struct.pdbx_model_type_details      ? 
_struct.pdbx_CASP_flag               N 
# 
_struct_keywords.entry_id        5MP0 
_struct_keywords.text            'mRNA decapping, hydrolase, Nudix' 
_struct_keywords.pdbx_keywords   HYDROLASE 
# 
loop_
_struct_asym.id 
_struct_asym.pdbx_blank_PDB_chainid_flag 
_struct_asym.pdbx_modified 
_struct_asym.entity_id 
_struct_asym.details 
A N N 1 ? 
B N N 2 ? 
C N N 2 ? 
D N N 3 ? 
# 
_struct_ref.id                         1 
_struct_ref.db_name                    UNP 
_struct_ref.db_code                    DCP2_HUMAN 
_struct_ref.pdbx_db_accession          Q8IU60 
_struct_ref.pdbx_db_isoform            ? 
_struct_ref.entity_id                  1 
_struct_ref.pdbx_seq_one_letter_code   
;MGVPTYGAIILDETLENVLLVQGYLAKSGWGFPKGKVNKEEAPHDCAAREVFEETGFDIKDYICKDDYIELRINDQLARL
YIIPGIPKDTKFNPKTRREIRNIEWFSIEKLPCHRNDMTPKSKLGLAPNKFFMAIPFIRPLRDWLSRRFGDSSDSDNGFS
STGSTP
;
_struct_ref.pdbx_align_begin           95 
# 
_struct_ref_seq.align_id                      1 
_struct_ref_seq.ref_id                        1 
_struct_ref_seq.pdbx_PDB_id_code              5MP0 
_struct_ref_seq.pdbx_strand_id                D 
_struct_ref_seq.seq_align_beg                 1 
_struct_ref_seq.pdbx_seq_align_beg_ins_code   ? 
_struct_ref_seq.seq_align_end                 166 
_struct_ref_seq.pdbx_seq_align_end_ins_code   ? 
_struct_ref_seq.pdbx_db_accession             Q8IU60 
_struct_ref_seq.db_align_beg                  95 
_struct_ref_seq.pdbx_db_align_beg_ins_code    ? 
_struct_ref_seq.db_align_end                  260 
_struct_ref_seq.pdbx_db_align_end_ins_code    ? 
_struct_ref_seq.pdbx_auth_seq_align_beg       95 
_struct_ref_seq.pdbx_auth_seq_align_end       260 
# 
_pdbx_struct_assembly.id                   1 
_pdbx_struct_assembly.details              author_and_software_defined_assembly 
_pdbx_struct_assembly.method_details       PISA 
_pdbx_struct_assembly.oligomeric_details   monomeric 
_pdbx_struct_assembly.oligomeric_count     1 
# 
loop_
_pdbx_struct_assembly_prop.biol_id 
_pdbx_struct_assembly_prop.type 
_pdbx_struct_assembly_prop.value 
_pdbx_struct_assembly_prop.details 
1 'ABSA (A^2)' 350  ? 
1 MORE         5    ? 
1 'SSA (A^2)'  8550 ? 
# 
_pdbx_struct_assembly_gen.assembly_id       1 
_pdbx_struct_assembly_gen.oper_expression   1 
_pdbx_struct_assembly_gen.asym_id_list      A,B,C,D 
# 
_pdbx_struct_oper_list.id                   1 
_pdbx_struct_oper_list.type                 'identity operation' 
_pdbx_struct_oper_list.name                 1_555 
_pdbx_struct_oper_list.symmetry_operation   x,y,z 
_pdbx_struct_oper_list.matrix[1][1]         1.0000000000 
_pdbx_struct_oper_list.matrix[1][2]         0.0000000000 
_pdbx_struct_oper_list.matrix[1][3]         0.0000000000 
_pdbx_struct_oper_list.vector[1]            0.0000000000 
_pdbx_struct_oper_list.matrix[2][1]         0.0000000000 
_pdbx_struct_oper_list.matrix[2][2]         1.0000000000 
_pdbx_struct_oper_list.matrix[2][3]         0.0000000000 
_pdbx_struct_oper_list.vector[2]            0.0000000000 
_pdbx_struct_oper_list.matrix[3][1]         0.0000000000 
_pdbx_struct_oper_list.matrix[3][2]         0.0000000000 
_pdbx_struct_oper_list.matrix[3][3]         1.0000000000 
_pdbx_struct_oper_list.vector[3]            0.0000000000 
# 
loop_
_struct_conf.conf_type_id 
_struct_conf.id 
_struct_conf.pdbx_PDB_helix_id 
_struct_conf.beg_label_comp_id 
_struct_conf.beg_label_asym_id 
_struct_conf.beg_label_seq_id 
_struct_conf.pdbx_beg_PDB_ins_code 
_struct_conf.end_label_comp_id 
_struct_conf.end_label_asym_id 
_struct_conf.end_label_seq_id 
_struct_conf.pdbx_end_PDB_ins_code 
_struct_conf.beg_auth_comp_id 
_struct_conf.beg_auth_asym_id 
_struct_conf.beg_auth_seq_id 
_struct_conf.end_auth_comp_id 
_struct_conf.end_auth_asym_id 
_struct_conf.end_auth_seq_id 
_struct_conf.pdbx_PDB_helix_class 
_struct_conf.details 
_struct_conf.pdbx_PDB_helix_length 
HELX_P HELX_P1 AA1 TYR A 24  ? SER A 28  ? TYR D 118 SER D 122 5 ? 5  
HELX_P HELX_P2 AA2 ALA A 42  ? GLY A 56  ? ALA D 136 GLY D 150 1 ? 15 
HELX_P HELX_P3 AA3 GLU A 109 ? LEU A 111 ? GLU D 203 LEU D 205 5 ? 3  
HELX_P HELX_P4 AA4 MET A 118 ? SER A 122 ? MET D 212 SER D 216 5 ? 5  
HELX_P HELX_P5 AA5 ALA A 134 ? GLY A 150 ? ALA D 228 GLY D 244 1 ? 17 
# 
_struct_conf_type.id          HELX_P 
_struct_conf_type.criteria    ? 
_struct_conf_type.reference   ? 
# 
loop_
_struct_sheet.id 
_struct_sheet.type 
_struct_sheet.number_strands 
_struct_sheet.details 
AA1 ? 4 ? 
AA2 ? 3 ? 
# 
loop_
_struct_sheet_order.sheet_id 
_struct_sheet_order.range_id_1 
_struct_sheet_order.range_id_2 
_struct_sheet_order.offset 
_struct_sheet_order.sense 
AA1 1 2 ? anti-parallel 
AA1 2 3 ? parallel      
AA1 3 4 ? anti-parallel 
AA2 1 2 ? anti-parallel 
AA2 2 3 ? anti-parallel 
# 
loop_
_struct_sheet_range.sheet_id 
_struct_sheet_range.id 
_struct_sheet_range.beg_label_comp_id 
_struct_sheet_range.beg_label_asym_id 
_struct_sheet_range.beg_label_seq_id 
_struct_sheet_range.pdbx_beg_PDB_ins_code 
_struct_sheet_range.end_label_comp_id 
_struct_sheet_range.end_label_asym_id 
_struct_sheet_range.end_label_seq_id 
_struct_sheet_range.pdbx_end_PDB_ins_code 
_struct_sheet_range.beg_auth_comp_id 
_struct_sheet_range.beg_auth_asym_id 
_struct_sheet_range.beg_auth_seq_id 
_struct_sheet_range.end_auth_comp_id 
_struct_sheet_range.end_auth_asym_id 
_struct_sheet_range.end_auth_seq_id 
AA1 1 LYS A 34  ? LYS A 36  ? LYS D 128 LYS D 130 
AA1 2 THR A 5   ? ILE A 10  ? THR D 99  ILE D 104 
AA1 3 GLN A 76  ? ILE A 83  ? GLN D 170 ILE D 177 
AA1 4 TYR A 68  ? ILE A 73  ? TYR D 162 ILE D 167 
AA2 1 TRP A 30  ? GLY A 31  ? TRP D 124 GLY D 125 
AA2 2 ASN A 17  ? GLN A 22  ? ASN D 111 GLN D 116 
AA2 3 ASN A 102 ? SER A 107 ? ASN D 196 SER D 201 
# 
loop_
_pdbx_struct_sheet_hbond.sheet_id 
_pdbx_struct_sheet_hbond.range_id_1 
_pdbx_struct_sheet_hbond.range_id_2 
_pdbx_struct_sheet_hbond.range_1_label_atom_id 
_pdbx_struct_sheet_hbond.range_1_label_comp_id 
_pdbx_struct_sheet_hbond.range_1_label_asym_id 
_pdbx_struct_sheet_hbond.range_1_label_seq_id 
_pdbx_struct_sheet_hbond.range_1_PDB_ins_code 
_pdbx_struct_sheet_hbond.range_1_auth_atom_id 
_pdbx_struct_sheet_hbond.range_1_auth_comp_id 
_pdbx_struct_sheet_hbond.range_1_auth_asym_id 
_pdbx_struct_sheet_hbond.range_1_auth_seq_id 
_pdbx_struct_sheet_hbond.range_2_label_atom_id 
_pdbx_struct_sheet_hbond.range_2_label_comp_id 
_pdbx_struct_sheet_hbond.range_2_label_asym_id 
_pdbx_struct_sheet_hbond.range_2_label_seq_id 
_pdbx_struct_sheet_hbond.range_2_PDB_ins_code 
_pdbx_struct_sheet_hbond.range_2_auth_atom_id 
_pdbx_struct_sheet_hbond.range_2_auth_comp_id 
_pdbx_struct_sheet_hbond.range_2_auth_asym_id 
_pdbx_struct_sheet_hbond.range_2_auth_seq_id 
AA1 1 2 O GLY A 35 ? O GLY D 129 N TYR A 6   ? N TYR D 100 
AA1 2 3 N ILE A 9  ? N ILE D 103 O ILE A 83  ? O ILE D 177 
AA1 3 4 O LEU A 80 ? O LEU D 174 N ILE A 69  ? N ILE D 163 
AA2 1 2 O GLY A 31 ? O GLY D 125 N VAL A 21  ? N VAL D 115 
AA2 2 3 N LEU A 20 ? N LEU D 114 O GLU A 104 ? O GLU D 198 
# 
loop_
_struct_site.id 
_struct_site.pdbx_evidence_code 
_struct_site.pdbx_auth_asym_id 
_struct_site.pdbx_auth_comp_id 
_struct_site.pdbx_auth_seq_id 
_struct_site.pdbx_auth_ins_code 
_struct_site.pdbx_num_residues 
_struct_site.details 
AC1 Software D EDO 301 ? 5 'binding site for residue EDO D 301' 
AC2 Software D EDO 302 ? 4 'binding site for residue EDO D 302' 
# 
loop_
_struct_site_gen.id 
_struct_site_gen.site_id 
_struct_site_gen.pdbx_num_res 
_struct_site_gen.label_comp_id 
_struct_site_gen.label_asym_id 
_struct_site_gen.label_seq_id 
_struct_site_gen.pdbx_auth_ins_code 
_struct_site_gen.auth_comp_id 
_struct_site_gen.auth_asym_id 
_struct_site_gen.auth_seq_id 
_struct_site_gen.label_atom_id 
_struct_site_gen.label_alt_id 
_struct_site_gen.symmetry 
_struct_site_gen.details 
1 AC1 5 LEU A 25  ? LEU D 119 . ? 1_555 ? 
2 AC1 5 SER A 28  ? SER D 122 . ? 1_555 ? 
3 AC1 5 GLY A 85  ? GLY D 179 . ? 3_357 ? 
4 AC1 5 PRO A 87  ? PRO D 181 . ? 3_357 ? 
5 AC1 5 ARG A 101 ? ARG D 195 . ? 1_555 ? 
6 AC2 4 ALA A 48  ? ALA D 142 . ? 1_555 ? 
7 AC2 4 ASP A 58  ? ASP D 152 . ? 1_555 ? 
8 AC2 4 LYS A 60  ? LYS D 154 . ? 1_555 ? 
9 AC2 4 HOH D .   ? HOH D 413 . ? 1_555 ? 
# 
_pdbx_validate_rmsd_angle.id                         1 
_pdbx_validate_rmsd_angle.PDB_model_num              1 
_pdbx_validate_rmsd_angle.auth_atom_id_1             CB 
_pdbx_validate_rmsd_angle.auth_asym_id_1             D 
_pdbx_validate_rmsd_angle.auth_comp_id_1             ASP 
_pdbx_validate_rmsd_angle.auth_seq_id_1              106 
_pdbx_validate_rmsd_angle.PDB_ins_code_1             ? 
_pdbx_validate_rmsd_angle.label_alt_id_1             ? 
_pdbx_validate_rmsd_angle.auth_atom_id_2             CG 
_pdbx_validate_rmsd_angle.auth_asym_id_2             D 
_pdbx_validate_rmsd_angle.auth_comp_id_2             ASP 
_pdbx_validate_rmsd_angle.auth_seq_id_2              106 
_pdbx_validate_rmsd_angle.PDB_ins_code_2             ? 
_pdbx_validate_rmsd_angle.label_alt_id_2             ? 
_pdbx_validate_rmsd_angle.auth_atom_id_3             OD2 
_pdbx_validate_rmsd_angle.auth_asym_id_3             D 
_pdbx_validate_rmsd_angle.auth_comp_id_3             ASP 
_pdbx_validate_rmsd_angle.auth_seq_id_3              106 
_pdbx_validate_rmsd_angle.PDB_ins_code_3             ? 
_pdbx_validate_rmsd_angle.label_alt_id_3             ? 
_pdbx_validate_rmsd_angle.angle_value                110.19 
_pdbx_validate_rmsd_angle.angle_target_value         118.30 
_pdbx_validate_rmsd_angle.angle_deviation            -8.11 
_pdbx_validate_rmsd_angle.angle_standard_deviation   0.90 
_pdbx_validate_rmsd_angle.linker_flag                N 
# 
loop_
_pdbx_validate_torsion.id 
_pdbx_validate_torsion.PDB_model_num 
_pdbx_validate_torsion.auth_comp_id 
_pdbx_validate_torsion.auth_asym_id 
_pdbx_validate_torsion.auth_seq_id 
_pdbx_validate_torsion.PDB_ins_code 
_pdbx_validate_torsion.label_alt_id 
_pdbx_validate_torsion.phi 
_pdbx_validate_torsion.psi 
1 1 LEU D 119 ? ? 59.32 -117.06 
2 1 SER D 216 ? ? 38.13 38.52   
# 
loop_
_pdbx_unobs_or_zero_occ_residues.id 
_pdbx_unobs_or_zero_occ_residues.PDB_model_num 
_pdbx_unobs_or_zero_occ_residues.polymer_flag 
_pdbx_unobs_or_zero_occ_residues.occupancy_flag 
_pdbx_unobs_or_zero_occ_residues.auth_asym_id 
_pdbx_unobs_or_zero_occ_residues.auth_comp_id 
_pdbx_unobs_or_zero_occ_residues.auth_seq_id 
_pdbx_unobs_or_zero_occ_residues.PDB_ins_code 
_pdbx_unobs_or_zero_occ_residues.label_asym_id 
_pdbx_unobs_or_zero_occ_residues.label_comp_id 
_pdbx_unobs_or_zero_occ_residues.label_seq_id 
1  1 Y 1 D MET 95  ? A MET 1   
2  1 Y 1 D ASP 245 ? A ASP 151 
3  1 Y 1 D SER 246 ? A SER 152 
4  1 Y 1 D SER 247 ? A SER 153 
5  1 Y 1 D ASP 248 ? A ASP 154 
6  1 Y 1 D SER 249 ? A SER 155 
7  1 Y 1 D ASP 250 ? A ASP 156 
8  1 Y 1 D ASN 251 ? A ASN 157 
9  1 Y 1 D GLY 252 ? A GLY 158 
10 1 Y 1 D PHE 253 ? A PHE 159 
11 1 Y 1 D SER 254 ? A SER 160 
12 1 Y 1 D SER 255 ? A SER 161 
13 1 Y 1 D THR 256 ? A THR 162 
14 1 Y 1 D GLY 257 ? A GLY 163 
15 1 Y 1 D SER 258 ? A SER 164 
16 1 Y 1 D THR 259 ? A THR 165 
17 1 Y 1 D PRO 260 ? A PRO 166 
# 
loop_
_chem_comp_atom.comp_id 
_chem_comp_atom.atom_id 
_chem_comp_atom.type_symbol 
_chem_comp_atom.pdbx_aromatic_flag 
_chem_comp_atom.pdbx_stereo_config 
_chem_comp_atom.pdbx_ordinal 
ALA N    N N N 1   
ALA CA   C N S 2   
ALA C    C N N 3   
ALA O    O N N 4   
ALA CB   C N N 5   
ALA OXT  O N N 6   
ALA H    H N N 7   
ALA H2   H N N 8   
ALA HA   H N N 9   
ALA HB1  H N N 10  
ALA HB2  H N N 11  
ALA HB3  H N N 12  
ALA HXT  H N N 13  
ARG N    N N N 14  
ARG CA   C N S 15  
ARG C    C N N 16  
ARG O    O N N 17  
ARG CB   C N N 18  
ARG CG   C N N 19  
ARG CD   C N N 20  
ARG NE   N N N 21  
ARG CZ   C N N 22  
ARG NH1  N N N 23  
ARG NH2  N N N 24  
ARG OXT  O N N 25  
ARG H    H N N 26  
ARG H2   H N N 27  
ARG HA   H N N 28  
ARG HB2  H N N 29  
ARG HB3  H N N 30  
ARG HG2  H N N 31  
ARG HG3  H N N 32  
ARG HD2  H N N 33  
ARG HD3  H N N 34  
ARG HE   H N N 35  
ARG HH11 H N N 36  
ARG HH12 H N N 37  
ARG HH21 H N N 38  
ARG HH22 H N N 39  
ARG HXT  H N N 40  
ASN N    N N N 41  
ASN CA   C N S 42  
ASN C    C N N 43  
ASN O    O N N 44  
ASN CB   C N N 45  
ASN CG   C N N 46  
ASN OD1  O N N 47  
ASN ND2  N N N 48  
ASN OXT  O N N 49  
ASN H    H N N 50  
ASN H2   H N N 51  
ASN HA   H N N 52  
ASN HB2  H N N 53  
ASN HB3  H N N 54  
ASN HD21 H N N 55  
ASN HD22 H N N 56  
ASN HXT  H N N 57  
ASP N    N N N 58  
ASP CA   C N S 59  
ASP C    C N N 60  
ASP O    O N N 61  
ASP CB   C N N 62  
ASP CG   C N N 63  
ASP OD1  O N N 64  
ASP OD2  O N N 65  
ASP OXT  O N N 66  
ASP H    H N N 67  
ASP H2   H N N 68  
ASP HA   H N N 69  
ASP HB2  H N N 70  
ASP HB3  H N N 71  
ASP HD2  H N N 72  
ASP HXT  H N N 73  
CYS N    N N N 74  
CYS CA   C N R 75  
CYS C    C N N 76  
CYS O    O N N 77  
CYS CB   C N N 78  
CYS SG   S N N 79  
CYS OXT  O N N 80  
CYS H    H N N 81  
CYS H2   H N N 82  
CYS HA   H N N 83  
CYS HB2  H N N 84  
CYS HB3  H N N 85  
CYS HG   H N N 86  
CYS HXT  H N N 87  
EDO C1   C N N 88  
EDO O1   O N N 89  
EDO C2   C N N 90  
EDO O2   O N N 91  
EDO H11  H N N 92  
EDO H12  H N N 93  
EDO HO1  H N N 94  
EDO H21  H N N 95  
EDO H22  H N N 96  
EDO HO2  H N N 97  
GLN N    N N N 98  
GLN CA   C N S 99  
GLN C    C N N 100 
GLN O    O N N 101 
GLN CB   C N N 102 
GLN CG   C N N 103 
GLN CD   C N N 104 
GLN OE1  O N N 105 
GLN NE2  N N N 106 
GLN OXT  O N N 107 
GLN H    H N N 108 
GLN H2   H N N 109 
GLN HA   H N N 110 
GLN HB2  H N N 111 
GLN HB3  H N N 112 
GLN HG2  H N N 113 
GLN HG3  H N N 114 
GLN HE21 H N N 115 
GLN HE22 H N N 116 
GLN HXT  H N N 117 
GLU N    N N N 118 
GLU CA   C N S 119 
GLU C    C N N 120 
GLU O    O N N 121 
GLU CB   C N N 122 
GLU CG   C N N 123 
GLU CD   C N N 124 
GLU OE1  O N N 125 
GLU OE2  O N N 126 
GLU OXT  O N N 127 
GLU H    H N N 128 
GLU H2   H N N 129 
GLU HA   H N N 130 
GLU HB2  H N N 131 
GLU HB3  H N N 132 
GLU HG2  H N N 133 
GLU HG3  H N N 134 
GLU HE2  H N N 135 
GLU HXT  H N N 136 
GLY N    N N N 137 
GLY CA   C N N 138 
GLY C    C N N 139 
GLY O    O N N 140 
GLY OXT  O N N 141 
GLY H    H N N 142 
GLY H2   H N N 143 
GLY HA2  H N N 144 
GLY HA3  H N N 145 
GLY HXT  H N N 146 
HIS N    N N N 147 
HIS CA   C N S 148 
HIS C    C N N 149 
HIS O    O N N 150 
HIS CB   C N N 151 
HIS CG   C Y N 152 
HIS ND1  N Y N 153 
HIS CD2  C Y N 154 
HIS CE1  C Y N 155 
HIS NE2  N Y N 156 
HIS OXT  O N N 157 
HIS H    H N N 158 
HIS H2   H N N 159 
HIS HA   H N N 160 
HIS HB2  H N N 161 
HIS HB3  H N N 162 
HIS HD1  H N N 163 
HIS HD2  H N N 164 
HIS HE1  H N N 165 
HIS HE2  H N N 166 
HIS HXT  H N N 167 
HOH O    O N N 168 
HOH H1   H N N 169 
HOH H2   H N N 170 
ILE N    N N N 171 
ILE CA   C N S 172 
ILE C    C N N 173 
ILE O    O N N 174 
ILE CB   C N S 175 
ILE CG1  C N N 176 
ILE CG2  C N N 177 
ILE CD1  C N N 178 
ILE OXT  O N N 179 
ILE H    H N N 180 
ILE H2   H N N 181 
ILE HA   H N N 182 
ILE HB   H N N 183 
ILE HG12 H N N 184 
ILE HG13 H N N 185 
ILE HG21 H N N 186 
ILE HG22 H N N 187 
ILE HG23 H N N 188 
ILE HD11 H N N 189 
ILE HD12 H N N 190 
ILE HD13 H N N 191 
ILE HXT  H N N 192 
LEU N    N N N 193 
LEU CA   C N S 194 
LEU C    C N N 195 
LEU O    O N N 196 
LEU CB   C N N 197 
LEU CG   C N N 198 
LEU CD1  C N N 199 
LEU CD2  C N N 200 
LEU OXT  O N N 201 
LEU H    H N N 202 
LEU H2   H N N 203 
LEU HA   H N N 204 
LEU HB2  H N N 205 
LEU HB3  H N N 206 
LEU HG   H N N 207 
LEU HD11 H N N 208 
LEU HD12 H N N 209 
LEU HD13 H N N 210 
LEU HD21 H N N 211 
LEU HD22 H N N 212 
LEU HD23 H N N 213 
LEU HXT  H N N 214 
LYS N    N N N 215 
LYS CA   C N S 216 
LYS C    C N N 217 
LYS O    O N N 218 
LYS CB   C N N 219 
LYS CG   C N N 220 
LYS CD   C N N 221 
LYS CE   C N N 222 
LYS NZ   N N N 223 
LYS OXT  O N N 224 
LYS H    H N N 225 
LYS H2   H N N 226 
LYS HA   H N N 227 
LYS HB2  H N N 228 
LYS HB3  H N N 229 
LYS HG2  H N N 230 
LYS HG3  H N N 231 
LYS HD2  H N N 232 
LYS HD3  H N N 233 
LYS HE2  H N N 234 
LYS HE3  H N N 235 
LYS HZ1  H N N 236 
LYS HZ2  H N N 237 
LYS HZ3  H N N 238 
LYS HXT  H N N 239 
MET N    N N N 240 
MET CA   C N S 241 
MET C    C N N 242 
MET O    O N N 243 
MET CB   C N N 244 
MET CG   C N N 245 
MET SD   S N N 246 
MET CE   C N N 247 
MET OXT  O N N 248 
MET H    H N N 249 
MET H2   H N N 250 
MET HA   H N N 251 
MET HB2  H N N 252 
MET HB3  H N N 253 
MET HG2  H N N 254 
MET HG3  H N N 255 
MET HE1  H N N 256 
MET HE2  H N N 257 
MET HE3  H N N 258 
MET HXT  H N N 259 
PHE N    N N N 260 
PHE CA   C N S 261 
PHE C    C N N 262 
PHE O    O N N 263 
PHE CB   C N N 264 
PHE CG   C Y N 265 
PHE CD1  C Y N 266 
PHE CD2  C Y N 267 
PHE CE1  C Y N 268 
PHE CE2  C Y N 269 
PHE CZ   C Y N 270 
PHE OXT  O N N 271 
PHE H    H N N 272 
PHE H2   H N N 273 
PHE HA   H N N 274 
PHE HB2  H N N 275 
PHE HB3  H N N 276 
PHE HD1  H N N 277 
PHE HD2  H N N 278 
PHE HE1  H N N 279 
PHE HE2  H N N 280 
PHE HZ   H N N 281 
PHE HXT  H N N 282 
PRO N    N N N 283 
PRO CA   C N S 284 
PRO C    C N N 285 
PRO O    O N N 286 
PRO CB   C N N 287 
PRO CG   C N N 288 
PRO CD   C N N 289 
PRO OXT  O N N 290 
PRO H    H N N 291 
PRO HA   H N N 292 
PRO HB2  H N N 293 
PRO HB3  H N N 294 
PRO HG2  H N N 295 
PRO HG3  H N N 296 
PRO HD2  H N N 297 
PRO HD3  H N N 298 
PRO HXT  H N N 299 
SER N    N N N 300 
SER CA   C N S 301 
SER C    C N N 302 
SER O    O N N 303 
SER CB   C N N 304 
SER OG   O N N 305 
SER OXT  O N N 306 
SER H    H N N 307 
SER H2   H N N 308 
SER HA   H N N 309 
SER HB2  H N N 310 
SER HB3  H N N 311 
SER HG   H N N 312 
SER HXT  H N N 313 
THR N    N N N 314 
THR CA   C N S 315 
THR C    C N N 316 
THR O    O N N 317 
THR CB   C N R 318 
THR OG1  O N N 319 
THR CG2  C N N 320 
THR OXT  O N N 321 
THR H    H N N 322 
THR H2   H N N 323 
THR HA   H N N 324 
THR HB   H N N 325 
THR HG1  H N N 326 
THR HG21 H N N 327 
THR HG22 H N N 328 
THR HG23 H N N 329 
THR HXT  H N N 330 
TRP N    N N N 331 
TRP CA   C N S 332 
TRP C    C N N 333 
TRP O    O N N 334 
TRP CB   C N N 335 
TRP CG   C Y N 336 
TRP CD1  C Y N 337 
TRP CD2  C Y N 338 
TRP NE1  N Y N 339 
TRP CE2  C Y N 340 
TRP CE3  C Y N 341 
TRP CZ2  C Y N 342 
TRP CZ3  C Y N 343 
TRP CH2  C Y N 344 
TRP OXT  O N N 345 
TRP H    H N N 346 
TRP H2   H N N 347 
TRP HA   H N N 348 
TRP HB2  H N N 349 
TRP HB3  H N N 350 
TRP HD1  H N N 351 
TRP HE1  H N N 352 
TRP HE3  H N N 353 
TRP HZ2  H N N 354 
TRP HZ3  H N N 355 
TRP HH2  H N N 356 
TRP HXT  H N N 357 
TYR N    N N N 358 
TYR CA   C N S 359 
TYR C    C N N 360 
TYR O    O N N 361 
TYR CB   C N N 362 
TYR CG   C Y N 363 
TYR CD1  C Y N 364 
TYR CD2  C Y N 365 
TYR CE1  C Y N 366 
TYR CE2  C Y N 367 
TYR CZ   C Y N 368 
TYR OH   O N N 369 
TYR OXT  O N N 370 
TYR H    H N N 371 
TYR H2   H N N 372 
TYR HA   H N N 373 
TYR HB2  H N N 374 
TYR HB3  H N N 375 
TYR HD1  H N N 376 
TYR HD2  H N N 377 
TYR HE1  H N N 378 
TYR HE2  H N N 379 
TYR HH   H N N 380 
TYR HXT  H N N 381 
VAL N    N N N 382 
VAL CA   C N S 383 
VAL C    C N N 384 
VAL O    O N N 385 
VAL CB   C N N 386 
VAL CG1  C N N 387 
VAL CG2  C N N 388 
VAL OXT  O N N 389 
VAL H    H N N 390 
VAL H2   H N N 391 
VAL HA   H N N 392 
VAL HB   H N N 393 
VAL HG11 H N N 394 
VAL HG12 H N N 395 
VAL HG13 H N N 396 
VAL HG21 H N N 397 
VAL HG22 H N N 398 
VAL HG23 H N N 399 
VAL HXT  H N N 400 
# 
loop_
_chem_comp_bond.comp_id 
_chem_comp_bond.atom_id_1 
_chem_comp_bond.atom_id_2 
_chem_comp_bond.value_order 
_chem_comp_bond.pdbx_aromatic_flag 
_chem_comp_bond.pdbx_stereo_config 
_chem_comp_bond.pdbx_ordinal 
ALA N   CA   sing N N 1   
ALA N   H    sing N N 2   
ALA N   H2   sing N N 3   
ALA CA  C    sing N N 4   
ALA CA  CB   sing N N 5   
ALA CA  HA   sing N N 6   
ALA C   O    doub N N 7   
ALA C   OXT  sing N N 8   
ALA CB  HB1  sing N N 9   
ALA CB  HB2  sing N N 10  
ALA CB  HB3  sing N N 11  
ALA OXT HXT  sing N N 12  
ARG N   CA   sing N N 13  
ARG N   H    sing N N 14  
ARG N   H2   sing N N 15  
ARG CA  C    sing N N 16  
ARG CA  CB   sing N N 17  
ARG CA  HA   sing N N 18  
ARG C   O    doub N N 19  
ARG C   OXT  sing N N 20  
ARG CB  CG   sing N N 21  
ARG CB  HB2  sing N N 22  
ARG CB  HB3  sing N N 23  
ARG CG  CD   sing N N 24  
ARG CG  HG2  sing N N 25  
ARG CG  HG3  sing N N 26  
ARG CD  NE   sing N N 27  
ARG CD  HD2  sing N N 28  
ARG CD  HD3  sing N N 29  
ARG NE  CZ   sing N N 30  
ARG NE  HE   sing N N 31  
ARG CZ  NH1  sing N N 32  
ARG CZ  NH2  doub N N 33  
ARG NH1 HH11 sing N N 34  
ARG NH1 HH12 sing N N 35  
ARG NH2 HH21 sing N N 36  
ARG NH2 HH22 sing N N 37  
ARG OXT HXT  sing N N 38  
ASN N   CA   sing N N 39  
ASN N   H    sing N N 40  
ASN N   H2   sing N N 41  
ASN CA  C    sing N N 42  
ASN CA  CB   sing N N 43  
ASN CA  HA   sing N N 44  
ASN C   O    doub N N 45  
ASN C   OXT  sing N N 46  
ASN CB  CG   sing N N 47  
ASN CB  HB2  sing N N 48  
ASN CB  HB3  sing N N 49  
ASN CG  OD1  doub N N 50  
ASN CG  ND2  sing N N 51  
ASN ND2 HD21 sing N N 52  
ASN ND2 HD22 sing N N 53  
ASN OXT HXT  sing N N 54  
ASP N   CA   sing N N 55  
ASP N   H    sing N N 56  
ASP N   H2   sing N N 57  
ASP CA  C    sing N N 58  
ASP CA  CB   sing N N 59  
ASP CA  HA   sing N N 60  
ASP C   O    doub N N 61  
ASP C   OXT  sing N N 62  
ASP CB  CG   sing N N 63  
ASP CB  HB2  sing N N 64  
ASP CB  HB3  sing N N 65  
ASP CG  OD1  doub N N 66  
ASP CG  OD2  sing N N 67  
ASP OD2 HD2  sing N N 68  
ASP OXT HXT  sing N N 69  
CYS N   CA   sing N N 70  
CYS N   H    sing N N 71  
CYS N   H2   sing N N 72  
CYS CA  C    sing N N 73  
CYS CA  CB   sing N N 74  
CYS CA  HA   sing N N 75  
CYS C   O    doub N N 76  
CYS C   OXT  sing N N 77  
CYS CB  SG   sing N N 78  
CYS CB  HB2  sing N N 79  
CYS CB  HB3  sing N N 80  
CYS SG  HG   sing N N 81  
CYS OXT HXT  sing N N 82  
EDO C1  O1   sing N N 83  
EDO C1  C2   sing N N 84  
EDO C1  H11  sing N N 85  
EDO C1  H12  sing N N 86  
EDO O1  HO1  sing N N 87  
EDO C2  O2   sing N N 88  
EDO C2  H21  sing N N 89  
EDO C2  H22  sing N N 90  
EDO O2  HO2  sing N N 91  
GLN N   CA   sing N N 92  
GLN N   H    sing N N 93  
GLN N   H2   sing N N 94  
GLN CA  C    sing N N 95  
GLN CA  CB   sing N N 96  
GLN CA  HA   sing N N 97  
GLN C   O    doub N N 98  
GLN C   OXT  sing N N 99  
GLN CB  CG   sing N N 100 
GLN CB  HB2  sing N N 101 
GLN CB  HB3  sing N N 102 
GLN CG  CD   sing N N 103 
GLN CG  HG2  sing N N 104 
GLN CG  HG3  sing N N 105 
GLN CD  OE1  doub N N 106 
GLN CD  NE2  sing N N 107 
GLN NE2 HE21 sing N N 108 
GLN NE2 HE22 sing N N 109 
GLN OXT HXT  sing N N 110 
GLU N   CA   sing N N 111 
GLU N   H    sing N N 112 
GLU N   H2   sing N N 113 
GLU CA  C    sing N N 114 
GLU CA  CB   sing N N 115 
GLU CA  HA   sing N N 116 
GLU C   O    doub N N 117 
GLU C   OXT  sing N N 118 
GLU CB  CG   sing N N 119 
GLU CB  HB2  sing N N 120 
GLU CB  HB3  sing N N 121 
GLU CG  CD   sing N N 122 
GLU CG  HG2  sing N N 123 
GLU CG  HG3  sing N N 124 
GLU CD  OE1  doub N N 125 
GLU CD  OE2  sing N N 126 
GLU OE2 HE2  sing N N 127 
GLU OXT HXT  sing N N 128 
GLY N   CA   sing N N 129 
GLY N   H    sing N N 130 
GLY N   H2   sing N N 131 
GLY CA  C    sing N N 132 
GLY CA  HA2  sing N N 133 
GLY CA  HA3  sing N N 134 
GLY C   O    doub N N 135 
GLY C   OXT  sing N N 136 
GLY OXT HXT  sing N N 137 
HIS N   CA   sing N N 138 
HIS N   H    sing N N 139 
HIS N   H2   sing N N 140 
HIS CA  C    sing N N 141 
HIS CA  CB   sing N N 142 
HIS CA  HA   sing N N 143 
HIS C   O    doub N N 144 
HIS C   OXT  sing N N 145 
HIS CB  CG   sing N N 146 
HIS CB  HB2  sing N N 147 
HIS CB  HB3  sing N N 148 
HIS CG  ND1  sing Y N 149 
HIS CG  CD2  doub Y N 150 
HIS ND1 CE1  doub Y N 151 
HIS ND1 HD1  sing N N 152 
HIS CD2 NE2  sing Y N 153 
HIS CD2 HD2  sing N N 154 
HIS CE1 NE2  sing Y N 155 
HIS CE1 HE1  sing N N 156 
HIS NE2 HE2  sing N N 157 
HIS OXT HXT  sing N N 158 
HOH O   H1   sing N N 159 
HOH O   H2   sing N N 160 
ILE N   CA   sing N N 161 
ILE N   H    sing N N 162 
ILE N   H2   sing N N 163 
ILE CA  C    sing N N 164 
ILE CA  CB   sing N N 165 
ILE CA  HA   sing N N 166 
ILE C   O    doub N N 167 
ILE C   OXT  sing N N 168 
ILE CB  CG1  sing N N 169 
ILE CB  CG2  sing N N 170 
ILE CB  HB   sing N N 171 
ILE CG1 CD1  sing N N 172 
ILE CG1 HG12 sing N N 173 
ILE CG1 HG13 sing N N 174 
ILE CG2 HG21 sing N N 175 
ILE CG2 HG22 sing N N 176 
ILE CG2 HG23 sing N N 177 
ILE CD1 HD11 sing N N 178 
ILE CD1 HD12 sing N N 179 
ILE CD1 HD13 sing N N 180 
ILE OXT HXT  sing N N 181 
LEU N   CA   sing N N 182 
LEU N   H    sing N N 183 
LEU N   H2   sing N N 184 
LEU CA  C    sing N N 185 
LEU CA  CB   sing N N 186 
LEU CA  HA   sing N N 187 
LEU C   O    doub N N 188 
LEU C   OXT  sing N N 189 
LEU CB  CG   sing N N 190 
LEU CB  HB2  sing N N 191 
LEU CB  HB3  sing N N 192 
LEU CG  CD1  sing N N 193 
LEU CG  CD2  sing N N 194 
LEU CG  HG   sing N N 195 
LEU CD1 HD11 sing N N 196 
LEU CD1 HD12 sing N N 197 
LEU CD1 HD13 sing N N 198 
LEU CD2 HD21 sing N N 199 
LEU CD2 HD22 sing N N 200 
LEU CD2 HD23 sing N N 201 
LEU OXT HXT  sing N N 202 
LYS N   CA   sing N N 203 
LYS N   H    sing N N 204 
LYS N   H2   sing N N 205 
LYS CA  C    sing N N 206 
LYS CA  CB   sing N N 207 
LYS CA  HA   sing N N 208 
LYS C   O    doub N N 209 
LYS C   OXT  sing N N 210 
LYS CB  CG   sing N N 211 
LYS CB  HB2  sing N N 212 
LYS CB  HB3  sing N N 213 
LYS CG  CD   sing N N 214 
LYS CG  HG2  sing N N 215 
LYS CG  HG3  sing N N 216 
LYS CD  CE   sing N N 217 
LYS CD  HD2  sing N N 218 
LYS CD  HD3  sing N N 219 
LYS CE  NZ   sing N N 220 
LYS CE  HE2  sing N N 221 
LYS CE  HE3  sing N N 222 
LYS NZ  HZ1  sing N N 223 
LYS NZ  HZ2  sing N N 224 
LYS NZ  HZ3  sing N N 225 
LYS OXT HXT  sing N N 226 
MET N   CA   sing N N 227 
MET N   H    sing N N 228 
MET N   H2   sing N N 229 
MET CA  C    sing N N 230 
MET CA  CB   sing N N 231 
MET CA  HA   sing N N 232 
MET C   O    doub N N 233 
MET C   OXT  sing N N 234 
MET CB  CG   sing N N 235 
MET CB  HB2  sing N N 236 
MET CB  HB3  sing N N 237 
MET CG  SD   sing N N 238 
MET CG  HG2  sing N N 239 
MET CG  HG3  sing N N 240 
MET SD  CE   sing N N 241 
MET CE  HE1  sing N N 242 
MET CE  HE2  sing N N 243 
MET CE  HE3  sing N N 244 
MET OXT HXT  sing N N 245 
PHE N   CA   sing N N 246 
PHE N   H    sing N N 247 
PHE N   H2   sing N N 248 
PHE CA  C    sing N N 249 
PHE CA  CB   sing N N 250 
PHE CA  HA   sing N N 251 
PHE C   O    doub N N 252 
PHE C   OXT  sing N N 253 
PHE CB  CG   sing N N 254 
PHE CB  HB2  sing N N 255 
PHE CB  HB3  sing N N 256 
PHE CG  CD1  doub Y N 257 
PHE CG  CD2  sing Y N 258 
PHE CD1 CE1  sing Y N 259 
PHE CD1 HD1  sing N N 260 
PHE CD2 CE2  doub Y N 261 
PHE CD2 HD2  sing N N 262 
PHE CE1 CZ   doub Y N 263 
PHE CE1 HE1  sing N N 264 
PHE CE2 CZ   sing Y N 265 
PHE CE2 HE2  sing N N 266 
PHE CZ  HZ   sing N N 267 
PHE OXT HXT  sing N N 268 
PRO N   CA   sing N N 269 
PRO N   CD   sing N N 270 
PRO N   H    sing N N 271 
PRO CA  C    sing N N 272 
PRO CA  CB   sing N N 273 
PRO CA  HA   sing N N 274 
PRO C   O    doub N N 275 
PRO C   OXT  sing N N 276 
PRO CB  CG   sing N N 277 
PRO CB  HB2  sing N N 278 
PRO CB  HB3  sing N N 279 
PRO CG  CD   sing N N 280 
PRO CG  HG2  sing N N 281 
PRO CG  HG3  sing N N 282 
PRO CD  HD2  sing N N 283 
PRO CD  HD3  sing N N 284 
PRO OXT HXT  sing N N 285 
SER N   CA   sing N N 286 
SER N   H    sing N N 287 
SER N   H2   sing N N 288 
SER CA  C    sing N N 289 
SER CA  CB   sing N N 290 
SER CA  HA   sing N N 291 
SER C   O    doub N N 292 
SER C   OXT  sing N N 293 
SER CB  OG   sing N N 294 
SER CB  HB2  sing N N 295 
SER CB  HB3  sing N N 296 
SER OG  HG   sing N N 297 
SER OXT HXT  sing N N 298 
THR N   CA   sing N N 299 
THR N   H    sing N N 300 
THR N   H2   sing N N 301 
THR CA  C    sing N N 302 
THR CA  CB   sing N N 303 
THR CA  HA   sing N N 304 
THR C   O    doub N N 305 
THR C   OXT  sing N N 306 
THR CB  OG1  sing N N 307 
THR CB  CG2  sing N N 308 
THR CB  HB   sing N N 309 
THR OG1 HG1  sing N N 310 
THR CG2 HG21 sing N N 311 
THR CG2 HG22 sing N N 312 
THR CG2 HG23 sing N N 313 
THR OXT HXT  sing N N 314 
TRP N   CA   sing N N 315 
TRP N   H    sing N N 316 
TRP N   H2   sing N N 317 
TRP CA  C    sing N N 318 
TRP CA  CB   sing N N 319 
TRP CA  HA   sing N N 320 
TRP C   O    doub N N 321 
TRP C   OXT  sing N N 322 
TRP CB  CG   sing N N 323 
TRP CB  HB2  sing N N 324 
TRP CB  HB3  sing N N 325 
TRP CG  CD1  doub Y N 326 
TRP CG  CD2  sing Y N 327 
TRP CD1 NE1  sing Y N 328 
TRP CD1 HD1  sing N N 329 
TRP CD2 CE2  doub Y N 330 
TRP CD2 CE3  sing Y N 331 
TRP NE1 CE2  sing Y N 332 
TRP NE1 HE1  sing N N 333 
TRP CE2 CZ2  sing Y N 334 
TRP CE3 CZ3  doub Y N 335 
TRP CE3 HE3  sing N N 336 
TRP CZ2 CH2  doub Y N 337 
TRP CZ2 HZ2  sing N N 338 
TRP CZ3 CH2  sing Y N 339 
TRP CZ3 HZ3  sing N N 340 
TRP CH2 HH2  sing N N 341 
TRP OXT HXT  sing N N 342 
TYR N   CA   sing N N 343 
TYR N   H    sing N N 344 
TYR N   H2   sing N N 345 
TYR CA  C    sing N N 346 
TYR CA  CB   sing N N 347 
TYR CA  HA   sing N N 348 
TYR C   O    doub N N 349 
TYR C   OXT  sing N N 350 
TYR CB  CG   sing N N 351 
TYR CB  HB2  sing N N 352 
TYR CB  HB3  sing N N 353 
TYR CG  CD1  doub Y N 354 
TYR CG  CD2  sing Y N 355 
TYR CD1 CE1  sing Y N 356 
TYR CD1 HD1  sing N N 357 
TYR CD2 CE2  doub Y N 358 
TYR CD2 HD2  sing N N 359 
TYR CE1 CZ   doub Y N 360 
TYR CE1 HE1  sing N N 361 
TYR CE2 CZ   sing Y N 362 
TYR CE2 HE2  sing N N 363 
TYR CZ  OH   sing N N 364 
TYR OH  HH   sing N N 365 
TYR OXT HXT  sing N N 366 
VAL N   CA   sing N N 367 
VAL N   H    sing N N 368 
VAL N   H2   sing N N 369 
VAL CA  C    sing N N 370 
VAL CA  CB   sing N N 371 
VAL CA  HA   sing N N 372 
VAL C   O    doub N N 373 
VAL C   OXT  sing N N 374 
VAL CB  CG1  sing N N 375 
VAL CB  CG2  sing N N 376 
VAL CB  HB   sing N N 377 
VAL CG1 HG11 sing N N 378 
VAL CG1 HG12 sing N N 379 
VAL CG1 HG13 sing N N 380 
VAL CG2 HG21 sing N N 381 
VAL CG2 HG22 sing N N 382 
VAL CG2 HG23 sing N N 383 
VAL OXT HXT  sing N N 384 
# 
_pdbx_initial_refinement_model.id               1 
_pdbx_initial_refinement_model.entity_id_list   ? 
_pdbx_initial_refinement_model.type             'experimental model' 
_pdbx_initial_refinement_model.source_name      PDB 
_pdbx_initial_refinement_model.accession_code   5J3T 
_pdbx_initial_refinement_model.details          ? 
# 
_atom_sites.entry_id                    5MP0 
_atom_sites.fract_transf_matrix[1][1]   -0.00170581 
_atom_sites.fract_transf_matrix[1][2]   -0.02048077 
_atom_sites.fract_transf_matrix[1][3]   -0.00328139 
_atom_sites.fract_transf_matrix[2][1]   -0.00186451 
_atom_sites.fract_transf_matrix[2][2]   -0.00244366 
_atom_sites.fract_transf_matrix[2][3]   0.01622135 
_atom_sites.fract_transf_matrix[3][1]   -0.01512952 
_atom_sites.fract_transf_matrix[3][2]   0.00150247 
_atom_sites.fract_transf_matrix[3][3]   -0.00151267 
_atom_sites.fract_transf_vector[1]      -0.882411 
_atom_sites.fract_transf_vector[2]      0.227227 
_atom_sites.fract_transf_vector[3]      1.166269 
# 
loop_
_atom_type.symbol 
C 
N 
O 
S 
# 
loop_
_atom_site.group_PDB 
_atom_site.id 
_atom_site.type_symbol 
_atom_site.label_atom_id 
_atom_site.label_alt_id 
_atom_site.label_comp_id 
_atom_site.label_asym_id 
_atom_site.label_entity_id 
_atom_site.label_seq_id 
_atom_site.pdbx_PDB_ins_code 
_atom_site.Cartn_x 
_atom_site.Cartn_y 
_atom_site.Cartn_z 
_atom_site.occupancy 
_atom_site.B_iso_or_equiv 
_atom_site.pdbx_formal_charge 
_atom_site.auth_seq_id 
_atom_site.auth_comp_id 
_atom_site.auth_asym_id 
_atom_site.auth_atom_id 
_atom_site.pdbx_PDB_model_num 
ATOM   1    N N   . GLY A 1 2   ? -2.495  -18.490 -2.063  1.00 54.34 ? 96  GLY D N   1 
ATOM   2    C CA  . GLY A 1 2   ? -3.562  -17.566 -1.587  1.00 56.04 ? 96  GLY D CA  1 
ATOM   3    C C   . GLY A 1 2   ? -4.352  -16.957 -2.737  1.00 51.76 ? 96  GLY D C   1 
ATOM   4    O O   . GLY A 1 2   ? -3.964  -17.022 -3.918  1.00 51.82 ? 96  GLY D O   1 
ATOM   5    N N   . VAL A 1 3   ? -5.486  -16.359 -2.404  1.00 52.39 ? 97  VAL D N   1 
ATOM   6    C CA  . VAL A 1 3   ? -6.189  -15.546 -3.398  1.00 51.29 ? 97  VAL D CA  1 
ATOM   7    C C   . VAL A 1 3   ? -5.330  -14.267 -3.626  1.00 38.96 ? 97  VAL D C   1 
ATOM   8    O O   . VAL A 1 3   ? -4.937  -13.675 -2.655  1.00 38.68 ? 97  VAL D O   1 
ATOM   9    C CB  . VAL A 1 3   ? -7.580  -15.138 -2.897  1.00 51.12 ? 97  VAL D CB  1 
ATOM   10   C CG1 . VAL A 1 3   ? -8.248  -14.227 -3.912  1.00 56.53 ? 97  VAL D CG1 1 
ATOM   11   C CG2 . VAL A 1 3   ? -8.430  -16.379 -2.630  1.00 56.17 ? 97  VAL D CG2 1 
ATOM   12   N N   . PRO A 1 4   ? -5.049  -13.890 -4.886  1.00 40.37 ? 98  PRO D N   1 
ATOM   13   C CA  . PRO A 1 4   ? -4.325  -12.630 -5.128  1.00 36.41 ? 98  PRO D CA  1 
ATOM   14   C C   . PRO A 1 4   ? -4.997  -11.451 -4.507  1.00 34.08 ? 98  PRO D C   1 
ATOM   15   O O   . PRO A 1 4   ? -6.203  -11.450 -4.305  1.00 31.08 ? 98  PRO D O   1 
ATOM   16   C CB  . PRO A 1 4   ? -4.294  -12.503 -6.642  1.00 40.20 ? 98  PRO D CB  1 
ATOM   17   C CG  . PRO A 1 4   ? -4.407  -13.932 -7.130  1.00 41.35 ? 98  PRO D CG  1 
ATOM   18   C CD  . PRO A 1 4   ? -5.232  -14.643 -6.134  1.00 38.23 ? 98  PRO D CD  1 
ATOM   19   N N   . THR A 1 5   ? -4.199  -10.448 -4.140  1.00 28.83 ? 99  THR D N   1 
ATOM   20   C CA  . THR A 1 5   ? -4.732  -9.157  -3.638  1.00 28.14 ? 99  THR D CA  1 
ATOM   21   C C   . THR A 1 5   ? -4.259  -8.045  -4.590  1.00 25.87 ? 99  THR D C   1 
ATOM   22   O O   . THR A 1 5   ? -3.255  -8.150  -5.300  1.00 26.95 ? 99  THR D O   1 
ATOM   23   C CB  . THR A 1 5   ? -4.269  -8.889  -2.178  1.00 31.70 ? 99  THR D CB  1 
ATOM   24   O OG1 . THR A 1 5   ? -2.849  -8.915  -2.142  1.00 28.64 ? 99  THR D OG1 1 
ATOM   25   C CG2 . THR A 1 5   ? -4.744  -9.945  -1.245  1.00 32.01 ? 99  THR D CG2 1 
ATOM   26   N N   . TYR A 1 6   ? -5.118  -7.048  -4.718  1.00 26.65 ? 100 TYR D N   1 
ATOM   27   C CA  . TYR A 1 6   ? -4.911  -5.947  -5.558  1.00 24.58 ? 100 TYR D CA  1 
ATOM   28   C C   . TYR A 1 6   ? -5.252  -4.676  -4.839  1.00 21.85 ? 100 TYR D C   1 
ATOM   29   O O   . TYR A 1 6   ? -6.134  -4.613  -3.972  1.00 23.96 ? 100 TYR D O   1 
ATOM   30   C CB  . TYR A 1 6   ? -5.762  -6.056  -6.892  1.00 25.53 ? 100 TYR D CB  1 
ATOM   31   C CG  . TYR A 1 6   ? -5.457  -7.246  -7.679  1.00 26.24 ? 100 TYR D CG  1 
ATOM   32   C CD1 . TYR A 1 6   ? -4.391  -7.274  -8.513  1.00 27.27 ? 100 TYR D CD1 1 
ATOM   33   C CD2 . TYR A 1 6   ? -6.244  -8.359  -7.578  1.00 29.55 ? 100 TYR D CD2 1 
ATOM   34   C CE1 . TYR A 1 6   ? -4.052  -8.422  -9.222  1.00 31.51 ? 100 TYR D CE1 1 
ATOM   35   C CE2 . TYR A 1 6   ? -5.914  -9.523  -8.254  1.00 28.95 ? 100 TYR D CE2 1 
ATOM   36   C CZ  . TYR A 1 6   ? -4.857  -9.532  -9.074  1.00 29.77 ? 100 TYR D CZ  1 
ATOM   37   O OH  . TYR A 1 6   ? -4.565  -10.647 -9.799  1.00 36.00 ? 100 TYR D OH  1 
ATOM   38   N N   . GLY A 1 7   ? -4.503  -3.606  -5.163  1.00 20.87 ? 101 GLY D N   1 
ATOM   39   C CA  . GLY A 1 7   ? -4.780  -2.303  -4.528  1.00 19.79 ? 101 GLY D CA  1 
ATOM   40   C C   . GLY A 1 7   ? -3.956  -1.226  -5.213  1.00 19.95 ? 101 GLY D C   1 
ATOM   41   O O   . GLY A 1 7   ? -3.598  -1.346  -6.425  1.00 21.54 ? 101 GLY D O   1 
ATOM   42   N N   . ALA A 1 8   ? -3.557  -0.212  -4.470  1.00 19.02 ? 102 ALA D N   1 
ATOM   43   C CA  . ALA A 1 8   ? -2.843  0.957   -5.024  1.00 17.71 ? 102 ALA D CA  1 
ATOM   44   C C   . ALA A 1 8   ? -1.856  1.574   -4.067  1.00 18.46 ? 102 ALA D C   1 
ATOM   45   O O   . ALA A 1 8   ? -2.050  1.550   -2.862  1.00 18.06 ? 102 ALA D O   1 
ATOM   46   C CB  . ALA A 1 8   ? -3.792  2.031   -5.508  1.00 20.94 ? 102 ALA D CB  1 
ATOM   47   N N   . ILE A 1 9   ? -0.809  2.087   -4.689  1.00 17.73 ? 103 ILE D N   1 
ATOM   48   C CA  . ILE A 1 9   ? 0.122   3.046   -4.105  1.00 17.81 ? 103 ILE D CA  1 
ATOM   49   C C   . ILE A 1 9   ? -0.192  4.399   -4.702  1.00 17.69 ? 103 ILE D C   1 
ATOM   50   O O   . ILE A 1 9   ? 0.112   4.687   -5.909  1.00 17.97 ? 103 ILE D O   1 
ATOM   51   C CB  . ILE A 1 9   ? 1.581   2.672   -4.434  1.00 19.16 ? 103 ILE D CB  1 
ATOM   52   C CG1 . ILE A 1 9   ? 1.945   1.311   -3.894  1.00 21.08 ? 103 ILE D CG1 1 
ATOM   53   C CG2 . ILE A 1 9   ? 2.539   3.773   -4.010  1.00 20.69 ? 103 ILE D CG2 1 
ATOM   54   C CD1 . ILE A 1 9   ? 3.283   0.701   -4.384  1.00 26.42 ? 103 ILE D CD1 1 
ATOM   55   N N   . ILE A 1 10  ? -0.834  5.236   -3.930  1.00 17.39 ? 104 ILE D N   1 
ATOM   56   C CA  . ILE A 1 10  ? -1.257  6.536   -4.302  1.00 18.58 ? 104 ILE D CA  1 
ATOM   57   C C   . ILE A 1 10  ? -0.179  7.479   -3.806  1.00 18.24 ? 104 ILE D C   1 
ATOM   58   O O   . ILE A 1 10  ? 0.173   7.488   -2.608  1.00 18.71 ? 104 ILE D O   1 
ATOM   59   C CB  . ILE A 1 10  ? -2.641  6.887   -3.692  1.00 19.22 ? 104 ILE D CB  1 
ATOM   60   C CG1 . ILE A 1 10  ? -3.754  5.958   -4.283  1.00 21.05 ? 104 ILE D CG1 1 
ATOM   61   C CG2 . ILE A 1 10  ? -2.937  8.373   -3.852  1.00 20.73 ? 104 ILE D CG2 1 
ATOM   62   C CD1 . ILE A 1 10  ? -5.027  5.940   -3.433  1.00 22.04 ? 104 ILE D CD1 1 
ATOM   63   N N   . LEU A 1 11  ? 0.352   8.299   -4.725  1.00 18.04 ? 105 LEU D N   1 
ATOM   64   C CA  . LEU A 1 11  ? 1.270   9.363   -4.405  1.00 17.67 ? 105 LEU D CA  1 
ATOM   65   C C   . LEU A 1 11  ? 0.691   10.739  -4.684  1.00 18.73 ? 105 LEU D C   1 
ATOM   66   O O   . LEU A 1 11  ? -0.197  10.889  -5.549  1.00 19.74 ? 105 LEU D O   1 
ATOM   67   C CB  . LEU A 1 11  ? 2.527   9.250   -5.281  1.00 20.50 ? 105 LEU D CB  1 
ATOM   68   C CG  . LEU A 1 11  ? 3.284   7.949   -5.067  1.00 25.37 ? 105 LEU D CG  1 
ATOM   69   C CD1 . LEU A 1 11  ? 3.005   7.014   -6.187  1.00 27.51 ? 105 LEU D CD1 1 
ATOM   70   C CD2 . LEU A 1 11  ? 4.768   8.147   -4.927  1.00 32.01 ? 105 LEU D CD2 1 
ATOM   71   N N   . ASP A 1 12  ? 1.250   11.737  -3.989  1.00 18.93 ? 106 ASP D N   1 
ATOM   72   C CA  . ASP A 1 12  ? 0.846   13.123  -4.147  1.00 20.78 ? 106 ASP D CA  1 
ATOM   73   C C   . ASP A 1 12  ? 1.489   13.740  -5.366  1.00 21.55 ? 106 ASP D C   1 
ATOM   74   O O   . ASP A 1 12  ? 2.181   13.060  -6.100  1.00 21.69 ? 106 ASP D O   1 
ATOM   75   C CB  . ASP A 1 12  ? 1.086   13.908  -2.872  1.00 24.78 ? 106 ASP D CB  1 
ATOM   76   C CG  . ASP A 1 12  ? 2.531   14.028  -2.500  1.00 26.01 ? 106 ASP D CG  1 
ATOM   77   O OD1 . ASP A 1 12  ? 3.432   13.307  -3.002  1.00 26.93 ? 106 ASP D OD1 1 
ATOM   78   O OD2 . ASP A 1 12  ? 2.658   14.759  -1.498  1.00 34.43 ? 106 ASP D OD2 1 
ATOM   79   N N   . GLU A 1 13  ? 1.287   15.022  -5.540  1.00 24.81 ? 107 GLU D N   1 
ATOM   80   C CA  . GLU A 1 13  ? 1.802   15.728  -6.715  1.00 29.31 ? 107 GLU D CA  1 
ATOM   81   C C   . GLU A 1 13  ? 3.289   15.909  -6.668  1.00 25.35 ? 107 GLU D C   1 
ATOM   82   O O   . GLU A 1 13  ? 3.929   15.937  -7.690  1.00 26.52 ? 107 GLU D O   1 
ATOM   83   C CB  . GLU A 1 13  ? 1.089   17.114  -6.880  1.00 34.58 ? 107 GLU D CB  1 
ATOM   84   C CG  . GLU A 1 13  ? 1.130   18.043  -5.674  1.00 37.85 ? 107 GLU D CG  1 
ATOM   85   C CD  . GLU A 1 13  ? -0.092  17.960  -4.755  1.00 43.34 ? 107 GLU D CD  1 
ATOM   86   O OE1 . GLU A 1 13  ? -0.213  17.029  -3.955  1.00 40.89 ? 107 GLU D OE1 1 
ATOM   87   O OE2 . GLU A 1 13  ? -0.957  18.855  -4.799  1.00 60.69 ? 107 GLU D OE2 1 
ATOM   88   N N   . THR A 1 14  ? 3.900   15.938  -5.455  1.00 24.93 ? 108 THR D N   1 
ATOM   89   C CA  . THR A 1 14  ? 5.331   16.047  -5.341  1.00 25.82 ? 108 THR D CA  1 
ATOM   90   C C   . THR A 1 14  ? 6.134   14.749  -5.457  1.00 25.04 ? 108 THR D C   1 
ATOM   91   O O   . THR A 1 14  ? 7.348   14.773  -5.621  1.00 27.25 ? 108 THR D O   1 
ATOM   92   C CB  . THR A 1 14  ? 5.723   16.661  -3.977  1.00 33.12 ? 108 THR D CB  1 
ATOM   93   O OG1 . THR A 1 14  ? 5.543   15.667  -2.977  1.00 30.55 ? 108 THR D OG1 1 
ATOM   94   C CG2 . THR A 1 14  ? 4.893   17.829  -3.603  1.00 38.58 ? 108 THR D CG2 1 
ATOM   95   N N   . LEU A 1 15  ? 5.427   13.605  -5.445  1.00 23.48 ? 109 LEU D N   1 
ATOM   96   C CA  . LEU A 1 15  ? 5.974   12.266  -5.453  1.00 23.68 ? 109 LEU D CA  1 
ATOM   97   C C   . LEU A 1 15  ? 6.746   11.982  -4.147  1.00 25.31 ? 109 LEU D C   1 
ATOM   98   O O   . LEU A 1 15  ? 7.539   11.006  -4.133  1.00 32.09 ? 109 LEU D O   1 
ATOM   99   C CB  . LEU A 1 15  ? 6.868   11.914  -6.672  1.00 25.23 ? 109 LEU D CB  1 
ATOM   100  C CG  . LEU A 1 15  ? 6.292   12.372  -7.989  1.00 27.94 ? 109 LEU D CG  1 
ATOM   101  C CD1 . LEU A 1 15  ? 7.225   12.123  -9.127  1.00 32.34 ? 109 LEU D CD1 1 
ATOM   102  C CD2 . LEU A 1 15  ? 4.999   11.540  -8.171  1.00 29.70 ? 109 LEU D CD2 1 
ATOM   103  N N   . GLU A 1 16  ? 6.522   12.775  -3.135  1.00 25.70 ? 110 GLU D N   1 
ATOM   104  C CA  . GLU A 1 16  ? 7.263   12.629  -1.871  1.00 26.69 ? 110 GLU D CA  1 
ATOM   105  C C   . GLU A 1 16  ? 6.488   11.758  -0.880  1.00 26.67 ? 110 GLU D C   1 
ATOM   106  O O   . GLU A 1 16  ? 7.110   11.248  0.067   1.00 25.04 ? 110 GLU D O   1 
ATOM   107  C CB  . GLU A 1 16  ? 7.373   13.954  -1.112  1.00 36.20 ? 110 GLU D CB  1 
ATOM   108  C CG  . GLU A 1 16  ? 8.290   15.024  -1.644  1.00 39.02 ? 110 GLU D CG  1 
ATOM   109  C CD  . GLU A 1 16  ? 8.039   16.407  -0.948  1.00 45.55 ? 110 GLU D CD  1 
ATOM   110  O OE1 . GLU A 1 16  ? 7.012   17.081  -1.189  1.00 38.82 ? 110 GLU D OE1 1 
ATOM   111  O OE2 . GLU A 1 16  ? 8.897   16.866  -0.158  1.00 41.47 ? 110 GLU D OE2 1 
ATOM   112  N N   . ASN A 1 17  ? 5.161   11.730  -0.993  1.00 22.18 ? 111 ASN D N   1 
ATOM   113  C CA  . ASN A 1 17  ? 4.280   11.089  -0.012  1.00 22.07 ? 111 ASN D CA  1 
ATOM   114  C C   . ASN A 1 17  ? 3.453   9.989   -0.648  1.00 23.33 ? 111 ASN D C   1 
ATOM   115  O O   . ASN A 1 17  ? 3.067   10.066  -1.797  1.00 20.55 ? 111 ASN D O   1 
ATOM   116  C CB  . ASN A 1 17  ? 3.383   12.097  0.651   1.00 26.63 ? 111 ASN D CB  1 
ATOM   117  C CG  . ASN A 1 17  ? 4.176   13.158  1.405   1.00 34.89 ? 111 ASN D CG  1 
ATOM   118  O OD1 . ASN A 1 17  ? 4.751   12.873  2.451   1.00 32.97 ? 111 ASN D OD1 1 
ATOM   119  N ND2 . ASN A 1 17  ? 4.276   14.302  0.839   1.00 32.75 ? 111 ASN D ND2 1 
ATOM   120  N N   . VAL A 1 18  ? 3.101   9.027   0.180   1.00 19.92 ? 112 VAL D N   1 
ATOM   121  C CA  . VAL A 1 18  ? 2.235   7.920   -0.187  1.00 17.92 ? 112 VAL D CA  1 
ATOM   122  C C   . VAL A 1 18  ? 1.082   7.799   0.791   1.00 18.85 ? 112 VAL D C   1 
ATOM   123  O O   . VAL A 1 18  ? 1.197   8.110   1.981   1.00 19.88 ? 112 VAL D O   1 
ATOM   124  C CB  . VAL A 1 18  ? 2.919   6.566   -0.206  1.00 20.88 ? 112 VAL D CB  1 
ATOM   125  C CG1 . VAL A 1 18  ? 3.898   6.443   -1.355  1.00 27.10 ? 112 VAL D CG1 1 
ATOM   126  C CG2 . VAL A 1 18  ? 3.626   6.262   1.133   1.00 19.95 ? 112 VAL D CG2 1 
ATOM   127  N N   . LEU A 1 19  ? -0.037  7.294   0.300   1.00 17.95 ? 113 LEU D N   1 
ATOM   128  C CA  . LEU A 1 19  ? -1.239  7.174   1.181   1.00 20.32 ? 113 LEU D CA  1 
ATOM   129  C C   . LEU A 1 19  ? -1.301  5.769   1.787   1.00 18.99 ? 113 LEU D C   1 
ATOM   130  O O   . LEU A 1 19  ? -1.369  4.765   1.095   1.00 18.80 ? 113 LEU D O   1 
ATOM   131  C CB  . LEU A 1 19  ? -2.521  7.417   0.377   1.00 20.39 ? 113 LEU D CB  1 
ATOM   132  C CG  . LEU A 1 19  ? -3.796  7.639   1.201   1.00 20.06 ? 113 LEU D CG  1 
ATOM   133  C CD1 . LEU A 1 19  ? -3.679  9.086   1.757   1.00 19.67 ? 113 LEU D CD1 1 
ATOM   134  C CD2 . LEU A 1 19  ? -5.048  7.392   0.376   1.00 22.04 ? 113 LEU D CD2 1 
ATOM   135  N N   . LEU A 1 20  ? -1.276  5.697   3.119   1.00 19.18 ? 114 LEU D N   1 
ATOM   136  C CA  . LEU A 1 20  ? -1.444  4.459   3.785   1.00 18.49 ? 114 LEU D CA  1 
ATOM   137  C C   . LEU A 1 20  ? -2.741  4.463   4.588   1.00 18.10 ? 114 LEU D C   1 
ATOM   138  O O   . LEU A 1 20  ? -3.275  5.513   4.936   1.00 18.76 ? 114 LEU D O   1 
ATOM   139  C CB  . LEU A 1 20  ? -0.268  4.136   4.736   1.00 18.83 ? 114 LEU D CB  1 
ATOM   140  C CG  . LEU A 1 20  ? 1.123   4.202   4.136   1.00 18.89 ? 114 LEU D CG  1 
ATOM   141  C CD1 . LEU A 1 20  ? 2.150   3.786   5.138   1.00 21.69 ? 114 LEU D CD1 1 
ATOM   142  C CD2 . LEU A 1 20  ? 1.210   3.273   2.969   1.00 20.20 ? 114 LEU D CD2 1 
ATOM   143  N N   . VAL A 1 21  ? -3.180  3.263   4.889   1.00 17.91 ? 115 VAL D N   1 
ATOM   144  C CA  . VAL A 1 21  ? -4.367  3.016   5.740   1.00 17.84 ? 115 VAL D CA  1 
ATOM   145  C C   . VAL A 1 21  ? -4.015  2.129   6.895   1.00 20.10 ? 115 VAL D C   1 
ATOM   146  O O   . VAL A 1 21  ? -3.095  1.321   6.822   1.00 19.46 ? 115 VAL D O   1 
ATOM   147  C CB  . VAL A 1 21  ? -5.573  2.471   4.936   1.00 19.74 ? 115 VAL D CB  1 
ATOM   148  C CG1 . VAL A 1 21  ? -5.879  3.423   3.760   1.00 20.69 ? 115 VAL D CG1 1 
ATOM   149  C CG2 . VAL A 1 21  ? -5.358  1.060   4.397   1.00 20.31 ? 115 VAL D CG2 1 
ATOM   150  N N   . GLN A 1 22  ? -4.746  2.319   8.026   1.00 20.47 ? 116 GLN D N   1 
ATOM   151  C CA  . GLN A 1 22  ? -4.510  1.606   9.238   1.00 19.85 ? 116 GLN D CA  1 
ATOM   152  C C   . GLN A 1 22  ? -5.751  0.824   9.563   1.00 19.89 ? 116 GLN D C   1 
ATOM   153  O O   . GLN A 1 22  ? -6.824  1.378   9.586   1.00 20.96 ? 116 GLN D O   1 
ATOM   154  C CB  . GLN A 1 22  ? -4.195  2.633   10.346  1.00 18.44 ? 116 GLN D CB  1 
ATOM   155  C CG  . GLN A 1 22  ? -3.906  1.964   11.651  1.00 20.98 ? 116 GLN D CG  1 
ATOM   156  C CD  . GLN A 1 22  ? -3.634  2.976   12.716  1.00 23.02 ? 116 GLN D CD  1 
ATOM   157  O OE1 . GLN A 1 22  ? -4.240  4.052   12.729  1.00 26.11 ? 116 GLN D OE1 1 
ATOM   158  N NE2 . GLN A 1 22  ? -2.785  2.628   13.602  1.00 25.02 ? 116 GLN D NE2 1 
ATOM   159  N N   . GLY A 1 23  ? -5.610  -0.474  9.696   1.00 21.91 ? 117 GLY D N   1 
ATOM   160  C CA  . GLY A 1 23  ? -6.774  -1.366  10.004  1.00 23.77 ? 117 GLY D CA  1 
ATOM   161  C C   . GLY A 1 23  ? -6.871  -1.619  11.507  1.00 24.80 ? 117 GLY D C   1 
ATOM   162  O O   . GLY A 1 23  ? -6.317  -0.857  12.280  1.00 24.64 ? 117 GLY D O   1 
ATOM   163  N N   . TYR A 1 24  ? -7.522  -2.704  11.863  1.00 25.00 ? 118 TYR D N   1 
ATOM   164  C CA  . TYR A 1 24  ? -7.697  -3.183  13.230  1.00 25.21 ? 118 TYR D CA  1 
ATOM   165  C C   . TYR A 1 24  ? -7.129  -4.578  13.447  1.00 30.30 ? 118 TYR D C   1 
ATOM   166  O O   . TYR A 1 24  ? -6.944  -5.352  12.476  1.00 30.72 ? 118 TYR D O   1 
ATOM   167  C CB  . TYR A 1 24  ? -9.169  -3.231  13.514  1.00 26.95 ? 118 TYR D CB  1 
ATOM   168  C CG  . TYR A 1 24  ? -9.825  -1.848  13.588  1.00 23.70 ? 118 TYR D CG  1 
ATOM   169  C CD1 . TYR A 1 24  ? -9.538  -0.934  14.594  1.00 24.82 ? 118 TYR D CD1 1 
ATOM   170  C CD2 . TYR A 1 24  ? -10.664 -1.421  12.607  1.00 22.08 ? 118 TYR D CD2 1 
ATOM   171  C CE1 . TYR A 1 24  ? -10.162 0.331   14.602  1.00 22.59 ? 118 TYR D CE1 1 
ATOM   172  C CE2 . TYR A 1 24  ? -11.240 -0.145  12.637  1.00 21.84 ? 118 TYR D CE2 1 
ATOM   173  C CZ  . TYR A 1 24  ? -11.002 0.707   13.646  1.00 25.27 ? 118 TYR D CZ  1 
ATOM   174  O OH  . TYR A 1 24  ? -11.580 1.957   13.706  1.00 29.48 ? 118 TYR D OH  1 
ATOM   175  N N   . LEU A 1 25  ? -6.809  -4.881  14.714  1.00 28.17 ? 119 LEU D N   1 
ATOM   176  C CA  . LEU A 1 25  ? -6.472  -6.275  15.142  1.00 33.44 ? 119 LEU D CA  1 
ATOM   177  C C   . LEU A 1 25  ? -5.260  -6.830  14.372  1.00 31.13 ? 119 LEU D C   1 
ATOM   178  O O   . LEU A 1 25  ? -4.197  -6.288  14.516  1.00 32.42 ? 119 LEU D O   1 
ATOM   179  C CB  . LEU A 1 25  ? -7.693  -7.190  15.023  1.00 34.77 ? 119 LEU D CB  1 
ATOM   180  C CG  . LEU A 1 25  ? -8.923  -6.693  15.825  1.00 38.17 ? 119 LEU D CG  1 
ATOM   181  C CD1 . LEU A 1 25  ? -10.182 -7.486  15.471  1.00 40.58 ? 119 LEU D CD1 1 
ATOM   182  C CD2 . LEU A 1 25  ? -8.611  -6.647  17.322  1.00 42.41 ? 119 LEU D CD2 1 
ATOM   183  N N   . ALA A 1 26  ? -5.418  -7.902  13.582  1.00 32.04 ? 120 ALA D N   1 
ATOM   184  C CA  . ALA A 1 26  ? -4.303  -8.417  12.734  1.00 37.41 ? 120 ALA D CA  1 
ATOM   185  C C   . ALA A 1 26  ? -3.820  -7.419  11.683  1.00 37.78 ? 120 ALA D C   1 
ATOM   186  O O   . ALA A 1 26  ? -2.647  -7.478  11.246  1.00 39.37 ? 120 ALA D O   1 
ATOM   187  C CB  . ALA A 1 26  ? -4.702  -9.701  12.028  1.00 37.10 ? 120 ALA D CB  1 
ATOM   188  N N   . LYS A 1 27  ? -4.720  -6.539  11.254  1.00 33.07 ? 121 LYS D N   1 
ATOM   189  C CA  . LYS A 1 27  ? -4.369  -5.474  10.329  1.00 32.10 ? 121 LYS D CA  1 
ATOM   190  C C   . LYS A 1 27  ? -4.174  -4.100  11.036  1.00 31.05 ? 121 LYS D C   1 
ATOM   191  O O   . LYS A 1 27  ? -4.308  -3.068  10.428  1.00 26.35 ? 121 LYS D O   1 
ATOM   192  C CB  . LYS A 1 27  ? -5.424  -5.397  9.219   1.00 33.16 ? 121 LYS D CB  1 
ATOM   193  C CG  . LYS A 1 27  ? -5.608  -6.679  8.364   1.00 38.49 ? 121 LYS D CG  1 
ATOM   194  C CD  . LYS A 1 27  ? -6.668  -6.347  7.284   1.00 40.81 ? 121 LYS D CD  1 
ATOM   195  C CE  . LYS A 1 27  ? -6.867  -7.351  6.155   1.00 44.18 ? 121 LYS D CE  1 
ATOM   196  N N   . SER A 1 28  ? -3.771  -4.098  12.311  1.00 30.30 ? 122 SER D N   1 
ATOM   197  C CA  . SER A 1 28  ? -3.676  -2.836  13.091  1.00 33.51 ? 122 SER D CA  1 
ATOM   198  C C   . SER A 1 28  ? -2.615  -1.810  12.773  1.00 37.90 ? 122 SER D C   1 
ATOM   199  O O   . SER A 1 28  ? -2.670  -0.688  13.374  1.00 39.23 ? 122 SER D O   1 
ATOM   200  C CB  . SER A 1 28  ? -3.545  -3.097  14.581  1.00 32.12 ? 122 SER D CB  1 
ATOM   201  O OG  . SER A 1 28  ? -2.466  -3.948  14.828  1.00 45.11 ? 122 SER D OG  1 
ATOM   202  N N   . GLY A 1 29  ? -1.662  -2.180  11.927  1.00 26.37 ? 123 GLY D N   1 
ATOM   203  C CA  . GLY A 1 29  ? -0.569  -1.271  11.480  1.00 24.83 ? 123 GLY D CA  1 
ATOM   204  C C   . GLY A 1 29  ? -0.974  -0.560  10.173  1.00 22.15 ? 123 GLY D C   1 
ATOM   205  O O   . GLY A 1 29  ? -2.145  -0.638  9.804   1.00 22.78 ? 123 GLY D O   1 
ATOM   206  N N   . TRP A 1 30  ? 0.011   0.043   9.527   1.00 20.93 ? 124 TRP D N   1 
ATOM   207  C CA  . TRP A 1 30  ? -0.227  0.821   8.341   1.00 20.22 ? 124 TRP D CA  1 
ATOM   208  C C   . TRP A 1 30  ? 0.177   0.030   7.136   1.00 22.42 ? 124 TRP D C   1 
ATOM   209  O O   . TRP A 1 30  ? 1.210   -0.591  7.134   1.00 23.79 ? 124 TRP D O   1 
ATOM   210  C CB  . TRP A 1 30  ? 0.637   2.052   8.363   1.00 19.26 ? 124 TRP D CB  1 
ATOM   211  C CG  . TRP A 1 30  ? 0.145   3.055   9.428   1.00 18.66 ? 124 TRP D CG  1 
ATOM   212  C CD1 . TRP A 1 30  ? 0.623   3.187   10.696  1.00 20.02 ? 124 TRP D CD1 1 
ATOM   213  C CD2 . TRP A 1 30  ? -0.907  3.994   9.296   1.00 18.87 ? 124 TRP D CD2 1 
ATOM   214  N NE1 . TRP A 1 30  ? -0.062  4.203   11.361  1.00 20.17 ? 124 TRP D NE1 1 
ATOM   215  C CE2 . TRP A 1 30  ? -1.018  4.699   10.509  1.00 19.02 ? 124 TRP D CE2 1 
ATOM   216  C CE3 . TRP A 1 30  ? -1.703  4.393   8.231   1.00 19.35 ? 124 TRP D CE3 1 
ATOM   217  C CZ2 . TRP A 1 30  ? -1.904  5.754   10.678  1.00 20.66 ? 124 TRP D CZ2 1 
ATOM   218  C CZ3 . TRP A 1 30  ? -2.650  5.366   8.430   1.00 22.29 ? 124 TRP D CZ3 1 
ATOM   219  C CH2 . TRP A 1 30  ? -2.750  6.048   9.650   1.00 22.89 ? 124 TRP D CH2 1 
ATOM   220  N N   . GLY A 1 31  ? -0.600  0.155   6.060   1.00 18.15 ? 125 GLY D N   1 
ATOM   221  C CA  . GLY A 1 31  ? -0.344  -0.593  4.843   1.00 18.37 ? 125 GLY D CA  1 
ATOM   222  C C   . GLY A 1 31  ? -1.020  0.099   3.688   1.00 18.18 ? 125 GLY D C   1 
ATOM   223  O O   . GLY A 1 31  ? -1.746  1.048   3.847   1.00 18.07 ? 125 GLY D O   1 
ATOM   224  N N   . PHE A 1 32  ? -0.662  -0.301  2.467   1.00 20.14 ? 126 PHE D N   1 
ATOM   225  C CA  . PHE A 1 32  ? -1.304  0.203   1.270   1.00 20.36 ? 126 PHE D CA  1 
ATOM   226  C C   . PHE A 1 32  ? -2.719  -0.393  1.178   1.00 21.64 ? 126 PHE D C   1 
ATOM   227  O O   . PHE A 1 32  ? -2.934  -1.529  1.574   1.00 20.20 ? 126 PHE D O   1 
ATOM   228  C CB  . PHE A 1 32  ? -0.478  -0.170  0.040   1.00 19.98 ? 126 PHE D CB  1 
ATOM   229  C CG  . PHE A 1 32  ? 0.819   0.517   0.004   1.00 20.55 ? 126 PHE D CG  1 
ATOM   230  C CD1 . PHE A 1 32  ? 0.926   1.845   -0.295  1.00 18.93 ? 126 PHE D CD1 1 
ATOM   231  C CD2 . PHE A 1 32  ? 1.954   -0.145  0.398   1.00 22.94 ? 126 PHE D CD2 1 
ATOM   232  C CE1 . PHE A 1 32  ? 2.113   2.480   -0.264  1.00 21.45 ? 126 PHE D CE1 1 
ATOM   233  C CE2 . PHE A 1 32  ? 3.179   0.490   0.408   1.00 21.56 ? 126 PHE D CE2 1 
ATOM   234  C CZ  . PHE A 1 32  ? 3.275   1.783   0.051   1.00 21.47 ? 126 PHE D CZ  1 
ATOM   235  N N   . PRO A 1 33  ? -3.692  0.398   0.723   1.00 19.76 ? 127 PRO D N   1 
ATOM   236  C CA  . PRO A 1 33  ? -5.048  -0.102  0.504   1.00 21.70 ? 127 PRO D CA  1 
ATOM   237  C C   . PRO A 1 33  ? -5.066  -1.210  -0.528  1.00 21.80 ? 127 PRO D C   1 
ATOM   238  O O   . PRO A 1 33  ? -4.610  -1.030  -1.652  1.00 20.67 ? 127 PRO D O   1 
ATOM   239  C CB  . PRO A 1 33  ? -5.818  1.155   0.083   1.00 19.69 ? 127 PRO D CB  1 
ATOM   240  C CG  . PRO A 1 33  ? -4.767  2.017   -0.544  1.00 19.72 ? 127 PRO D CG  1 
ATOM   241  C CD  . PRO A 1 33  ? -3.540  1.784   0.252   1.00 19.03 ? 127 PRO D CD  1 
ATOM   242  N N   . LYS A 1 34  ? -5.641  -2.359  -0.173  1.00 21.56 ? 128 LYS D N   1 
ATOM   243  C CA  . LYS A 1 34  ? -5.650  -3.518  -1.042  1.00 24.33 ? 128 LYS D CA  1 
ATOM   244  C C   . LYS A 1 34  ? -6.577  -4.566  -0.432  1.00 26.70 ? 128 LYS D C   1 
ATOM   245  O O   . LYS A 1 34  ? -6.853  -4.519  0.742   1.00 26.51 ? 128 LYS D O   1 
ATOM   246  C CB  . LYS A 1 34  ? -4.268  -4.133  -1.214  1.00 25.02 ? 128 LYS D CB  1 
ATOM   247  C CG  . LYS A 1 34  ? -3.558  -4.630  0.029   1.00 25.75 ? 128 LYS D CG  1 
ATOM   248  C CD  . LYS A 1 34  ? -2.257  -5.325  -0.290  1.00 31.13 ? 128 LYS D CD  1 
ATOM   249  C CE  . LYS A 1 34  ? -1.691  -6.116  0.937   1.00 35.51 ? 128 LYS D CE  1 
ATOM   250  N NZ  . LYS A 1 34  ? -2.541  -7.308  1.212   1.00 43.53 ? 128 LYS D NZ  1 
ATOM   251  N N   . GLY A 1 35  ? -6.897  -5.566  -1.221  1.00 26.24 ? 129 GLY D N   1 
ATOM   252  C CA  . GLY A 1 35  ? -7.748  -6.671  -0.729  1.00 27.87 ? 129 GLY D CA  1 
ATOM   253  C C   . GLY A 1 35  ? -7.876  -7.770  -1.760  1.00 26.94 ? 129 GLY D C   1 
ATOM   254  O O   . GLY A 1 35  ? -7.355  -7.702  -2.859  1.00 26.26 ? 129 GLY D O   1 
ATOM   255  N N   . LYS A 1 36  ? -8.627  -8.827  -1.362  1.00 28.83 ? 130 LYS D N   1 
ATOM   256  C CA  . LYS A 1 36  ? -8.650  -10.056 -2.126  1.00 29.94 ? 130 LYS D CA  1 
ATOM   257  C C   . LYS A 1 36  ? -9.575  -9.939  -3.366  1.00 26.53 ? 130 LYS D C   1 
ATOM   258  O O   . LYS A 1 36  ? -10.572 -9.297  -3.295  1.00 33.23 ? 130 LYS D O   1 
ATOM   259  C CB  . LYS A 1 36  ? -9.162  -11.194 -1.180  1.00 33.79 ? 130 LYS D CB  1 
ATOM   260  C CG  . LYS A 1 36  ? -8.157  -11.855 -0.219  1.00 36.71 ? 130 LYS D CG  1 
ATOM   261  N N   . VAL A 1 37  ? -9.166  -10.552 -4.464  1.00 29.88 ? 131 VAL D N   1 
ATOM   262  C CA  . VAL A 1 37  ? -9.945  -10.546 -5.700  1.00 34.42 ? 131 VAL D CA  1 
ATOM   263  C C   . VAL A 1 37  ? -11.193 -11.433 -5.499  1.00 35.30 ? 131 VAL D C   1 
ATOM   264  O O   . VAL A 1 37  ? -11.122 -12.397 -4.753  1.00 36.37 ? 131 VAL D O   1 
ATOM   265  C CB  . VAL A 1 37  ? -9.090  -10.938 -6.906  1.00 34.50 ? 131 VAL D CB  1 
ATOM   266  C CG1 . VAL A 1 37  ? -8.518  -12.364 -6.815  1.00 39.24 ? 131 VAL D CG1 1 
ATOM   267  C CG2 . VAL A 1 37  ? -9.864  -10.712 -8.200  1.00 34.90 ? 131 VAL D CG2 1 
ATOM   268  N N   . ASN A 1 38  ? -12.332 -11.030 -6.075  1.00 36.62 ? 132 ASN D N   1 
ATOM   269  C CA  . ASN A 1 38  ? -13.606 -11.863 -6.037  1.00 36.67 ? 132 ASN D CA  1 
ATOM   270  C C   . ASN A 1 38  ? -13.551 -12.805 -7.248  1.00 39.81 ? 132 ASN D C   1 
ATOM   271  O O   . ASN A 1 38  ? -12.847 -12.526 -8.200  1.00 39.25 ? 132 ASN D O   1 
ATOM   272  C CB  . ASN A 1 38  ? -14.832 -10.944 -6.089  1.00 34.95 ? 132 ASN D CB  1 
ATOM   273  C CG  . ASN A 1 38  ? -15.086 -10.184 -4.780  1.00 38.01 ? 132 ASN D CG  1 
ATOM   274  O OD1 . ASN A 1 38  ? -14.774 -10.651 -3.657  1.00 42.99 ? 132 ASN D OD1 1 
ATOM   275  N ND2 . ASN A 1 38  ? -15.680 -9.004  -4.898  1.00 37.62 ? 132 ASN D ND2 1 
ATOM   276  N N   . LYS A 1 39  ? -14.255 -13.959 -7.226  1.00 44.83 ? 133 LYS D N   1 
ATOM   277  C CA  . LYS A 1 39  ? -14.382 -14.824 -8.423  1.00 44.10 ? 133 LYS D CA  1 
ATOM   278  C C   . LYS A 1 39  ? -14.701 -14.048 -9.704  1.00 41.10 ? 133 LYS D C   1 
ATOM   279  O O   . LYS A 1 39  ? -15.599 -13.240 -9.716  1.00 46.76 ? 133 LYS D O   1 
ATOM   280  C CB  . LYS A 1 39  ? -15.505 -15.879 -8.206  1.00 52.44 ? 133 LYS D CB  1 
ATOM   281  N N   . GLU A 1 40  ? -13.931 -14.267 -10.756 1.00 44.10 ? 134 GLU D N   1 
ATOM   282  C CA  . GLU A 1 40  ? -14.152 -13.684 -12.077 1.00 50.47 ? 134 GLU D CA  1 
ATOM   283  C C   . GLU A 1 40  ? -13.902 -12.140 -12.147 1.00 50.69 ? 134 GLU D C   1 
ATOM   284  O O   . GLU A 1 40  ? -14.116 -11.539 -13.199 1.00 50.65 ? 134 GLU D O   1 
ATOM   285  C CB  . GLU A 1 40  ? -15.542 -14.097 -12.637 1.00 51.42 ? 134 GLU D CB  1 
ATOM   286  N N   . GLU A 1 41  ? -13.393 -11.518 -11.064 1.00 45.59 ? 135 GLU D N   1 
ATOM   287  C CA  . GLU A 1 41  ? -13.123 -10.062 -11.055 1.00 39.28 ? 135 GLU D CA  1 
ATOM   288  C C   . GLU A 1 41  ? -11.756 -9.808  -11.617 1.00 39.86 ? 135 GLU D C   1 
ATOM   289  O O   . GLU A 1 41  ? -10.794 -10.514 -11.292 1.00 41.39 ? 135 GLU D O   1 
ATOM   290  C CB  . GLU A 1 41  ? -13.237 -9.499  -9.642  1.00 40.15 ? 135 GLU D CB  1 
ATOM   291  C CG  . GLU A 1 41  ? -12.938 -8.020  -9.499  1.00 39.67 ? 135 GLU D CG  1 
ATOM   292  C CD  . GLU A 1 41  ? -13.058 -7.575  -8.076  1.00 34.10 ? 135 GLU D CD  1 
ATOM   293  O OE1 . GLU A 1 41  ? -12.621 -8.373  -7.226  1.00 33.96 ? 135 GLU D OE1 1 
ATOM   294  O OE2 . GLU A 1 41  ? -13.614 -6.494  -7.805  1.00 34.27 ? 135 GLU D OE2 1 
ATOM   295  N N   . ALA A 1 42  ? -11.674 -8.807  -12.494 1.00 36.37 ? 136 ALA D N   1 
ATOM   296  C CA  . ALA A 1 42  ? -10.432 -8.469  -13.174 1.00 37.17 ? 136 ALA D CA  1 
ATOM   297  C C   . ALA A 1 42  ? -9.494  -7.737  -12.181 1.00 30.60 ? 136 ALA D C   1 
ATOM   298  O O   . ALA A 1 42  ? -9.996  -7.028  -11.367 1.00 32.09 ? 136 ALA D O   1 
ATOM   299  C CB  . ALA A 1 42  ? -10.701 -7.567  -14.354 1.00 35.74 ? 136 ALA D CB  1 
ATOM   300  N N   . PRO A 1 43  ? -8.180  -7.822  -12.379 1.00 37.65 ? 137 PRO D N   1 
ATOM   301  C CA  . PRO A 1 43  ? -7.242  -7.145  -11.426 1.00 33.23 ? 137 PRO D CA  1 
ATOM   302  C C   . PRO A 1 43  ? -7.510  -5.653  -11.248 1.00 33.16 ? 137 PRO D C   1 
ATOM   303  O O   . PRO A 1 43  ? -7.605  -5.161  -10.090 1.00 29.21 ? 137 PRO D O   1 
ATOM   304  C CB  . PRO A 1 43  ? -5.869  -7.428  -12.025 1.00 37.14 ? 137 PRO D CB  1 
ATOM   305  C CG  . PRO A 1 43  ? -6.030  -8.713  -12.823 1.00 37.13 ? 137 PRO D CG  1 
ATOM   306  C CD  . PRO A 1 43  ? -7.455  -8.641  -13.374 1.00 40.50 ? 137 PRO D CD  1 
ATOM   307  N N   . HIS A 1 44  ? -7.678  -4.923  -12.344 1.00 33.37 ? 138 HIS D N   1 
ATOM   308  C CA  . HIS A 1 44  ? -7.904  -3.489  -12.218 1.00 32.78 ? 138 HIS D CA  1 
ATOM   309  C C   . HIS A 1 44  ? -9.182  -3.141  -11.536 1.00 30.61 ? 138 HIS D C   1 
ATOM   310  O O   . HIS A 1 44  ? -9.249  -2.135  -10.791 1.00 25.28 ? 138 HIS D O   1 
ATOM   311  C CB  . HIS A 1 44  ? -7.706  -2.790  -13.578 1.00 36.56 ? 138 HIS D CB  1 
ATOM   312  C CG  . HIS A 1 44  ? -8.870  -2.915  -14.493 1.00 49.22 ? 138 HIS D CG  1 
ATOM   313  N ND1 . HIS A 1 44  ? -9.050  -4.007  -15.325 1.00 56.51 ? 138 HIS D ND1 1 
ATOM   314  C CD2 . HIS A 1 44  ? -9.908  -2.077  -14.739 1.00 51.02 ? 138 HIS D CD2 1 
ATOM   315  C CE1 . HIS A 1 44  ? -10.148 -3.834  -16.044 1.00 50.87 ? 138 HIS D CE1 1 
ATOM   316  N NE2 . HIS A 1 44  ? -10.690 -2.673  -15.706 1.00 52.62 ? 138 HIS D NE2 1 
ATOM   317  N N   . ASP A 1 45  ? -10.221 -3.982  -11.664 1.00 28.44 ? 139 ASP D N   1 
ATOM   318  C CA  . ASP A 1 45  ? -11.490 -3.718  -11.016 1.00 29.05 ? 139 ASP D CA  1 
ATOM   319  C C   . ASP A 1 45  ? -11.417 -3.986  -9.497  1.00 27.66 ? 139 ASP D C   1 
ATOM   320  O O   . ASP A 1 45  ? -11.966 -3.190  -8.724  1.00 28.27 ? 139 ASP D O   1 
ATOM   321  C CB  . ASP A 1 45  ? -12.623 -4.588  -11.628 1.00 30.63 ? 139 ASP D CB  1 
ATOM   322  C CG  . ASP A 1 45  ? -13.002 -4.133  -13.049 1.00 37.14 ? 139 ASP D CG  1 
ATOM   323  O OD1 . ASP A 1 45  ? -13.017 -2.934  -13.283 1.00 33.20 ? 139 ASP D OD1 1 
ATOM   324  O OD2 . ASP A 1 45  ? -13.305 -4.971  -13.926 1.00 37.43 ? 139 ASP D OD2 1 
ATOM   325  N N   . CYS A 1 46  ? -10.769 -5.092  -9.124  1.00 28.14 ? 140 CYS D N   1 
ATOM   326  C CA  . CYS A 1 46  ? -10.485 -5.372  -7.744  1.00 25.91 ? 140 CYS D CA  1 
ATOM   327  C C   . CYS A 1 46  ? -9.699  -4.215  -7.085  1.00 22.79 ? 140 CYS D C   1 
ATOM   328  O O   . CYS A 1 46  ? -10.064 -3.767  -6.026  1.00 23.80 ? 140 CYS D O   1 
ATOM   329  C CB  . CYS A 1 46  ? -9.640  -6.627  -7.622  1.00 27.17 ? 140 CYS D CB  1 
ATOM   330  S SG  . CYS A 1 46  ? -9.201  -7.020  -5.888  1.00 29.06 ? 140 CYS D SG  1 
ATOM   331  N N   . ALA A 1 47  ? -8.637  -3.764  -7.731  1.00 24.65 ? 141 ALA D N   1 
ATOM   332  C CA  . ALA A 1 47  ? -7.826  -2.628  -7.137  1.00 21.47 ? 141 ALA D CA  1 
ATOM   333  C C   . ALA A 1 47  ? -8.664  -1.404  -6.888  1.00 23.29 ? 141 ALA D C   1 
ATOM   334  O O   . ALA A 1 47  ? -8.677  -0.848  -5.821  1.00 21.03 ? 141 ALA D O   1 
ATOM   335  C CB  . ALA A 1 47  ? -6.651  -2.301  -8.072  1.00 22.01 ? 141 ALA D CB  1 
ATOM   336  N N   . ALA A 1 48  ? -9.482  -0.985  -7.887  1.00 24.01 ? 142 ALA D N   1 
ATOM   337  C CA  . ALA A 1 48  ? -10.332 0.136   -7.690  1.00 23.71 ? 142 ALA D CA  1 
ATOM   338  C C   . ALA A 1 48  ? -11.383 -0.075  -6.616  1.00 23.34 ? 142 ALA D C   1 
ATOM   339  O O   . ALA A 1 48  ? -11.696 0.841   -5.874  1.00 22.61 ? 142 ALA D O   1 
ATOM   340  C CB  . ALA A 1 48  ? -11.053 0.481   -9.008  1.00 24.62 ? 142 ALA D CB  1 
ATOM   341  N N   . ARG A 1 49  ? -11.952 -1.272  -6.561  1.00 23.61 ? 143 ARG D N   1 
ATOM   342  C CA  . ARG A 1 49  ? -12.961 -1.569  -5.552  1.00 24.94 ? 143 ARG D CA  1 
ATOM   343  C C   . ARG A 1 49  ? -12.369 -1.489  -4.129  1.00 25.42 ? 143 ARG D C   1 
ATOM   344  O O   . ARG A 1 49  ? -12.908 -0.853  -3.269  1.00 24.91 ? 143 ARG D O   1 
ATOM   345  C CB  . ARG A 1 49  ? -13.508 -2.987  -5.770  1.00 27.42 ? 143 ARG D CB  1 
ATOM   346  C CG  . ARG A 1 49  ? -14.577 -3.374  -4.724  1.00 29.23 ? 143 ARG D CG  1 
ATOM   347  C CD  . ARG A 1 49  ? -15.185 -4.736  -4.997  1.00 32.05 ? 143 ARG D CD  1 
ATOM   348  N NE  . ARG A 1 49  ? -14.213 -5.806  -5.193  1.00 31.34 ? 143 ARG D NE  1 
ATOM   349  C CZ  . ARG A 1 49  ? -13.576 -6.469  -4.214  1.00 29.15 ? 143 ARG D CZ  1 
ATOM   350  N NH1 . ARG A 1 49  ? -13.740 -6.173  -2.930  1.00 32.45 ? 143 ARG D NH1 1 
ATOM   351  N NH2 . ARG A 1 49  ? -12.763 -7.412  -4.528  1.00 29.29 ? 143 ARG D NH2 1 
ATOM   352  N N   . GLU A 1 50  ? -11.266 -2.176  -3.930  1.00 25.90 ? 144 GLU D N   1 
ATOM   353  C CA  . GLU A 1 50  ? -10.650 -2.212  -2.595  1.00 26.10 ? 144 GLU D CA  1 
ATOM   354  C C   . GLU A 1 50  ? -10.225 -0.815  -2.185  1.00 22.88 ? 144 GLU D C   1 
ATOM   355  O O   . GLU A 1 50  ? -10.422 -0.381  -1.055  1.00 24.70 ? 144 GLU D O   1 
ATOM   356  C CB  . GLU A 1 50  ? -9.498  -3.169  -2.562  1.00 28.34 ? 144 GLU D CB  1 
ATOM   357  C CG  . GLU A 1 50  ? -9.943  -4.581  -2.794  1.00 29.01 ? 144 GLU D CG  1 
ATOM   358  C CD  . GLU A 1 50  ? -10.569 -5.184  -1.540  1.00 36.92 ? 144 GLU D CD  1 
ATOM   359  O OE1 . GLU A 1 50  ? -10.545 -4.553  -0.468  1.00 30.95 ? 144 GLU D OE1 1 
ATOM   360  O OE2 . GLU A 1 50  ? -11.065 -6.320  -1.619  1.00 38.64 ? 144 GLU D OE2 1 
ATOM   361  N N   . VAL A 1 51  ? -9.645  -0.075  -3.115  1.00 21.55 ? 145 VAL D N   1 
ATOM   362  C CA  . VAL A 1 51  ? -9.225  1.271   -2.775  1.00 20.69 ? 145 VAL D CA  1 
ATOM   363  C C   . VAL A 1 51  ? -10.395 2.176   -2.460  1.00 22.85 ? 145 VAL D C   1 
ATOM   364  O O   . VAL A 1 51  ? -10.384 2.917   -1.490  1.00 22.20 ? 145 VAL D O   1 
ATOM   365  C CB  . VAL A 1 51  ? -8.266  1.821   -3.855  1.00 21.03 ? 145 VAL D CB  1 
ATOM   366  C CG1 . VAL A 1 51  ? -7.993  3.286   -3.591  1.00 23.62 ? 145 VAL D CG1 1 
ATOM   367  C CG2 . VAL A 1 51  ? -6.987  1.026   -3.920  1.00 23.30 ? 145 VAL D CG2 1 
ATOM   368  N N   . PHE A 1 52  ? -11.495 2.067   -3.229  1.00 22.43 ? 146 PHE D N   1 
ATOM   369  C CA  . PHE A 1 52  ? -12.627 2.918   -2.930  1.00 21.50 ? 146 PHE D CA  1 
ATOM   370  C C   . PHE A 1 52  ? -13.282 2.422   -1.568  1.00 22.67 ? 146 PHE D C   1 
ATOM   371  O O   . PHE A 1 52  ? -13.656 3.224   -0.812  1.00 26.24 ? 146 PHE D O   1 
ATOM   372  C CB  . PHE A 1 52  ? -13.650 2.830   -4.068  1.00 24.32 ? 146 PHE D CB  1 
ATOM   373  C CG  . PHE A 1 52  ? -14.775 3.783   -3.922  1.00 27.42 ? 146 PHE D CG  1 
ATOM   374  C CD1 . PHE A 1 52  ? -14.609 5.116   -4.200  1.00 31.14 ? 146 PHE D CD1 1 
ATOM   375  C CD2 . PHE A 1 52  ? -15.972 3.356   -3.384  1.00 32.82 ? 146 PHE D CD2 1 
ATOM   376  C CE1 . PHE A 1 52  ? -15.647 5.996   -4.029  1.00 33.79 ? 146 PHE D CE1 1 
ATOM   377  C CE2 . PHE A 1 52  ? -17.016 4.232   -3.205  1.00 37.06 ? 146 PHE D CE2 1 
ATOM   378  C CZ  . PHE A 1 52  ? -16.832 5.567   -3.492  1.00 34.93 ? 146 PHE D CZ  1 
ATOM   379  N N   . GLU A 1 53  ? -13.329 1.123   -1.332  1.00 23.12 ? 147 GLU D N   1 
ATOM   380  C CA  . GLU A 1 53  ? -13.879 0.630   -0.001  1.00 26.32 ? 147 GLU D CA  1 
ATOM   381  C C   . GLU A 1 53  ? -13.074 1.154   1.182   1.00 29.14 ? 147 GLU D C   1 
ATOM   382  O O   . GLU A 1 53  ? -13.612 1.524   2.240   1.00 28.43 ? 147 GLU D O   1 
ATOM   383  C CB  . GLU A 1 53  ? -13.799 -0.889  0.075   1.00 26.28 ? 147 GLU D CB  1 
ATOM   384  N N   . GLU A 1 54  ? -11.760 1.192   1.011   1.00 25.12 ? 148 GLU D N   1 
ATOM   385  C CA  . GLU A 1 54  ? -10.856 1.616   2.133   1.00 27.18 ? 148 GLU D CA  1 
ATOM   386  C C   . GLU A 1 54  ? -10.560 3.089   2.257   1.00 25.75 ? 148 GLU D C   1 
ATOM   387  O O   . GLU A 1 54  ? -10.133 3.529   3.317   1.00 27.41 ? 148 GLU D O   1 
ATOM   388  C CB  . GLU A 1 54  ? -9.550  0.796   2.075   1.00 25.63 ? 148 GLU D CB  1 
ATOM   389  C CG  . GLU A 1 54  ? -9.833  -0.675  2.211   1.00 27.78 ? 148 GLU D CG  1 
ATOM   390  C CD  . GLU A 1 54  ? -8.623  -1.561  2.161   1.00 31.56 ? 148 GLU D CD  1 
ATOM   391  O OE1 . GLU A 1 54  ? -7.460  -1.104  2.144   1.00 27.54 ? 148 GLU D OE1 1 
ATOM   392  O OE2 . GLU A 1 54  ? -8.857  -2.771  2.043   1.00 39.26 ? 148 GLU D OE2 1 
ATOM   393  N N   . THR A 1 55  ? -10.707 3.876   1.166   1.00 23.78 ? 149 THR D N   1 
ATOM   394  C CA  . THR A 1 55  ? -10.344 5.306   1.167   1.00 23.47 ? 149 THR D CA  1 
ATOM   395  C C   . THR A 1 55  ? -11.397 6.268   0.648   1.00 25.55 ? 149 THR D C   1 
ATOM   396  O O   . THR A 1 55  ? -11.288 7.459   0.874   1.00 27.62 ? 149 THR D O   1 
ATOM   397  C CB  . THR A 1 55  ? -9.062  5.595   0.301   1.00 25.18 ? 149 THR D CB  1 
ATOM   398  O OG1 . THR A 1 55  ? -9.397  5.468   -1.076  1.00 24.00 ? 149 THR D OG1 1 
ATOM   399  C CG2 . THR A 1 55  ? -7.966  4.524   0.576   1.00 22.76 ? 149 THR D CG2 1 
ATOM   400  N N   . GLY A 1 56  ? -12.388 5.759   -0.061  1.00 28.56 ? 150 GLY D N   1 
ATOM   401  C CA  . GLY A 1 56  ? -13.452 6.605   -0.601  1.00 28.23 ? 150 GLY D CA  1 
ATOM   402  C C   . GLY A 1 56  ? -12.937 7.403   -1.791  1.00 29.90 ? 150 GLY D C   1 
ATOM   403  O O   . GLY A 1 56  ? -13.603 8.294   -2.290  1.00 28.01 ? 150 GLY D O   1 
ATOM   404  N N   . PHE A 1 57  ? -11.788 7.017   -2.319  1.00 24.79 ? 151 PHE D N   1 
ATOM   405  C CA  . PHE A 1 57  ? -11.234 7.650   -3.509  1.00 25.08 ? 151 PHE D CA  1 
ATOM   406  C C   . PHE A 1 57  ? -11.248 6.697   -4.688  1.00 23.82 ? 151 PHE D C   1 
ATOM   407  O O   . PHE A 1 57  ? -10.831 5.498   -4.585  1.00 24.97 ? 151 PHE D O   1 
ATOM   408  C CB  . PHE A 1 57  ? -9.845  8.196   -3.215  1.00 25.97 ? 151 PHE D CB  1 
ATOM   409  C CG  . PHE A 1 57  ? -9.210  8.898   -4.409  1.00 25.44 ? 151 PHE D CG  1 
ATOM   410  C CD1 . PHE A 1 57  ? -9.522  10.216  -4.710  1.00 27.01 ? 151 PHE D CD1 1 
ATOM   411  C CD2 . PHE A 1 57  ? -8.336  8.209   -5.257  1.00 25.80 ? 151 PHE D CD2 1 
ATOM   412  C CE1 . PHE A 1 57  ? -8.971  10.858  -5.827  1.00 29.09 ? 151 PHE D CE1 1 
ATOM   413  C CE2 . PHE A 1 57  ? -7.739  8.860   -6.350  1.00 26.73 ? 151 PHE D CE2 1 
ATOM   414  C CZ  . PHE A 1 57  ? -8.111  10.170  -6.655  1.00 26.34 ? 151 PHE D CZ  1 
ATOM   415  N N   . ASP A 1 58  ? -11.699 7.184   -5.875  1.00 23.47 ? 152 ASP D N   1 
ATOM   416  C CA  . ASP A 1 58  ? -11.865 6.305   -7.009  1.00 23.60 ? 152 ASP D CA  1 
ATOM   417  C C   . ASP A 1 58  ? -10.715 6.409   -7.979  1.00 24.45 ? 152 ASP D C   1 
ATOM   418  O O   . ASP A 1 58  ? -10.505 7.466   -8.530  1.00 26.25 ? 152 ASP D O   1 
ATOM   419  C CB  . ASP A 1 58  ? -13.191 6.661   -7.753  1.00 26.87 ? 152 ASP D CB  1 
ATOM   420  C CG  . ASP A 1 58  ? -13.538 5.696   -8.818  1.00 31.65 ? 152 ASP D CG  1 
ATOM   421  O OD1 . ASP A 1 58  ? -12.793 4.772   -9.171  1.00 28.10 ? 152 ASP D OD1 1 
ATOM   422  O OD2 . ASP A 1 58  ? -14.626 5.908   -9.412  1.00 34.56 ? 152 ASP D OD2 1 
ATOM   423  N N   . ILE A 1 59  ? -9.969  5.330   -8.152  1.00 23.95 ? 153 ILE D N   1 
ATOM   424  C CA  . ILE A 1 59  ? -8.748  5.354   -8.994  1.00 23.33 ? 153 ILE D CA  1 
ATOM   425  C C   . ILE A 1 59  ? -9.004  4.914   -10.416 1.00 23.21 ? 153 ILE D C   1 
ATOM   426  O O   . ILE A 1 59  ? -8.108  4.821   -11.204 1.00 23.10 ? 153 ILE D O   1 
ATOM   427  C CB  . ILE A 1 59  ? -7.613  4.519   -8.434  1.00 23.84 ? 153 ILE D CB  1 
ATOM   428  C CG1 . ILE A 1 59  ? -7.959  3.012   -8.367  1.00 25.79 ? 153 ILE D CG1 1 
ATOM   429  C CG2 . ILE A 1 59  ? -7.188  5.095   -7.108  1.00 23.88 ? 153 ILE D CG2 1 
ATOM   430  C CD1 . ILE A 1 59  ? -6.771  2.087   -7.999  1.00 26.40 ? 153 ILE D CD1 1 
ATOM   431  N N   . LYS A 1 60  ? -10.245 4.569   -10.722 1.00 23.47 ? 154 LYS D N   1 
ATOM   432  C CA  . LYS A 1 60  ? -10.484 3.866   -11.927 1.00 25.44 ? 154 LYS D CA  1 
ATOM   433  C C   . LYS A 1 60  ? -10.004 4.707   -13.149 1.00 24.80 ? 154 LYS D C   1 
ATOM   434  O O   . LYS A 1 60  ? -9.456  4.112   -14.032 1.00 26.22 ? 154 LYS D O   1 
ATOM   435  C CB  . LYS A 1 60  ? -11.983 3.474   -12.040 1.00 30.59 ? 154 LYS D CB  1 
ATOM   436  C CG  . LYS A 1 60  ? -12.670 3.386   -13.381 1.00 41.96 ? 154 LYS D CG  1 
ATOM   437  C CD  . LYS A 1 60  ? -14.200 3.154   -13.178 1.00 44.89 ? 154 LYS D CD  1 
ATOM   438  C CE  . LYS A 1 60  ? -14.950 4.402   -12.692 1.00 45.32 ? 154 LYS D CE  1 
ATOM   439  N NZ  . LYS A 1 60  ? -14.924 5.486   -13.723 1.00 51.98 ? 154 LYS D NZ  1 
ATOM   440  N N   . ASP A 1 61  ? -10.276 5.992   -13.167 1.00 27.62 ? 155 ASP D N   1 
ATOM   441  C CA  . ASP A 1 61  ? -9.878  6.843   -14.350 1.00 28.11 ? 155 ASP D CA  1 
ATOM   442  C C   . ASP A 1 61  ? -8.348  7.022   -14.422 1.00 30.52 ? 155 ASP D C   1 
ATOM   443  O O   . ASP A 1 61  ? -7.793  7.493   -15.446 1.00 30.90 ? 155 ASP D O   1 
ATOM   444  C CB  . ASP A 1 61  ? -10.511 8.224   -14.265 1.00 31.38 ? 155 ASP D CB  1 
ATOM   445  C CG  . ASP A 1 61  ? -12.017 8.252   -14.508 1.00 37.13 ? 155 ASP D CG  1 
ATOM   446  O OD1 . ASP A 1 61  ? -12.592 7.276   -14.949 1.00 36.48 ? 155 ASP D OD1 1 
ATOM   447  O OD2 . ASP A 1 61  ? -12.598 9.314   -14.233 1.00 41.07 ? 155 ASP D OD2 1 
ATOM   448  N N   . TYR A 1 62  ? -7.622  6.637   -13.347 1.00 26.55 ? 156 TYR D N   1 
ATOM   449  C CA  . TYR A 1 62  ? -6.156  6.835   -13.279 1.00 26.58 ? 156 TYR D CA  1 
ATOM   450  C C   . TYR A 1 62  ? -5.281  5.626   -13.357 1.00 23.27 ? 156 TYR D C   1 
ATOM   451  O O   . TYR A 1 62  ? -4.047  5.721   -13.579 1.00 28.48 ? 156 TYR D O   1 
ATOM   452  C CB  . TYR A 1 62  ? -5.831  7.522   -11.990 1.00 25.88 ? 156 TYR D CB  1 
ATOM   453  C CG  . TYR A 1 62  ? -6.671  8.665   -11.800 1.00 28.15 ? 156 TYR D CG  1 
ATOM   454  C CD1 . TYR A 1 62  ? -6.755  9.668   -12.813 1.00 28.99 ? 156 TYR D CD1 1 
ATOM   455  C CD2 . TYR A 1 62  ? -7.418  8.813   -10.710 1.00 30.09 ? 156 TYR D CD2 1 
ATOM   456  C CE1 . TYR A 1 62  ? -7.560  10.745  -12.666 1.00 33.97 ? 156 TYR D CE1 1 
ATOM   457  C CE2 . TYR A 1 62  ? -8.234  9.912   -10.534 1.00 32.61 ? 156 TYR D CE2 1 
ATOM   458  C CZ  . TYR A 1 62  ? -8.294  10.876  -11.533 1.00 37.52 ? 156 TYR D CZ  1 
ATOM   459  O OH  . TYR A 1 62  ? -9.114  11.934  -11.393 1.00 41.67 ? 156 TYR D OH  1 
ATOM   460  N N   . ILE A 1 63  ? -5.846  4.437   -13.222 1.00 25.60 ? 157 ILE D N   1 
ATOM   461  C CA  . ILE A 1 63  ? -5.035  3.239   -13.361 1.00 25.07 ? 157 ILE D CA  1 
ATOM   462  C C   . ILE A 1 63  ? -4.325  3.136   -14.703 1.00 34.20 ? 157 ILE D C   1 
ATOM   463  O O   . ILE A 1 63  ? -4.968  3.367   -15.760 1.00 34.93 ? 157 ILE D O   1 
ATOM   464  C CB  . ILE A 1 63  ? -5.834  1.923   -13.134 1.00 28.24 ? 157 ILE D CB  1 
ATOM   465  C CG1 . ILE A 1 63  ? -6.043  1.731   -11.659 1.00 32.20 ? 157 ILE D CG1 1 
ATOM   466  C CG2 . ILE A 1 63  ? -5.040  0.695   -13.509 1.00 27.40 ? 157 ILE D CG2 1 
ATOM   467  C CD1 . ILE A 1 63  ? -7.044  0.647   -11.309 1.00 31.83 ? 157 ILE D CD1 1 
ATOM   468  N N   . CYS A 1 64  ? -3.022  2.824   -14.648 1.00 27.14 ? 158 CYS D N   1 
ATOM   469  C CA  . CYS A 1 64  ? -2.244  2.496   -15.823 1.00 30.04 ? 158 CYS D CA  1 
ATOM   470  C C   . CYS A 1 64  ? -1.898  1.039   -15.740 1.00 31.95 ? 158 CYS D C   1 
ATOM   471  O O   . CYS A 1 64  ? -1.207  0.605   -14.789 1.00 30.79 ? 158 CYS D O   1 
ATOM   472  C CB  . CYS A 1 64  ? -0.999  3.326   -15.922 1.00 31.64 ? 158 CYS D CB  1 
ATOM   473  S SG  . CYS A 1 64  ? -1.365  5.015   -16.231 1.00 31.14 ? 158 CYS D SG  1 
ATOM   474  N N   . LYS A 1 65  ? -2.425  0.265   -16.708 1.00 33.34 ? 159 LYS D N   1 
ATOM   475  C CA  . LYS A 1 65  ? -2.299  -1.186  -16.724 1.00 39.57 ? 159 LYS D CA  1 
ATOM   476  C C   . LYS A 1 65  ? -0.919  -1.740  -16.472 1.00 34.11 ? 159 LYS D C   1 
ATOM   477  O O   . LYS A 1 65  ? -0.808  -2.760  -15.784 1.00 38.94 ? 159 LYS D O   1 
ATOM   478  C CB  . LYS A 1 65  ? -2.851  -1.810  -18.030 1.00 39.00 ? 159 LYS D CB  1 
ATOM   479  C CG  . LYS A 1 65  ? -2.142  -1.441  -19.296 1.00 45.68 ? 159 LYS D CG  1 
ATOM   480  C CD  . LYS A 1 65  ? -2.991  -1.875  -20.503 1.00 48.03 ? 159 LYS D CD  1 
ATOM   481  N N   . ASP A 1 66  ? 0.119   -1.103  -16.995 1.00 35.42 ? 160 ASP D N   1 
ATOM   482  C CA  . ASP A 1 66  ? 1.481   -1.632  -16.844 1.00 35.61 ? 160 ASP D CA  1 
ATOM   483  C C   . ASP A 1 66  ? 2.270   -0.989  -15.722 1.00 32.35 ? 160 ASP D C   1 
ATOM   484  O O   . ASP A 1 66  ? 3.446   -1.263  -15.580 1.00 35.90 ? 160 ASP D O   1 
ATOM   485  C CB  . ASP A 1 66  ? 2.242   -1.410  -18.135 1.00 42.96 ? 160 ASP D CB  1 
ATOM   486  C CG  . ASP A 1 66  ? 1.589   -2.124  -19.288 1.00 50.61 ? 160 ASP D CG  1 
ATOM   487  O OD1 . ASP A 1 66  ? 1.257   -3.323  -19.099 1.00 51.17 ? 160 ASP D OD1 1 
ATOM   488  O OD2 . ASP A 1 66  ? 1.336   -1.472  -20.313 1.00 55.38 ? 160 ASP D OD2 1 
ATOM   489  N N   . ASP A 1 67  ? 1.632   -0.127  -14.941 1.00 30.90 ? 161 ASP D N   1 
ATOM   490  C CA  . ASP A 1 67  ? 2.324   0.596   -13.837 1.00 26.60 ? 161 ASP D CA  1 
ATOM   491  C C   . ASP A 1 67  ? 1.876   0.022   -12.480 1.00 24.12 ? 161 ASP D C   1 
ATOM   492  O O   . ASP A 1 67  ? 0.851   0.455   -11.891 1.00 24.31 ? 161 ASP D O   1 
ATOM   493  C CB  . ASP A 1 67  ? 2.049   2.154   -13.825 1.00 23.92 ? 161 ASP D CB  1 
ATOM   494  C CG  . ASP A 1 67  ? 2.548   2.888   -15.030 1.00 32.07 ? 161 ASP D CG  1 
ATOM   495  O OD1 . ASP A 1 67  ? 3.273   2.256   -15.797 1.00 30.52 ? 161 ASP D OD1 1 
ATOM   496  O OD2 . ASP A 1 67  ? 2.260   4.115   -15.155 1.00 27.57 ? 161 ASP D OD2 1 
ATOM   497  N N   . TYR A 1 68  ? 2.676   -0.899  -11.961 1.00 26.48 ? 162 TYR D N   1 
ATOM   498  C CA  . TYR A 1 68  ? 2.377   -1.547  -10.690 1.00 26.34 ? 162 TYR D CA  1 
ATOM   499  C C   . TYR A 1 68  ? 3.619   -2.155  -10.100 1.00 30.11 ? 162 TYR D C   1 
ATOM   500  O O   . TYR A 1 68  ? 4.638   -2.340  -10.804 1.00 30.00 ? 162 TYR D O   1 
ATOM   501  C CB  . TYR A 1 68  ? 1.246   -2.565  -10.867 1.00 25.97 ? 162 TYR D CB  1 
ATOM   502  C CG  . TYR A 1 68  ? 1.548   -3.711  -11.867 1.00 27.84 ? 162 TYR D CG  1 
ATOM   503  C CD1 . TYR A 1 68  ? 2.378   -4.781  -11.520 1.00 31.48 ? 162 TYR D CD1 1 
ATOM   504  C CD2 . TYR A 1 68  ? 1.015   -3.672  -13.174 1.00 34.68 ? 162 TYR D CD2 1 
ATOM   505  C CE1 . TYR A 1 68  ? 2.645   -5.815  -12.410 1.00 36.95 ? 162 TYR D CE1 1 
ATOM   506  C CE2 . TYR A 1 68  ? 1.294   -4.723  -14.077 1.00 38.63 ? 162 TYR D CE2 1 
ATOM   507  C CZ  . TYR A 1 68  ? 2.116   -5.778  -13.672 1.00 42.30 ? 162 TYR D CZ  1 
ATOM   508  O OH  . TYR A 1 68  ? 2.436   -6.826  -14.504 1.00 47.68 ? 162 TYR D OH  1 
ATOM   509  N N   . ILE A 1 69  ? 3.571   -2.449  -8.809  1.00 25.42 ? 163 ILE D N   1 
ATOM   510  C CA  . ILE A 1 69  ? 4.523   -3.335  -8.139  1.00 30.67 ? 163 ILE D CA  1 
ATOM   511  C C   . ILE A 1 69  ? 3.814   -4.552  -7.639  1.00 27.53 ? 163 ILE D C   1 
ATOM   512  O O   . ILE A 1 69  ? 2.776   -4.466  -7.022  1.00 25.38 ? 163 ILE D O   1 
ATOM   513  C CB  . ILE A 1 69  ? 5.184   -2.586  -6.965  1.00 32.25 ? 163 ILE D CB  1 
ATOM   514  C CG1 . ILE A 1 69  ? 6.095   -1.531  -7.581  1.00 37.46 ? 163 ILE D CG1 1 
ATOM   515  C CG2 . ILE A 1 69  ? 6.068   -3.515  -6.123  1.00 37.38 ? 163 ILE D CG2 1 
ATOM   516  C CD1 . ILE A 1 69  ? 6.317   -0.390  -6.648  1.00 37.37 ? 163 ILE D CD1 1 
ATOM   517  N N   . GLU A 1 70  ? 4.393   -5.720  -7.926  1.00 26.30 ? 164 GLU D N   1 
ATOM   518  C CA  . GLU A 1 70  ? 3.782   -6.966  -7.594  1.00 28.07 ? 164 GLU D CA  1 
ATOM   519  C C   . GLU A 1 70  ? 4.853   -7.709  -6.775  1.00 30.47 ? 164 GLU D C   1 
ATOM   520  O O   . GLU A 1 70  ? 6.012   -7.707  -7.150  1.00 34.40 ? 164 GLU D O   1 
ATOM   521  C CB  . GLU A 1 70  ? 3.417   -7.681  -8.876  1.00 33.65 ? 164 GLU D CB  1 
ATOM   522  C CG  . GLU A 1 70  ? 2.904   -9.079  -8.715  1.00 40.71 ? 164 GLU D CG  1 
ATOM   523  C CD  . GLU A 1 70  ? 2.463   -9.591  -10.069 1.00 45.55 ? 164 GLU D CD  1 
ATOM   524  O OE1 . GLU A 1 70  ? 3.329   -10.129 -10.810 1.00 51.63 ? 164 GLU D OE1 1 
ATOM   525  O OE2 . GLU A 1 70  ? 1.296   -9.355  -10.408 1.00 43.97 ? 164 GLU D OE2 1 
ATOM   526  N N   . LEU A 1 71  ? 4.452   -8.267  -5.664  1.00 27.93 ? 165 LEU D N   1 
ATOM   527  C CA  . LEU A 1 71  ? 5.296   -9.104  -4.859  1.00 31.77 ? 165 LEU D CA  1 
ATOM   528  C C   . LEU A 1 71  ? 4.567   -10.388 -4.522  1.00 29.50 ? 165 LEU D C   1 
ATOM   529  O O   . LEU A 1 71  ? 3.365   -10.416 -4.209  1.00 28.39 ? 165 LEU D O   1 
ATOM   530  C CB  . LEU A 1 71  ? 5.604   -8.410  -3.555  1.00 29.76 ? 165 LEU D CB  1 
ATOM   531  C CG  . LEU A 1 71  ? 6.355   -7.112  -3.649  1.00 34.29 ? 165 LEU D CG  1 
ATOM   532  C CD1 . LEU A 1 71  ? 6.555   -6.588  -2.213  1.00 31.65 ? 165 LEU D CD1 1 
ATOM   533  C CD2 . LEU A 1 71  ? 7.702   -7.257  -4.367  1.00 37.67 ? 165 LEU D CD2 1 
ATOM   534  N N   . ARG A 1 72  ? 5.349   -11.465 -4.437  1.00 33.53 ? 166 ARG D N   1 
ATOM   535  C CA  . ARG A 1 72  ? 4.801   -12.729 -4.000  1.00 38.64 ? 166 ARG D CA  1 
ATOM   536  C C   . ARG A 1 72  ? 5.363   -12.916 -2.624  1.00 37.24 ? 166 ARG D C   1 
ATOM   537  O O   . ARG A 1 72  ? 6.594   -12.946 -2.432  1.00 38.75 ? 166 ARG D O   1 
ATOM   538  C CB  . ARG A 1 72  ? 5.206   -13.908 -4.901  1.00 42.35 ? 166 ARG D CB  1 
ATOM   539  C CG  . ARG A 1 72  ? 4.859   -15.239 -4.256  1.00 43.40 ? 166 ARG D CG  1 
ATOM   540  N N   . ILE A 1 73  ? 4.467   -12.986 -1.664  1.00 30.28 ? 167 ILE D N   1 
ATOM   541  C CA  . ILE A 1 73  ? 4.803   -13.119 -0.322  1.00 35.30 ? 167 ILE D CA  1 
ATOM   542  C C   . ILE A 1 73  ? 4.130   -14.368 0.204   1.00 40.68 ? 167 ILE D C   1 
ATOM   543  O O   . ILE A 1 73  ? 2.871   -14.457 0.233   1.00 35.26 ? 167 ILE D O   1 
ATOM   544  C CB  . ILE A 1 73  ? 4.372   -11.887 0.452   1.00 41.20 ? 167 ILE D CB  1 
ATOM   545  C CG1 . ILE A 1 73  ? 5.207   -10.708 -0.099  1.00 44.64 ? 167 ILE D CG1 1 
ATOM   546  C CG2 . ILE A 1 73  ? 4.554   -12.099 1.973   1.00 40.28 ? 167 ILE D CG2 1 
ATOM   547  C CD1 . ILE A 1 73  ? 5.078   -9.433  0.668   1.00 44.41 ? 167 ILE D CD1 1 
ATOM   548  N N   . ASN A 1 74  ? 4.971   -15.346 0.578   1.00 34.86 ? 168 ASN D N   1 
ATOM   549  C CA  . ASN A 1 74  ? 4.469   -16.625 1.076   1.00 35.16 ? 168 ASN D CA  1 
ATOM   550  C C   . ASN A 1 74  ? 3.445   -17.186 0.191   1.00 33.77 ? 168 ASN D C   1 
ATOM   551  O O   . ASN A 1 74  ? 2.347   -17.502 0.643   1.00 40.88 ? 168 ASN D O   1 
ATOM   552  C CB  . ASN A 1 74  ? 3.890   -16.447 2.487   1.00 38.37 ? 168 ASN D CB  1 
ATOM   553  C CG  . ASN A 1 74  ? 4.961   -16.121 3.474   1.00 37.74 ? 168 ASN D CG  1 
ATOM   554  O OD1 . ASN A 1 74  ? 6.092   -16.666 3.369   1.00 40.28 ? 168 ASN D OD1 1 
ATOM   555  N ND2 . ASN A 1 74  ? 4.673   -15.215 4.414   1.00 40.92 ? 168 ASN D ND2 1 
ATOM   556  N N   . ASP A 1 75  ? 3.781   -17.260 -1.078  1.00 34.55 ? 169 ASP D N   1 
ATOM   557  C CA  . ASP A 1 75  ? 2.985   -18.013 -2.014  1.00 45.08 ? 169 ASP D CA  1 
ATOM   558  C C   . ASP A 1 75  ? 1.606   -17.302 -2.264  1.00 47.77 ? 169 ASP D C   1 
ATOM   559  O O   . ASP A 1 75  ? 0.632   -17.947 -2.643  1.00 53.34 ? 169 ASP D O   1 
ATOM   560  C CB  . ASP A 1 75  ? 2.827   -19.461 -1.467  1.00 48.72 ? 169 ASP D CB  1 
ATOM   561  C CG  . ASP A 1 75  ? 2.263   -20.416 -2.478  1.00 52.88 ? 169 ASP D CG  1 
ATOM   562  O OD1 . ASP A 1 75  ? 2.670   -20.284 -3.636  1.00 56.28 ? 169 ASP D OD1 1 
ATOM   563  O OD2 . ASP A 1 75  ? 1.417   -21.298 -2.125  1.00 59.50 ? 169 ASP D OD2 1 
ATOM   564  N N   . GLN A 1 76  ? 1.526   -15.987 -2.025  1.00 40.37 ? 170 GLN D N   1 
ATOM   565  C CA  . GLN A 1 76  ? 0.337   -15.164 -2.411  1.00 39.22 ? 170 GLN D CA  1 
ATOM   566  C C   . GLN A 1 76  ? 0.859   -13.910 -3.104  1.00 41.04 ? 170 GLN D C   1 
ATOM   567  O O   . GLN A 1 76  ? 1.886   -13.315 -2.704  1.00 35.18 ? 170 GLN D O   1 
ATOM   568  C CB  . GLN A 1 76  ? -0.529  -14.780 -1.242  1.00 35.15 ? 170 GLN D CB  1 
ATOM   569  N N   . LEU A 1 77  ? 0.169   -13.528 -4.160  1.00 35.97 ? 171 LEU D N   1 
ATOM   570  C CA  . LEU A 1 77  ? 0.591   -12.471 -4.980  1.00 37.08 ? 171 LEU D CA  1 
ATOM   571  C C   . LEU A 1 77  ? -0.159  -11.193 -4.577  1.00 34.51 ? 171 LEU D C   1 
ATOM   572  O O   . LEU A 1 77  ? -1.333  -11.240 -4.437  1.00 36.25 ? 171 LEU D O   1 
ATOM   573  C CB  . LEU A 1 77  ? 0.190   -12.837 -6.372  1.00 43.56 ? 171 LEU D CB  1 
ATOM   574  C CG  . LEU A 1 77  ? 0.780   -11.968 -7.420  1.00 47.88 ? 171 LEU D CG  1 
ATOM   575  C CD1 . LEU A 1 77  ? 2.163   -12.533 -7.772  1.00 57.10 ? 171 LEU D CD1 1 
ATOM   576  C CD2 . LEU A 1 77  ? -0.206  -11.936 -8.594  1.00 50.91 ? 171 LEU D CD2 1 
ATOM   577  N N   . ALA A 1 78  ? 0.540   -10.076 -4.387  1.00 30.09 ? 172 ALA D N   1 
ATOM   578  C CA  . ALA A 1 78  ? -0.097  -8.779  -4.106  1.00 28.29 ? 172 ALA D CA  1 
ATOM   579  C C   . ALA A 1 78  ? 0.408   -7.836  -5.160  1.00 28.76 ? 172 ALA D C   1 
ATOM   580  O O   . ALA A 1 78  ? 1.632   -7.627  -5.287  1.00 29.25 ? 172 ALA D O   1 
ATOM   581  C CB  . ALA A 1 78  ? 0.254   -8.264  -2.675  1.00 28.88 ? 172 ALA D CB  1 
ATOM   582  N N   . ARG A 1 79  ? -0.511  -7.217  -5.911  1.00 26.21 ? 173 ARG D N   1 
ATOM   583  C CA  . ARG A 1 79  ? -0.151  -6.263  -6.923  1.00 25.95 ? 173 ARG D CA  1 
ATOM   584  C C   . ARG A 1 79  ? -0.785  -4.893  -6.627  1.00 24.16 ? 173 ARG D C   1 
ATOM   585  O O   . ARG A 1 79  ? -2.022  -4.772  -6.375  1.00 24.40 ? 173 ARG D O   1 
ATOM   586  C CB  . ARG A 1 79  ? -0.620  -6.717  -8.292  1.00 27.75 ? 173 ARG D CB  1 
ATOM   587  C CG  . ARG A 1 79  ? -0.386  -5.658  -9.365  1.00 29.69 ? 173 ARG D CG  1 
ATOM   588  C CD  . ARG A 1 79  ? -1.092  -6.004  -10.652 1.00 32.27 ? 173 ARG D CD  1 
ATOM   589  N NE  . ARG A 1 79  ? -0.501  -7.211  -11.187 1.00 33.50 ? 173 ARG D NE  1 
ATOM   590  C CZ  . ARG A 1 79  ? -0.958  -7.826  -12.274 1.00 41.75 ? 173 ARG D CZ  1 
ATOM   591  N NH1 . ARG A 1 79  ? -2.009  -7.345  -12.921 1.00 43.18 ? 173 ARG D NH1 1 
ATOM   592  N NH2 . ARG A 1 79  ? -0.350  -8.914  -12.710 1.00 48.66 ? 173 ARG D NH2 1 
ATOM   593  N N   . LEU A 1 80  ? 0.087   -3.863  -6.542  1.00 25.38 ? 174 LEU D N   1 
ATOM   594  C CA  . LEU A 1 80  ? -0.366  -2.517  -6.236  1.00 19.83 ? 174 LEU D CA  1 
ATOM   595  C C   . LEU A 1 80  ? -0.129  -1.613  -7.419  1.00 19.25 ? 174 LEU D C   1 
ATOM   596  O O   . LEU A 1 80  ? 1.012   -1.415  -7.857  1.00 21.05 ? 174 LEU D O   1 
ATOM   597  C CB  . LEU A 1 80  ? 0.327   -1.874  -5.002  1.00 21.72 ? 174 LEU D CB  1 
ATOM   598  C CG  . LEU A 1 80  ? 0.179   -2.678  -3.727  1.00 21.40 ? 174 LEU D CG  1 
ATOM   599  C CD1 . LEU A 1 80  ? 1.031   -2.105  -2.631  1.00 21.50 ? 174 LEU D CD1 1 
ATOM   600  C CD2 . LEU A 1 80  ? -1.318  -2.843  -3.281  1.00 23.68 ? 174 LEU D CD2 1 
ATOM   601  N N   . TYR A 1 81  ? -1.204  -1.086  -7.969  1.00 21.91 ? 175 TYR D N   1 
ATOM   602  C CA  . TYR A 1 81  ? -1.097  -0.161  -9.083  1.00 19.88 ? 175 TYR D CA  1 
ATOM   603  C C   . TYR A 1 81  ? -0.587  1.167   -8.598  1.00 22.50 ? 175 TYR D C   1 
ATOM   604  O O   . TYR A 1 81  ? -0.978  1.654   -7.537  1.00 21.10 ? 175 TYR D O   1 
ATOM   605  C CB  . TYR A 1 81  ? -2.446  0.005   -9.768  1.00 21.52 ? 175 TYR D CB  1 
ATOM   606  C CG  . TYR A 1 81  ? -2.840  -1.203  -10.507 1.00 22.59 ? 175 TYR D CG  1 
ATOM   607  C CD1 . TYR A 1 81  ? -2.331  -1.419  -11.823 1.00 26.64 ? 175 TYR D CD1 1 
ATOM   608  C CD2 . TYR A 1 81  ? -3.603  -2.182  -9.923  1.00 25.98 ? 175 TYR D CD2 1 
ATOM   609  C CE1 . TYR A 1 81  ? -2.677  -2.554  -12.511 1.00 29.66 ? 175 TYR D CE1 1 
ATOM   610  C CE2 . TYR A 1 81  ? -3.902  -3.335  -10.593 1.00 27.50 ? 175 TYR D CE2 1 
ATOM   611  C CZ  . TYR A 1 81  ? -3.405  -3.503  -11.890 1.00 29.44 ? 175 TYR D CZ  1 
ATOM   612  O OH  . TYR A 1 81  ? -3.684  -4.612  -12.614 1.00 32.51 ? 175 TYR D OH  1 
ATOM   613  N N   . ILE A 1 82  ? 0.345   1.761   -9.324  1.00 19.67 ? 176 ILE D N   1 
ATOM   614  C CA  . ILE A 1 82  ? 0.889   3.051   -8.969  1.00 20.58 ? 176 ILE D CA  1 
ATOM   615  C C   . ILE A 1 82  ? 0.120   4.234   -9.530  1.00 21.34 ? 176 ILE D C   1 
ATOM   616  O O   . ILE A 1 82  ? -0.123  4.280   -10.732 1.00 22.43 ? 176 ILE D O   1 
ATOM   617  C CB  . ILE A 1 82  ? 2.396   3.112   -9.353  1.00 22.87 ? 176 ILE D CB  1 
ATOM   618  C CG1 . ILE A 1 82  ? 3.169   1.989   -8.587  1.00 25.86 ? 176 ILE D CG1 1 
ATOM   619  C CG2 . ILE A 1 82  ? 2.980   4.454   -9.058  1.00 22.17 ? 176 ILE D CG2 1 
ATOM   620  C CD1 . ILE A 1 82  ? 4.495   1.702   -9.237  1.00 33.53 ? 176 ILE D CD1 1 
ATOM   621  N N   . ILE A 1 83  ? -0.328  5.117   -8.660  1.00 18.95 ? 177 ILE D N   1 
ATOM   622  C CA  . ILE A 1 83  ? -1.284  6.207   -8.918  1.00 19.91 ? 177 ILE D CA  1 
ATOM   623  C C   . ILE A 1 83  ? -0.678  7.537   -8.457  1.00 19.58 ? 177 ILE D C   1 
ATOM   624  O O   . ILE A 1 83  ? -0.982  8.026   -7.354  1.00 19.19 ? 177 ILE D O   1 
ATOM   625  C CB  . ILE A 1 83  ? -2.682  5.965   -8.307  1.00 20.30 ? 177 ILE D CB  1 
ATOM   626  C CG1 . ILE A 1 83  ? -3.174  4.555   -8.595  1.00 22.21 ? 177 ILE D CG1 1 
ATOM   627  C CG2 . ILE A 1 83  ? -3.663  7.062   -8.790  1.00 21.07 ? 177 ILE D CG2 1 
ATOM   628  C CD1 . ILE A 1 83  ? -3.666  4.279   -9.990  1.00 23.06 ? 177 ILE D CD1 1 
ATOM   629  N N   . PRO A 1 84  ? 0.151   8.185   -9.289  1.00 19.46 ? 178 PRO D N   1 
ATOM   630  C CA  . PRO A 1 84  ? 0.791   9.459   -8.847  1.00 19.92 ? 178 PRO D CA  1 
ATOM   631  C C   . PRO A 1 84  ? -0.075  10.628  -9.021  1.00 20.02 ? 178 PRO D C   1 
ATOM   632  O O   . PRO A 1 84  ? -1.087  10.568  -9.733  1.00 21.43 ? 178 PRO D O   1 
ATOM   633  C CB  . PRO A 1 84  ? 1.980   9.627   -9.792  1.00 23.68 ? 178 PRO D CB  1 
ATOM   634  C CG  . PRO A 1 84  ? 2.095   8.334   -10.483 1.00 25.97 ? 178 PRO D CG  1 
ATOM   635  C CD  . PRO A 1 84  ? 0.777   7.659   -10.507 1.00 21.96 ? 178 PRO D CD  1 
ATOM   636  N N   . GLY A 1 85  ? 0.292   11.715  -8.377  1.00 21.43 ? 179 GLY D N   1 
ATOM   637  C CA  . GLY A 1 85  ? -0.319  12.989  -8.665  1.00 22.80 ? 179 GLY D CA  1 
ATOM   638  C C   . GLY A 1 85  ? -1.656  13.291  -8.040  1.00 24.57 ? 179 GLY D C   1 
ATOM   639  O O   . GLY A 1 85  ? -2.428  14.041  -8.570  1.00 25.18 ? 179 GLY D O   1 
ATOM   640  N N   . ILE A 1 86  ? -1.992  12.632  -6.955  1.00 20.74 ? 180 ILE D N   1 
ATOM   641  C CA  . ILE A 1 86  ? -3.272  12.836  -6.282  1.00 20.59 ? 180 ILE D CA  1 
ATOM   642  C C   . ILE A 1 86  ? -3.038  13.912  -5.200  1.00 23.73 ? 180 ILE D C   1 
ATOM   643  O O   . ILE A 1 86  ? -2.183  13.772  -4.343  1.00 22.41 ? 180 ILE D O   1 
ATOM   644  C CB  . ILE A 1 86  ? -3.809  11.547  -5.662  1.00 21.17 ? 180 ILE D CB  1 
ATOM   645  C CG1 . ILE A 1 86  ? -3.929  10.430  -6.692  1.00 21.73 ? 180 ILE D CG1 1 
ATOM   646  C CG2 . ILE A 1 86  ? -5.113  11.828  -4.916  1.00 23.64 ? 180 ILE D CG2 1 
ATOM   647  C CD1 . ILE A 1 86  ? -4.665  10.854  -7.981  1.00 22.15 ? 180 ILE D CD1 1 
ATOM   648  N N   . PRO A 1 87  ? -3.814  15.021  -5.228  1.00 25.57 ? 181 PRO D N   1 
ATOM   649  C CA  . PRO A 1 87  ? -3.510  16.100  -4.285  1.00 28.59 ? 181 PRO D CA  1 
ATOM   650  C C   . PRO A 1 87  ? -3.606  15.724  -2.854  1.00 26.08 ? 181 PRO D C   1 
ATOM   651  O O   . PRO A 1 87  ? -4.554  14.960  -2.432  1.00 25.40 ? 181 PRO D O   1 
ATOM   652  C CB  . PRO A 1 87  ? -4.582  17.215  -4.608  1.00 32.87 ? 181 PRO D CB  1 
ATOM   653  C CG  . PRO A 1 87  ? -4.970  16.920  -5.993  1.00 33.88 ? 181 PRO D CG  1 
ATOM   654  C CD  . PRO A 1 87  ? -4.863  15.394  -6.186  1.00 31.10 ? 181 PRO D CD  1 
ATOM   655  N N   . LYS A 1 88  ? -2.714  16.359  -2.084  1.00 27.53 ? 182 LYS D N   1 
ATOM   656  C CA  . LYS A 1 88  ? -2.585  16.105  -0.710  1.00 31.26 ? 182 LYS D CA  1 
ATOM   657  C C   . LYS A 1 88  ? -3.827  16.555  0.032   1.00 30.14 ? 182 LYS D C   1 
ATOM   658  O O   . LYS A 1 88  ? -4.076  16.073  1.122   1.00 33.31 ? 182 LYS D O   1 
ATOM   659  C CB  . LYS A 1 88  ? -1.248  16.677  -0.119  1.00 39.33 ? 182 LYS D CB  1 
ATOM   660  C CG  . LYS A 1 88  ? -0.255  15.612  0.384   1.00 44.38 ? 182 LYS D CG  1 
ATOM   661  C CD  . LYS A 1 88  ? 0.936   16.216  1.158   1.00 43.71 ? 182 LYS D CD  1 
ATOM   662  N N   . ASP A 1 89  ? -4.644  17.453  -0.557  1.00 30.84 ? 183 ASP D N   1 
ATOM   663  C CA  . ASP A 1 89  ? -5.882  17.889  0.123   1.00 31.36 ? 183 ASP D CA  1 
ATOM   664  C C   . ASP A 1 89  ? -7.152  17.088  -0.212  1.00 34.01 ? 183 ASP D C   1 
ATOM   665  O O   . ASP A 1 89  ? -8.282  17.429  0.208   1.00 30.74 ? 183 ASP D O   1 
ATOM   666  C CB  . ASP A 1 89  ? -6.062  19.406  -0.071  1.00 36.12 ? 183 ASP D CB  1 
ATOM   667  C CG  . ASP A 1 89  ? -6.156  19.805  -1.521  1.00 40.49 ? 183 ASP D CG  1 
ATOM   668  O OD1 . ASP A 1 89  ? -6.389  18.944  -2.391  1.00 41.86 ? 183 ASP D OD1 1 
ATOM   669  O OD2 . ASP A 1 89  ? -6.030  20.998  -1.810  1.00 50.18 ? 183 ASP D OD2 1 
ATOM   670  N N   . THR A 1 90  ? -6.983  15.980  -0.929  1.00 31.70 ? 184 THR D N   1 
ATOM   671  C CA  . THR A 1 90  ? -8.075  15.098  -1.201  1.00 30.22 ? 184 THR D CA  1 
ATOM   672  C C   . THR A 1 90  ? -8.706  14.588  0.088   1.00 33.84 ? 184 THR D C   1 
ATOM   673  O O   . THR A 1 90  ? -8.017  14.232  1.049   1.00 32.40 ? 184 THR D O   1 
ATOM   674  C CB  . THR A 1 90  ? -7.605  13.912  -2.072  1.00 28.09 ? 184 THR D CB  1 
ATOM   675  O OG1 . THR A 1 90  ? -6.961  14.439  -3.264  1.00 30.22 ? 184 THR D OG1 1 
ATOM   676  C CG2 . THR A 1 90  ? -8.794  12.951  -2.407  1.00 29.36 ? 184 THR D CG2 1 
ATOM   677  N N   . LYS A 1 91  ? -10.022 14.573  0.123   1.00 32.24 ? 185 LYS D N   1 
ATOM   678  C CA  . LYS A 1 91  ? -10.764 14.064  1.268   1.00 35.65 ? 185 LYS D CA  1 
ATOM   679  C C   . LYS A 1 91  ? -10.995 12.590  1.094   1.00 33.85 ? 185 LYS D C   1 
ATOM   680  O O   . LYS A 1 91  ? -11.584 12.181  0.113   1.00 36.37 ? 185 LYS D O   1 
ATOM   681  C CB  . LYS A 1 91  ? -12.128 14.796  1.315   1.00 39.32 ? 185 LYS D CB  1 
ATOM   682  C CG  . LYS A 1 91  ? -11.921 16.290  1.475   1.00 38.35 ? 185 LYS D CG  1 
ATOM   683  C CD  . LYS A 1 91  ? -11.301 16.643  2.831   1.00 40.10 ? 185 LYS D CD  1 
ATOM   684  N N   . PHE A 1 92  ? -10.464 11.796  2.021   1.00 30.94 ? 186 PHE D N   1 
ATOM   685  C CA  . PHE A 1 92  ? -10.497 10.366  1.970   1.00 30.38 ? 186 PHE D CA  1 
ATOM   686  C C   . PHE A 1 92  ? -11.301 9.944   3.171   1.00 34.96 ? 186 PHE D C   1 
ATOM   687  O O   . PHE A 1 92  ? -11.065 10.438  4.262   1.00 39.49 ? 186 PHE D O   1 
ATOM   688  C CB  . PHE A 1 92  ? -9.125  9.735   2.170   1.00 28.62 ? 186 PHE D CB  1 
ATOM   689  C CG  . PHE A 1 92  ? -8.155  10.058  1.080   1.00 26.11 ? 186 PHE D CG  1 
ATOM   690  C CD1 . PHE A 1 92  ? -8.276  9.409   -0.155  1.00 25.82 ? 186 PHE D CD1 1 
ATOM   691  C CD2 . PHE A 1 92  ? -7.148  10.980  1.265   1.00 25.78 ? 186 PHE D CD2 1 
ATOM   692  C CE1 . PHE A 1 92  ? -7.433  9.675   -1.192  1.00 26.94 ? 186 PHE D CE1 1 
ATOM   693  C CE2 . PHE A 1 92  ? -6.255  11.244  0.233   1.00 27.32 ? 186 PHE D CE2 1 
ATOM   694  C CZ  . PHE A 1 92  ? -6.403  10.605  -1.000  1.00 24.68 ? 186 PHE D CZ  1 
ATOM   695  N N   . ASN A 1 93  ? -12.181 8.996   2.946   1.00 34.29 ? 187 ASN D N   1 
ATOM   696  C CA  . ASN A 1 93  ? -13.126 8.492   3.937   1.00 40.99 ? 187 ASN D CA  1 
ATOM   697  C C   . ASN A 1 93  ? -13.451 7.063   3.620   1.00 36.06 ? 187 ASN D C   1 
ATOM   698  O O   . ASN A 1 93  ? -13.934 6.787   2.529   1.00 40.31 ? 187 ASN D O   1 
ATOM   699  C CB  . ASN A 1 93  ? -14.397 9.316   3.815   1.00 44.83 ? 187 ASN D CB  1 
ATOM   700  C CG  . ASN A 1 93  ? -14.227 10.704  4.369   1.00 53.99 ? 187 ASN D CG  1 
ATOM   701  O OD1 . ASN A 1 93  ? -14.316 11.714  3.655   1.00 57.05 ? 187 ASN D OD1 1 
ATOM   702  N ND2 . ASN A 1 93  ? -13.943 10.766  5.668   1.00 60.69 ? 187 ASN D ND2 1 
ATOM   703  N N   . PRO A 1 94  ? -13.198 6.118   4.549   1.00 38.16 ? 188 PRO D N   1 
ATOM   704  C CA  . PRO A 1 94  ? -13.542 4.769   4.201   1.00 36.10 ? 188 PRO D CA  1 
ATOM   705  C C   . PRO A 1 94  ? -15.042 4.511   4.184   1.00 43.84 ? 188 PRO D C   1 
ATOM   706  O O   . PRO A 1 94  ? -15.842 5.281   4.735   1.00 40.01 ? 188 PRO D O   1 
ATOM   707  C CB  . PRO A 1 94  ? -12.890 3.924   5.320   1.00 38.48 ? 188 PRO D CB  1 
ATOM   708  C CG  . PRO A 1 94  ? -12.886 4.839   6.484   1.00 38.93 ? 188 PRO D CG  1 
ATOM   709  C CD  . PRO A 1 94  ? -12.673 6.213   5.931   1.00 40.80 ? 188 PRO D CD  1 
ATOM   710  N N   . LYS A 1 95  ? -15.384 3.394   3.556   1.00 39.96 ? 189 LYS D N   1 
ATOM   711  C CA  . LYS A 1 95  ? -16.721 2.799   3.567   1.00 40.66 ? 189 LYS D CA  1 
ATOM   712  C C   . LYS A 1 95  ? -17.222 2.570   4.993   1.00 45.14 ? 189 LYS D C   1 
ATOM   713  O O   . LYS A 1 95  ? -18.284 3.046   5.357   1.00 48.09 ? 189 LYS D O   1 
ATOM   714  C CB  . LYS A 1 95  ? -16.633 1.420   2.981   1.00 33.57 ? 189 LYS D CB  1 
ATOM   715  N N   . THR A 1 96  ? -16.460 1.808   5.786   1.00 46.07 ? 190 THR D N   1 
ATOM   716  C CA  . THR A 1 96  ? -16.843 1.584   7.210   1.00 42.27 ? 190 THR D CA  1 
ATOM   717  C C   . THR A 1 96  ? -15.617 1.697   8.082   1.00 38.52 ? 190 THR D C   1 
ATOM   718  O O   . THR A 1 96  ? -14.490 1.173   7.737   1.00 40.17 ? 190 THR D O   1 
ATOM   719  C CB  . THR A 1 96  ? -17.608 0.253   7.472   1.00 42.81 ? 190 THR D CB  1 
ATOM   720  O OG1 . THR A 1 96  ? -18.165 0.285   8.798   1.00 47.30 ? 190 THR D OG1 1 
ATOM   721  C CG2 . THR A 1 96  ? -16.752 -1.040  7.283   1.00 40.53 ? 190 THR D CG2 1 
ATOM   722  N N   . ARG A 1 97  ? -15.840 2.475   9.149   1.00 36.55 ? 191 ARG D N   1 
ATOM   723  C CA  . ARG A 1 97  ? -14.896 2.662   10.183  1.00 42.15 ? 191 ARG D CA  1 
ATOM   724  C C   . ARG A 1 97  ? -14.748 1.306   10.881  1.00 33.29 ? 191 ARG D C   1 
ATOM   725  O O   . ARG A 1 97  ? -13.820 1.155   11.653  1.00 34.93 ? 191 ARG D O   1 
ATOM   726  C CB  . ARG A 1 97  ? -15.290 3.844   11.136  1.00 43.62 ? 191 ARG D CB  1 
ATOM   727  C CG  . ARG A 1 97  ? -15.335 5.261   10.487  1.00 47.52 ? 191 ARG D CG  1 
ATOM   728  C CD  . ARG A 1 97  ? -13.949 5.825   10.065  1.00 49.83 ? 191 ARG D CD  1 
ATOM   729  N NE  . ARG A 1 97  ? -12.842 5.673   11.053  1.00 44.23 ? 191 ARG D NE  1 
ATOM   730  C CZ  . ARG A 1 97  ? -12.787 6.243   12.283  1.00 45.66 ? 191 ARG D CZ  1 
ATOM   731  N NH1 . ARG A 1 97  ? -13.795 7.017   12.777  1.00 42.97 ? 191 ARG D NH1 1 
ATOM   732  N NH2 . ARG A 1 97  ? -11.703 6.024   13.051  1.00 38.88 ? 191 ARG D NH2 1 
ATOM   733  N N   . ARG A 1 98  ? -15.580 0.283   10.561  1.00 37.05 ? 192 ARG D N   1 
ATOM   734  C CA  . ARG A 1 98  ? -15.422 -1.031  11.182  1.00 34.84 ? 192 ARG D CA  1 
ATOM   735  C C   . ARG A 1 98  ? -14.203 -1.733  10.672  1.00 27.14 ? 192 ARG D C   1 
ATOM   736  O O   . ARG A 1 98  ? -13.738 -2.670  11.290  1.00 26.98 ? 192 ARG D O   1 
ATOM   737  C CB  . ARG A 1 98  ? -16.664 -1.939  10.994  1.00 41.66 ? 192 ARG D CB  1 
ATOM   738  C CG  . ARG A 1 98  ? -17.921 -1.402  11.650  1.00 46.79 ? 192 ARG D CG  1 
ATOM   739  C CD  . ARG A 1 98  ? -19.172 -2.184  11.196  1.00 55.65 ? 192 ARG D CD  1 
ATOM   740  N NE  . ARG A 1 98  ? -19.797 -2.875  12.302  1.00 64.77 ? 192 ARG D NE  1 
ATOM   741  C CZ  . ARG A 1 98  ? -20.560 -2.292  13.223  1.00 66.55 ? 192 ARG D CZ  1 
ATOM   742  N NH1 . ARG A 1 98  ? -20.835 -0.988  13.181  1.00 67.68 ? 192 ARG D NH1 1 
ATOM   743  N NH2 . ARG A 1 98  ? -21.051 -3.023  14.198  1.00 62.65 ? 192 ARG D NH2 1 
ATOM   744  N N   . GLU A 1 99  ? -13.643 -1.270  9.515   1.00 30.51 ? 193 GLU D N   1 
ATOM   745  C CA  . GLU A 1 99  ? -12.470 -1.880  8.957   1.00 27.10 ? 193 GLU D CA  1 
ATOM   746  C C   . GLU A 1 99  ? -11.185 -1.001  8.975   1.00 23.87 ? 193 GLU D C   1 
ATOM   747  O O   . GLU A 1 99  ? -10.085 -1.530  9.161   1.00 24.45 ? 193 GLU D O   1 
ATOM   748  C CB  . GLU A 1 99  ? -12.844 -2.324  7.504   1.00 36.17 ? 193 GLU D CB  1 
ATOM   749  C CG  . GLU A 1 99  ? -14.037 -3.305  7.532   1.00 43.13 ? 193 GLU D CG  1 
ATOM   750  C CD  . GLU A 1 99  ? -14.265 -4.091  6.243   1.00 53.67 ? 193 GLU D CD  1 
ATOM   751  O OE1 . GLU A 1 99  ? -13.372 -4.898  5.887   1.00 54.02 ? 193 GLU D OE1 1 
ATOM   752  O OE2 . GLU A 1 99  ? -15.361 -3.939  5.631   1.00 64.48 ? 193 GLU D OE2 1 
ATOM   753  N N   . ILE A 1 100 ? -11.359 0.295   8.832   1.00 20.40 ? 194 ILE D N   1 
ATOM   754  C CA  . ILE A 1 100 ? -10.242 1.246   8.689   1.00 22.35 ? 194 ILE D CA  1 
ATOM   755  C C   . ILE A 1 100 ? -10.317 2.285   9.819   1.00 22.33 ? 194 ILE D C   1 
ATOM   756  O O   . ILE A 1 100 ? -11.279 3.107   9.937   1.00 24.41 ? 194 ILE D O   1 
ATOM   757  C CB  . ILE A 1 100 ? -10.245 1.955   7.315   1.00 23.52 ? 194 ILE D CB  1 
ATOM   758  C CG1 . ILE A 1 100 ? -10.073 0.950   6.132   1.00 25.23 ? 194 ILE D CG1 1 
ATOM   759  C CG2 . ILE A 1 100 ? -9.143  3.006   7.244   1.00 23.92 ? 194 ILE D CG2 1 
ATOM   760  C CD1 . ILE A 1 100 ? -8.790  0.138   6.123   1.00 24.65 ? 194 ILE D CD1 1 
ATOM   761  N N   . ARG A 1 101 ? -9.280  2.239   10.642  1.00 23.98 ? 195 ARG D N   1 
ATOM   762  C CA  . ARG A 1 101 ? -9.113  3.236   11.701  1.00 24.10 ? 195 ARG D CA  1 
ATOM   763  C C   . ARG A 1 101 ? -8.731  4.604   11.228  1.00 24.26 ? 195 ARG D C   1 
ATOM   764  O O   . ARG A 1 101 ? -9.322  5.599   11.648  1.00 24.39 ? 195 ARG D O   1 
ATOM   765  C CB  . ARG A 1 101 ? -8.058  2.768   12.744  1.00 22.53 ? 195 ARG D CB  1 
ATOM   766  C CG  . ARG A 1 101 ? -8.139  3.573   14.013  1.00 23.81 ? 195 ARG D CG  1 
ATOM   767  C CD  . ARG A 1 101 ? -6.928  3.501   14.901  1.00 22.03 ? 195 ARG D CD  1 
ATOM   768  N NE  . ARG A 1 101 ? -6.757  2.168   15.391  1.00 20.61 ? 195 ARG D NE  1 
ATOM   769  C CZ  . ARG A 1 101 ? -7.443  1.662   16.456  1.00 25.74 ? 195 ARG D CZ  1 
ATOM   770  N NH1 . ARG A 1 101 ? -8.287  2.409   17.160  1.00 20.97 ? 195 ARG D NH1 1 
ATOM   771  N NH2 . ARG A 1 101 ? -7.277  0.395   16.813  1.00 23.59 ? 195 ARG D NH2 1 
ATOM   772  N N   . ASN A 1 102 ? -7.771  4.725   10.287  1.00 21.01 ? 196 ASN D N   1 
ATOM   773  C CA  . ASN A 1 102 ? -7.327  6.012   9.901   1.00 22.22 ? 196 ASN D CA  1 
ATOM   774  C C   . ASN A 1 102 ? -6.594  5.873   8.536   1.00 22.98 ? 196 ASN D C   1 
ATOM   775  O O   . ASN A 1 102 ? -6.357  4.765   8.080   1.00 22.73 ? 196 ASN D O   1 
ATOM   776  C CB  . ASN A 1 102 ? -6.318  6.504   10.905  1.00 23.30 ? 196 ASN D CB  1 
ATOM   777  C CG  . ASN A 1 102 ? -6.153  7.993   10.937  1.00 30.92 ? 196 ASN D CG  1 
ATOM   778  O OD1 . ASN A 1 102 ? -6.674  8.745   10.097  1.00 29.66 ? 196 ASN D OD1 1 
ATOM   779  N ND2 . ASN A 1 102 ? -5.287  8.433   11.873  1.00 35.95 ? 196 ASN D ND2 1 
ATOM   780  N N   . ILE A 1 103 ? -6.413  7.018   7.898   1.00 21.07 ? 197 ILE D N   1 
ATOM   781  C CA  . ILE A 1 103 ? -5.875  7.137   6.546   1.00 21.35 ? 197 ILE D CA  1 
ATOM   782  C C   . ILE A 1 103 ? -4.960  8.338   6.582   1.00 22.80 ? 197 ILE D C   1 
ATOM   783  O O   . ILE A 1 103 ? -5.385  9.446   7.019   1.00 22.42 ? 197 ILE D O   1 
ATOM   784  C CB  . ILE A 1 103 ? -6.980  7.423   5.505   1.00 22.54 ? 197 ILE D CB  1 
ATOM   785  C CG1 . ILE A 1 103 ? -7.979  6.323   5.414   1.00 22.84 ? 197 ILE D CG1 1 
ATOM   786  C CG2 . ILE A 1 103 ? -6.306  7.564   4.107   1.00 20.52 ? 197 ILE D CG2 1 
ATOM   787  C CD1 . ILE A 1 103 ? -9.224  6.587   4.633   1.00 24.88 ? 197 ILE D CD1 1 
ATOM   788  N N   . GLU A 1 104 ? -3.697  8.199   6.176   1.00 20.74 ? 198 GLU D N   1 
ATOM   789  C CA  . GLU A 1 104 ? -2.734  9.284   6.324   1.00 22.35 ? 198 GLU D CA  1 
ATOM   790  C C   . GLU A 1 104 ? -1.738  9.220   5.188   1.00 20.91 ? 198 GLU D C   1 
ATOM   791  O O   . GLU A 1 104 ? -1.373  8.117   4.712   1.00 19.59 ? 198 GLU D O   1 
ATOM   792  C CB  . GLU A 1 104 ? -1.976  9.309   7.637   1.00 23.44 ? 198 GLU D CB  1 
ATOM   793  C CG  . GLU A 1 104 ? -2.810  9.566   8.847   1.00 25.24 ? 198 GLU D CG  1 
ATOM   794  C CD  . GLU A 1 104 ? -1.992  9.527   10.151  1.00 33.87 ? 198 GLU D CD  1 
ATOM   795  O OE1 . GLU A 1 104 ? -2.614  9.514   11.230  1.00 46.02 ? 198 GLU D OE1 1 
ATOM   796  O OE2 . GLU A 1 104 ? -0.746  9.428   10.154  1.00 30.62 ? 198 GLU D OE2 1 
ATOM   797  N N   . TRP A 1 105 ? -1.198  10.403  4.884   1.00 19.81 ? 199 TRP D N   1 
ATOM   798  C CA  . TRP A 1 105 ? -0.045  10.515  3.976   1.00 21.51 ? 199 TRP D CA  1 
ATOM   799  C C   . TRP A 1 105 ? 1.230   10.306  4.795   1.00 20.99 ? 199 TRP D C   1 
ATOM   800  O O   . TRP A 1 105 ? 1.416   10.848  5.924   1.00 23.31 ? 199 TRP D O   1 
ATOM   801  C CB  . TRP A 1 105 ? 0.060   11.895  3.338   1.00 22.54 ? 199 TRP D CB  1 
ATOM   802  C CG  . TRP A 1 105 ? -1.013  12.182  2.381   1.00 20.43 ? 199 TRP D CG  1 
ATOM   803  C CD1 . TRP A 1 105 ? -2.187  12.909  2.582   1.00 24.97 ? 199 TRP D CD1 1 
ATOM   804  C CD2 . TRP A 1 105 ? -1.039  11.773  1.000   1.00 21.67 ? 199 TRP D CD2 1 
ATOM   805  N NE1 . TRP A 1 105 ? -2.930  12.910  1.424   1.00 25.06 ? 199 TRP D NE1 1 
ATOM   806  C CE2 . TRP A 1 105 ? -2.249  12.249  0.444   1.00 22.27 ? 199 TRP D CE2 1 
ATOM   807  C CE3 . TRP A 1 105 ? -0.236  10.943  0.243   1.00 21.91 ? 199 TRP D CE3 1 
ATOM   808  C CZ2 . TRP A 1 105 ? -2.628  11.999  -0.883  1.00 20.85 ? 199 TRP D CZ2 1 
ATOM   809  C CZ3 . TRP A 1 105 ? -0.590  10.692  -1.091  1.00 21.01 ? 199 TRP D CZ3 1 
ATOM   810  C CH2 . TRP A 1 105 ? -1.798  11.230  -1.641  1.00 22.72 ? 199 TRP D CH2 1 
ATOM   811  N N   . PHE A 1 106 ? 2.144   9.570   4.242   1.00 20.31 ? 200 PHE D N   1 
ATOM   812  C CA  . PHE A 1 106 ? 3.479   9.397   4.826   1.00 20.82 ? 200 PHE D CA  1 
ATOM   813  C C   . PHE A 1 106 ? 4.572   9.709   3.872   1.00 23.05 ? 200 PHE D C   1 
ATOM   814  O O   . PHE A 1 106 ? 4.497   9.360   2.671   1.00 22.06 ? 200 PHE D O   1 
ATOM   815  C CB  . PHE A 1 106 ? 3.699   7.972   5.349   1.00 21.90 ? 200 PHE D CB  1 
ATOM   816  C CG  . PHE A 1 106 ? 2.823   7.613   6.498   1.00 19.76 ? 200 PHE D CG  1 
ATOM   817  C CD1 . PHE A 1 106 ? 1.506   7.156   6.323   1.00 20.97 ? 200 PHE D CD1 1 
ATOM   818  C CD2 . PHE A 1 106 ? 3.282   7.818   7.799   1.00 23.50 ? 200 PHE D CD2 1 
ATOM   819  C CE1 . PHE A 1 106 ? 0.716   6.838   7.393   1.00 23.80 ? 200 PHE D CE1 1 
ATOM   820  C CE2 . PHE A 1 106 ? 2.461   7.499   8.886   1.00 23.26 ? 200 PHE D CE2 1 
ATOM   821  C CZ  . PHE A 1 106 ? 1.197   6.999   8.670   1.00 21.34 ? 200 PHE D CZ  1 
ATOM   822  N N   . SER A 1 107 ? 5.668   10.326  4.388   1.00 22.36 ? 201 SER D N   1 
ATOM   823  C CA  . SER A 1 107 ? 6.854   10.631  3.546   1.00 23.61 ? 201 SER D CA  1 
ATOM   824  C C   . SER A 1 107 ? 7.544   9.348   3.145   1.00 22.20 ? 201 SER D C   1 
ATOM   825  O O   . SER A 1 107 ? 8.006   8.559   3.993   1.00 23.48 ? 201 SER D O   1 
ATOM   826  C CB  . SER A 1 107 ? 7.869   11.613  4.286   1.00 21.61 ? 201 SER D CB  1 
ATOM   827  O OG  . SER A 1 107 ? 9.135   11.526  3.664   1.00 26.93 ? 201 SER D OG  1 
ATOM   828  N N   . ILE A 1 108 ? 7.756   9.189   1.853   1.00 19.81 ? 202 ILE D N   1 
ATOM   829  C CA  . ILE A 1 108 ? 8.427   8.016   1.353   1.00 22.58 ? 202 ILE D CA  1 
ATOM   830  C C   . ILE A 1 108 ? 9.843   7.915   1.851   1.00 27.74 ? 202 ILE D C   1 
ATOM   831  O O   . ILE A 1 108 ? 10.318  6.803   2.175   1.00 27.53 ? 202 ILE D O   1 
ATOM   832  C CB  . ILE A 1 108 ? 8.422   7.953   -0.179  1.00 27.86 ? 202 ILE D CB  1 
ATOM   833  C CG1 . ILE A 1 108 ? 7.035   7.782   -0.723  1.00 29.56 ? 202 ILE D CG1 1 
ATOM   834  C CG2 . ILE A 1 108 ? 9.161   6.693   -0.611  1.00 30.49 ? 202 ILE D CG2 1 
ATOM   835  C CD1 . ILE A 1 108 ? 6.944   8.184   -2.186  1.00 32.87 ? 202 ILE D CD1 1 
ATOM   836  N N   . GLU A 1 109 ? 10.552  9.058   1.972   1.00 26.46 ? 203 GLU D N   1 
ATOM   837  C CA  . GLU A 1 109 ? 11.959  8.949   2.291   1.00 29.07 ? 203 GLU D CA  1 
ATOM   838  C C   . GLU A 1 109 ? 12.125  8.602   3.742   1.00 28.76 ? 203 GLU D C   1 
ATOM   839  O O   . GLU A 1 109 ? 13.161  8.021   4.111   1.00 28.22 ? 203 GLU D O   1 
ATOM   840  C CB  . GLU A 1 109 ? 12.735  10.186  1.813   1.00 31.44 ? 203 GLU D CB  1 
ATOM   841  C CG  . GLU A 1 109 ? 12.477  11.444  2.562   1.00 36.60 ? 203 GLU D CG  1 
ATOM   842  C CD  . GLU A 1 109 ? 13.400  12.550  2.021   1.00 42.58 ? 203 GLU D CD  1 
ATOM   843  O OE1 . GLU A 1 109 ? 13.908  12.421  0.877   1.00 51.55 ? 203 GLU D OE1 1 
ATOM   844  O OE2 . GLU A 1 109 ? 13.702  13.483  2.770   1.00 46.94 ? 203 GLU D OE2 1 
ATOM   845  N N   . LYS A 1 110 ? 11.065  8.837   4.555   1.00 25.86 ? 204 LYS D N   1 
ATOM   846  C CA  . LYS A 1 110 ? 11.124  8.492   5.978   1.00 27.06 ? 204 LYS D CA  1 
ATOM   847  C C   . LYS A 1 110 ? 10.639  7.087   6.346   1.00 23.21 ? 204 LYS D C   1 
ATOM   848  O O   . LYS A 1 110 ? 10.863  6.597   7.440   1.00 24.94 ? 204 LYS D O   1 
ATOM   849  C CB  . LYS A 1 110 ? 10.318  9.472   6.762   1.00 31.17 ? 204 LYS D CB  1 
ATOM   850  C CG  . LYS A 1 110 ? 10.979  10.865  6.749   1.00 37.90 ? 204 LYS D CG  1 
ATOM   851  C CD  . LYS A 1 110 ? 10.045  11.890  7.343   1.00 46.03 ? 204 LYS D CD  1 
ATOM   852  C CE  . LYS A 1 110 ? 9.863   11.695  8.820   1.00 49.20 ? 204 LYS D CE  1 
ATOM   853  N NZ  . LYS A 1 110 ? 8.991   12.799  9.314   1.00 53.35 ? 204 LYS D NZ  1 
ATOM   854  N N   . LEU A 1 111 ? 9.883   6.457   5.447   1.00 24.74 ? 205 LEU D N   1 
ATOM   855  C CA  . LEU A 1 111 ? 9.342   5.133   5.720   1.00 22.23 ? 205 LEU D CA  1 
ATOM   856  C C   . LEU A 1 111 ? 10.512  4.161   5.715   1.00 24.41 ? 205 LEU D C   1 
ATOM   857  O O   . LEU A 1 111 ? 11.479  4.270   4.915   1.00 27.17 ? 205 LEU D O   1 
ATOM   858  C CB  . LEU A 1 111 ? 8.337   4.726   4.603   1.00 21.39 ? 205 LEU D CB  1 
ATOM   859  C CG  . LEU A 1 111 ? 6.987   5.400   4.785   1.00 20.08 ? 205 LEU D CG  1 
ATOM   860  C CD1 . LEU A 1 111 ? 6.097   5.198   3.549   1.00 22.47 ? 205 LEU D CD1 1 
ATOM   861  C CD2 . LEU A 1 111 ? 6.242   4.857   5.973   1.00 23.12 ? 205 LEU D CD2 1 
ATOM   862  N N   . PRO A 1 112 ? 10.420  3.151   6.578   1.00 25.57 ? 206 PRO D N   1 
ATOM   863  C CA  . PRO A 1 112 ? 11.464  2.139   6.565   1.00 29.39 ? 206 PRO D CA  1 
ATOM   864  C C   . PRO A 1 112 ? 11.335  1.220   5.340   1.00 30.68 ? 206 PRO D C   1 
ATOM   865  O O   . PRO A 1 112 ? 10.216  0.975   4.871   1.00 27.10 ? 206 PRO D O   1 
ATOM   866  C CB  . PRO A 1 112 ? 11.149  1.342   7.842   1.00 26.87 ? 206 PRO D CB  1 
ATOM   867  C CG  . PRO A 1 112 ? 9.638   1.428   7.942   1.00 28.19 ? 206 PRO D CG  1 
ATOM   868  C CD  . PRO A 1 112 ? 9.325   2.846   7.553   1.00 26.80 ? 206 PRO D CD  1 
ATOM   869  N N   . CYS A 1 113 ? 12.437  0.703   4.864   1.00 30.09 ? 207 CYS D N   1 
ATOM   870  C CA  . CYS A 1 113 ? 12.305  -0.346  3.863   1.00 32.54 ? 207 CYS D CA  1 
ATOM   871  C C   . CYS A 1 113 ? 12.745  -1.746  4.376   1.00 35.72 ? 207 CYS D C   1 
ATOM   872  O O   . CYS A 1 113 ? 12.790  -2.655  3.595   1.00 34.59 ? 207 CYS D O   1 
ATOM   873  C CB  . CYS A 1 113 ? 13.006  0.058   2.608   1.00 34.88 ? 207 CYS D CB  1 
ATOM   874  S SG  . CYS A 1 113 ? 14.784  0.125   2.788   1.00 42.99 ? 207 CYS D SG  1 
ATOM   875  N N   . HIS A 1 114 ? 12.984  -1.880  5.677   1.00 32.56 ? 208 HIS D N   1 
ATOM   876  C CA  . HIS A 1 114 ? 13.187  -3.211  6.375   1.00 34.73 ? 208 HIS D CA  1 
ATOM   877  C C   . HIS A 1 114 ? 12.802  -3.041  7.826   1.00 35.88 ? 208 HIS D C   1 
ATOM   878  O O   . HIS A 1 114 ? 12.721  -1.915  8.282   1.00 31.23 ? 208 HIS D O   1 
ATOM   879  C CB  . HIS A 1 114 ? 14.653  -3.670  6.212   1.00 38.20 ? 208 HIS D CB  1 
ATOM   880  C CG  . HIS A 1 114 ? 15.644  -2.645  6.701   1.00 37.68 ? 208 HIS D CG  1 
ATOM   881  N ND1 . HIS A 1 114 ? 15.942  -2.496  8.045   1.00 41.70 ? 208 HIS D ND1 1 
ATOM   882  C CD2 . HIS A 1 114 ? 16.292  -1.647  6.061   1.00 36.06 ? 208 HIS D CD2 1 
ATOM   883  C CE1 . HIS A 1 114 ? 16.793  -1.496  8.201   1.00 35.52 ? 208 HIS D CE1 1 
ATOM   884  N NE2 . HIS A 1 114 ? 17.007  -0.956  7.016   1.00 41.63 ? 208 HIS D NE2 1 
ATOM   885  N N   . ARG A 1 115 ? 12.512  -4.112  8.581   1.00 35.79 ? 209 ARG D N   1 
ATOM   886  C CA  . ARG A 1 115 ? 12.379  -3.947  10.024  1.00 35.58 ? 209 ARG D CA  1 
ATOM   887  C C   . ARG A 1 115 ? 13.727  -4.106  10.619  1.00 37.48 ? 209 ARG D C   1 
ATOM   888  O O   . ARG A 1 115 ? 14.603  -4.546  9.957   1.00 34.86 ? 209 ARG D O   1 
ATOM   889  C CB  . ARG A 1 115 ? 11.404  -4.917  10.618  1.00 40.57 ? 209 ARG D CB  1 
ATOM   890  C CG  . ARG A 1 115 ? 10.041  -4.587  10.074  1.00 42.51 ? 209 ARG D CG  1 
ATOM   891  C CD  . ARG A 1 115 ? 9.223   -5.782  9.915   1.00 53.15 ? 209 ARG D CD  1 
ATOM   892  N NE  . ARG A 1 115 ? 8.940   -6.288  11.220  1.00 50.06 ? 209 ARG D NE  1 
ATOM   893  C CZ  . ARG A 1 115 ? 8.524   -7.514  11.471  1.00 56.12 ? 209 ARG D CZ  1 
ATOM   894  N NH1 . ARG A 1 115 ? 8.322   -8.389  10.493  1.00 70.29 ? 209 ARG D NH1 1 
ATOM   895  N NH2 . ARG A 1 115 ? 8.291   -7.859  12.724  1.00 46.53 ? 209 ARG D NH2 1 
ATOM   896  N N   . ASN A 1 116 ? 13.891  -3.632  11.846  1.00 44.37 ? 210 ASN D N   1 
ATOM   897  C CA  . ASN A 1 116 ? 15.198  -3.720  12.492  1.00 42.79 ? 210 ASN D CA  1 
ATOM   898  C C   . ASN A 1 116 ? 15.340  -5.057  13.175  1.00 41.94 ? 210 ASN D C   1 
ATOM   899  O O   . ASN A 1 116 ? 14.327  -5.680  13.581  1.00 33.46 ? 210 ASN D O   1 
ATOM   900  C CB  . ASN A 1 116 ? 15.346  -2.595  13.484  1.00 48.06 ? 210 ASN D CB  1 
ATOM   901  C CG  . ASN A 1 116 ? 15.297  -1.253  12.803  1.00 46.35 ? 210 ASN D CG  1 
ATOM   902  O OD1 . ASN A 1 116 ? 15.799  -1.109  11.688  1.00 47.93 ? 210 ASN D OD1 1 
ATOM   903  N ND2 . ASN A 1 116 ? 14.676  -0.296  13.445  1.00 50.47 ? 210 ASN D ND2 1 
ATOM   904  N N   . ASP A 1 117 ? 16.591  -5.518  13.266  1.00 42.67 ? 211 ASP D N   1 
ATOM   905  C CA  . ASP A 1 117 ? 16.877  -6.769  13.988  1.00 43.09 ? 211 ASP D CA  1 
ATOM   906  C C   . ASP A 1 117 ? 16.886  -6.475  15.495  1.00 46.31 ? 211 ASP D C   1 
ATOM   907  O O   . ASP A 1 117 ? 16.503  -5.366  15.921  1.00 42.31 ? 211 ASP D O   1 
ATOM   908  C CB  . ASP A 1 117 ? 18.167  -7.417  13.464  1.00 46.84 ? 211 ASP D CB  1 
ATOM   909  C CG  . ASP A 1 117 ? 19.396  -6.613  13.749  1.00 54.00 ? 211 ASP D CG  1 
ATOM   910  O OD1 . ASP A 1 117 ? 19.448  -5.842  14.731  1.00 55.11 ? 211 ASP D OD1 1 
ATOM   911  O OD2 . ASP A 1 117 ? 20.339  -6.785  12.974  1.00 59.54 ? 211 ASP D OD2 1 
ATOM   912  N N   . MET A 1 118 ? 17.273  -7.475  16.301  1.00 46.68 ? 212 MET D N   1 
ATOM   913  C CA  . MET A 1 118 ? 17.482  -7.309  17.750  1.00 49.35 ? 212 MET D CA  1 
ATOM   914  C C   . MET A 1 118 ? 18.891  -7.803  18.133  1.00 56.37 ? 212 MET D C   1 
ATOM   915  O O   . MET A 1 118 ? 19.097  -8.339  19.231  1.00 60.71 ? 212 MET D O   1 
ATOM   916  C CB  . MET A 1 118 ? 16.403  -8.074  18.481  1.00 46.25 ? 212 MET D CB  1 
ATOM   917  C CG  . MET A 1 118 ? 15.054  -7.389  18.272  1.00 47.96 ? 212 MET D CG  1 
ATOM   918  S SD  . MET A 1 118 ? 13.599  -8.365  18.534  1.00 47.61 ? 212 MET D SD  1 
ATOM   919  C CE  . MET A 1 118 ? 13.939  -9.924  17.721  1.00 48.16 ? 212 MET D CE  1 
ATOM   920  N N   . THR A 1 119 ? 19.855  -7.575  17.222  1.00 59.94 ? 213 THR D N   1 
ATOM   921  C CA  . THR A 1 119 ? 21.289  -7.826  17.440  1.00 62.90 ? 213 THR D CA  1 
ATOM   922  C C   . THR A 1 119 ? 21.864  -7.075  18.659  1.00 72.03 ? 213 THR D C   1 
ATOM   923  O O   . THR A 1 119 ? 22.809  -7.591  19.256  1.00 73.61 ? 213 THR D O   1 
ATOM   924  C CB  . THR A 1 119 ? 22.160  -7.501  16.194  1.00 66.38 ? 213 THR D CB  1 
ATOM   925  O OG1 . THR A 1 119 ? 21.888  -6.162  15.735  1.00 73.42 ? 213 THR D OG1 1 
ATOM   926  C CG2 . THR A 1 119 ? 21.919  -8.493  15.058  1.00 60.21 ? 213 THR D CG2 1 
ATOM   927  N N   . PRO A 1 120 ? 21.315  -5.870  19.026  1.00 75.14 ? 214 PRO D N   1 
ATOM   928  C CA  . PRO A 1 120 ? 21.607  -5.360  20.387  1.00 69.64 ? 214 PRO D CA  1 
ATOM   929  C C   . PRO A 1 120 ? 21.239  -6.327  21.534  1.00 66.22 ? 214 PRO D C   1 
ATOM   930  O O   . PRO A 1 120 ? 21.990  -6.447  22.494  1.00 60.07 ? 214 PRO D O   1 
ATOM   931  C CB  . PRO A 1 120 ? 20.774  -4.050  20.470  1.00 70.80 ? 214 PRO D CB  1 
ATOM   932  C CG  . PRO A 1 120 ? 19.876  -4.037  19.265  1.00 74.86 ? 214 PRO D CG  1 
ATOM   933  C CD  . PRO A 1 120 ? 20.636  -4.820  18.223  1.00 77.19 ? 214 PRO D CD  1 
ATOM   934  N N   . LYS A 1 121 ? 20.117  -7.031  21.414  1.00 64.95 ? 215 LYS D N   1 
ATOM   935  C CA  . LYS A 1 121 ? 19.657  -7.982  22.442  1.00 59.26 ? 215 LYS D CA  1 
ATOM   936  C C   . LYS A 1 121 ? 20.143  -9.467  22.244  1.00 55.86 ? 215 LYS D C   1 
ATOM   937  O O   . LYS A 1 121 ? 19.589  -10.370 22.875  1.00 59.06 ? 215 LYS D O   1 
ATOM   938  C CB  . LYS A 1 121 ? 18.129  -7.926  22.470  1.00 57.70 ? 215 LYS D CB  1 
ATOM   939  C CG  . LYS A 1 121 ? 17.477  -8.352  23.767  1.00 61.35 ? 215 LYS D CG  1 
ATOM   940  N N   . SER A 1 122 ? 21.152  -9.714  21.388  1.00 50.42 ? 216 SER D N   1 
ATOM   941  C CA  . SER A 1 122 ? 21.585  -11.087 20.920  1.00 45.23 ? 216 SER D CA  1 
ATOM   942  C C   . SER A 1 122 ? 20.428  -12.074 20.676  1.00 39.42 ? 216 SER D C   1 
ATOM   943  O O   . SER A 1 122 ? 20.497  -13.277 21.000  1.00 39.84 ? 216 SER D O   1 
ATOM   944  C CB  . SER A 1 122 ? 22.598  -11.705 21.913  1.00 45.52 ? 216 SER D CB  1 
ATOM   945  O OG  . SER A 1 122 ? 23.842  -11.077 21.813  1.00 46.00 ? 216 SER D OG  1 
ATOM   946  N N   . LYS A 1 123 ? 19.316  -11.569 20.122  1.00 30.70 ? 217 LYS D N   1 
ATOM   947  C CA  . LYS A 1 123 ? 18.127  -12.369 20.023  1.00 30.29 ? 217 LYS D CA  1 
ATOM   948  C C   . LYS A 1 123 ? 17.792  -12.404 18.531  1.00 27.91 ? 217 LYS D C   1 
ATOM   949  O O   . LYS A 1 123 ? 17.922  -11.356 17.850  1.00 29.27 ? 217 LYS D O   1 
ATOM   950  C CB  . LYS A 1 123 ? 17.021  -11.664 20.800  1.00 34.41 ? 217 LYS D CB  1 
ATOM   951  C CG  . LYS A 1 123 ? 15.617  -12.211 20.619  1.00 36.24 ? 217 LYS D CG  1 
ATOM   952  C CD  . LYS A 1 123 ? 14.655  -11.640 21.700  1.00 42.29 ? 217 LYS D CD  1 
ATOM   953  N N   . LEU A 1 124 ? 17.305  -13.553 18.077  1.00 24.58 ? 218 LEU D N   1 
ATOM   954  C CA  . LEU A 1 124 ? 16.937  -13.654 16.637  1.00 25.90 ? 218 LEU D CA  1 
ATOM   955  C C   . LEU A 1 124 ? 15.601  -13.003 16.347  1.00 24.53 ? 218 LEU D C   1 
ATOM   956  O O   . LEU A 1 124 ? 14.707  -12.975 17.144  1.00 27.22 ? 218 LEU D O   1 
ATOM   957  C CB  . LEU A 1 124 ? 16.887  -15.113 16.198  1.00 24.40 ? 218 LEU D CB  1 
ATOM   958  C CG  . LEU A 1 124 ? 18.260  -15.804 16.470  1.00 27.52 ? 218 LEU D CG  1 
ATOM   959  C CD1 . LEU A 1 124 ? 18.297  -17.090 15.717  1.00 30.51 ? 218 LEU D CD1 1 
ATOM   960  C CD2 . LEU A 1 124 ? 19.499  -14.972 16.102  1.00 27.97 ? 218 LEU D CD2 1 
ATOM   961  N N   . GLY A 1 125 ? 15.449  -12.617 15.097  1.00 25.65 ? 219 GLY D N   1 
ATOM   962  C CA  . GLY A 1 125 ? 14.141  -12.183 14.613  1.00 25.77 ? 219 GLY D CA  1 
ATOM   963  C C   . GLY A 1 125 ? 14.129  -10.693 14.360  1.00 26.32 ? 219 GLY D C   1 
ATOM   964  O O   . GLY A 1 125 ? 15.147  -10.034 14.263  1.00 26.94 ? 219 GLY D O   1 
ATOM   965  N N   . LEU A 1 126 ? 12.932  -10.147 14.222  1.00 28.58 ? 220 LEU D N   1 
ATOM   966  C CA  . LEU A 1 126 ? 12.787  -8.724  13.901  1.00 27.51 ? 220 LEU D CA  1 
ATOM   967  C C   . LEU A 1 126 ? 11.961  -7.969  14.999  1.00 24.02 ? 220 LEU D C   1 
ATOM   968  O O   . LEU A 1 126 ? 11.017  -8.555  15.511  1.00 27.66 ? 220 LEU D O   1 
ATOM   969  C CB  . LEU A 1 126 ? 12.073  -8.632  12.536  1.00 28.33 ? 220 LEU D CB  1 
ATOM   970  C CG  . LEU A 1 126 ? 12.815  -9.097  11.267  1.00 31.05 ? 220 LEU D CG  1 
ATOM   971  C CD1 . LEU A 1 126 ? 11.812  -9.076  10.128  1.00 38.97 ? 220 LEU D CD1 1 
ATOM   972  C CD2 . LEU A 1 126 ? 14.074  -8.241  11.007  1.00 32.53 ? 220 LEU D CD2 1 
ATOM   973  N N   . ALA A 1 127 ? 12.297  -6.710  15.253  1.00 27.74 ? 221 ALA D N   1 
ATOM   974  C CA  . ALA A 1 127 ? 11.504  -5.834  16.132  1.00 31.06 ? 221 ALA D CA  1 
ATOM   975  C C   . ALA A 1 127 ? 10.171  -5.497  15.470  1.00 32.91 ? 221 ALA D C   1 
ATOM   976  O O   . ALA A 1 127 ? 10.121  -5.428  14.233  1.00 30.03 ? 221 ALA D O   1 
ATOM   977  C CB  . ALA A 1 127 ? 12.262  -4.551  16.436  1.00 34.13 ? 221 ALA D CB  1 
ATOM   978  N N   . PRO A 1 128 ? 9.113   -5.257  16.278  1.00 33.95 ? 222 PRO D N   1 
ATOM   979  C CA  . PRO A 1 128 ? 7.840   -4.856  15.704  1.00 30.79 ? 222 PRO D CA  1 
ATOM   980  C C   . PRO A 1 128 ? 8.020   -3.559  14.987  1.00 29.71 ? 222 PRO D C   1 
ATOM   981  O O   . PRO A 1 128 ? 8.905   -2.765  15.338  1.00 27.21 ? 222 PRO D O   1 
ATOM   982  C CB  . PRO A 1 128 ? 6.900   -4.702  16.922  1.00 38.54 ? 222 PRO D CB  1 
ATOM   983  C CG  . PRO A 1 128 ? 7.522   -5.580  17.992  1.00 42.87 ? 222 PRO D CG  1 
ATOM   984  C CD  . PRO A 1 128 ? 9.008   -5.481  17.748  1.00 37.19 ? 222 PRO D CD  1 
ATOM   985  N N   . ASN A 1 129 ? 7.181   -3.338  13.951  1.00 27.58 ? 223 ASN D N   1 
ATOM   986  C CA  . ASN A 1 129 ? 7.204   -2.085  13.245  1.00 27.07 ? 223 ASN D CA  1 
ATOM   987  C C   . ASN A 1 129 ? 5.821   -1.864  12.705  1.00 25.02 ? 223 ASN D C   1 
ATOM   988  O O   . ASN A 1 129 ? 5.247   -2.739  12.076  1.00 27.06 ? 223 ASN D O   1 
ATOM   989  C CB  . ASN A 1 129 ? 8.240   -2.102  12.122  1.00 30.67 ? 223 ASN D CB  1 
ATOM   990  C CG  . ASN A 1 129 ? 8.418   -0.758  11.497  1.00 28.88 ? 223 ASN D CG  1 
ATOM   991  O OD1 . ASN A 1 129 ? 7.509   -0.243  10.830  1.00 27.15 ? 223 ASN D OD1 1 
ATOM   992  N ND2 . ASN A 1 129 ? 9.603   -0.173  11.670  1.00 33.54 ? 223 ASN D ND2 1 
ATOM   993  N N   . LYS A 1 130 ? 5.268   -0.703  12.997  1.00 23.94 ? 224 LYS D N   1 
ATOM   994  C CA  . LYS A 1 130 ? 3.883   -0.453  12.572  1.00 22.88 ? 224 LYS D CA  1 
ATOM   995  C C   . LYS A 1 130 ? 3.713   -0.359  11.080  1.00 24.44 ? 224 LYS D C   1 
ATOM   996  O O   . LYS A 1 130 ? 2.564   -0.421  10.603  1.00 23.20 ? 224 LYS D O   1 
ATOM   997  C CB  . LYS A 1 130 ? 3.317   0.803   13.224  1.00 24.95 ? 224 LYS D CB  1 
ATOM   998  C CG  . LYS A 1 130 ? 3.971   2.079   12.832  1.00 26.52 ? 224 LYS D CG  1 
ATOM   999  C CD  . LYS A 1 130 ? 3.283   3.190   13.561  1.00 27.81 ? 224 LYS D CD  1 
ATOM   1000 C CE  . LYS A 1 130 ? 3.742   4.553   13.116  1.00 29.93 ? 224 LYS D CE  1 
ATOM   1001 N NZ  . LYS A 1 130 ? 2.990   5.615   13.912  1.00 29.90 ? 224 LYS D NZ  1 
ATOM   1002 N N   . PHE A 1 131 ? 4.798   -0.249  10.361  1.00 23.74 ? 225 PHE D N   1 
ATOM   1003 C CA  . PHE A 1 131 ? 4.744   -0.257  8.835   1.00 22.67 ? 225 PHE D CA  1 
ATOM   1004 C C   . PHE A 1 131 ? 4.980   -1.610  8.211   1.00 21.57 ? 225 PHE D C   1 
ATOM   1005 O O   . PHE A 1 131 ? 5.220   -1.747  7.001   1.00 22.74 ? 225 PHE D O   1 
ATOM   1006 C CB  . PHE A 1 131 ? 5.738   0.770   8.329   1.00 22.21 ? 225 PHE D CB  1 
ATOM   1007 C CG  . PHE A 1 131 ? 5.404   2.182   8.777   1.00 21.80 ? 225 PHE D CG  1 
ATOM   1008 C CD1 . PHE A 1 131 ? 4.309   2.821   8.295   1.00 19.93 ? 225 PHE D CD1 1 
ATOM   1009 C CD2 . PHE A 1 131 ? 6.224   2.870   9.663   1.00 23.34 ? 225 PHE D CD2 1 
ATOM   1010 C CE1 . PHE A 1 131 ? 3.967   4.099   8.705   1.00 21.44 ? 225 PHE D CE1 1 
ATOM   1011 C CE2 . PHE A 1 131 ? 5.894   4.155   10.092  1.00 22.62 ? 225 PHE D CE2 1 
ATOM   1012 C CZ  . PHE A 1 131 ? 4.797   4.784   9.588   1.00 23.34 ? 225 PHE D CZ  1 
ATOM   1013 N N   . PHE A 1 132 ? 4.951   -2.674  9.008   1.00 23.90 ? 226 PHE D N   1 
ATOM   1014 C CA  . PHE A 1 132 ? 5.301   -4.013  8.497   1.00 25.09 ? 226 PHE D CA  1 
ATOM   1015 C C   . PHE A 1 132 ? 4.638   -4.415  7.181   1.00 24.97 ? 226 PHE D C   1 
ATOM   1016 O O   . PHE A 1 132 ? 5.307   -4.999  6.370   1.00 24.34 ? 226 PHE D O   1 
ATOM   1017 C CB  . PHE A 1 132 ? 5.118   -5.127  9.562   1.00 32.23 ? 226 PHE D CB  1 
ATOM   1018 C CG  . PHE A 1 132 ? 3.733   -5.379  9.944   1.00 38.63 ? 226 PHE D CG  1 
ATOM   1019 C CD1 . PHE A 1 132 ? 3.077   -4.538  10.871  1.00 45.50 ? 226 PHE D CD1 1 
ATOM   1020 C CD2 . PHE A 1 132 ? 3.070   -6.526  9.453   1.00 44.25 ? 226 PHE D CD2 1 
ATOM   1021 C CE1 . PHE A 1 132 ? 1.772   -4.774  11.273  1.00 44.42 ? 226 PHE D CE1 1 
ATOM   1022 C CE2 . PHE A 1 132 ? 1.771   -6.785  9.876   1.00 46.13 ? 226 PHE D CE2 1 
ATOM   1023 C CZ  . PHE A 1 132 ? 1.110   -5.904  10.758  1.00 43.07 ? 226 PHE D CZ  1 
ATOM   1024 N N   A MET A 1 133 ? 3.357   -4.090  7.014   0.50 22.31 ? 227 MET D N   1 
ATOM   1025 N N   B MET A 1 133 ? 3.348   -4.125  7.003   0.50 23.56 ? 227 MET D N   1 
ATOM   1026 C CA  A MET A 1 133 ? 2.592   -4.436  5.788   0.50 25.02 ? 227 MET D CA  1 
ATOM   1027 C CA  B MET A 1 133 ? 2.629   -4.488  5.742   0.50 27.11 ? 227 MET D CA  1 
ATOM   1028 C C   A MET A 1 133 ? 3.012   -3.613  4.575   0.50 22.89 ? 227 MET D C   1 
ATOM   1029 C C   B MET A 1 133 ? 3.099   -3.636  4.552   0.50 24.21 ? 227 MET D C   1 
ATOM   1030 O O   A MET A 1 133 ? 2.868   -4.080  3.436   0.50 23.79 ? 227 MET D O   1 
ATOM   1031 O O   B MET A 1 133 ? 3.108   -4.107  3.403   0.50 25.30 ? 227 MET D O   1 
ATOM   1032 C CB  A MET A 1 133 ? 1.095   -4.275  6.038   0.50 25.13 ? 227 MET D CB  1 
ATOM   1033 C CB  B MET A 1 133 ? 1.106   -4.381  5.909   0.50 28.84 ? 227 MET D CB  1 
ATOM   1034 C CG  A MET A 1 133 ? 0.544   -5.289  7.031   0.50 27.03 ? 227 MET D CG  1 
ATOM   1035 C CG  B MET A 1 133 ? 0.395   -5.600  6.518   0.50 31.82 ? 227 MET D CG  1 
ATOM   1036 S SD  A MET A 1 133 ? -1.224  -5.185  7.340   0.50 26.30 ? 227 MET D SD  1 
ATOM   1037 S SD  B MET A 1 133 ? 0.913   -7.216  5.884   0.50 35.84 ? 227 MET D SD  1 
ATOM   1038 C CE  A MET A 1 133 ? -1.295  -3.847  8.534   0.50 24.82 ? 227 MET D CE  1 
ATOM   1039 C CE  B MET A 1 133 ? -0.089  -7.318  4.364   0.50 29.10 ? 227 MET D CE  1 
ATOM   1040 N N   . ALA A 1 134 ? 3.501   -2.380  4.804   1.00 24.05 ? 228 ALA D N   1 
ATOM   1041 C CA  . ALA A 1 134 ? 4.000   -1.484  3.721   1.00 20.30 ? 228 ALA D CA  1 
ATOM   1042 C C   . ALA A 1 134 ? 5.440   -1.766  3.304   1.00 21.04 ? 228 ALA D C   1 
ATOM   1043 O O   . ALA A 1 134 ? 5.814   -1.626  2.154   1.00 19.99 ? 228 ALA D O   1 
ATOM   1044 C CB  . ALA A 1 134 ? 3.848   -0.031  4.130   1.00 20.58 ? 228 ALA D CB  1 
ATOM   1045 N N   . ILE A 1 135 ? 6.291   -2.154  4.296   1.00 20.06 ? 229 ILE D N   1 
ATOM   1046 C CA  . ILE A 1 135 ? 7.691   -2.251  4.134   1.00 20.78 ? 229 ILE D CA  1 
ATOM   1047 C C   . ILE A 1 135 ? 8.184   -3.017  2.876   1.00 20.50 ? 229 ILE D C   1 
ATOM   1048 O O   . ILE A 1 135 ? 9.039   -2.522  2.155   1.00 22.97 ? 229 ILE D O   1 
ATOM   1049 C CB  . ILE A 1 135 ? 8.311   -2.846  5.435   1.00 21.30 ? 229 ILE D CB  1 
ATOM   1050 C CG1 . ILE A 1 135 ? 8.504   -1.673  6.409   1.00 23.98 ? 229 ILE D CG1 1 
ATOM   1051 C CG2 . ILE A 1 135 ? 9.650   -3.566  5.182   1.00 26.53 ? 229 ILE D CG2 1 
ATOM   1052 C CD1 . ILE A 1 135 ? 8.840   -1.979  7.885   1.00 25.63 ? 229 ILE D CD1 1 
ATOM   1053 N N   . PRO A 1 136 ? 7.574   -4.172  2.552   1.00 25.68 ? 230 PRO D N   1 
ATOM   1054 C CA  . PRO A 1 136 ? 8.062   -4.922  1.382   1.00 23.91 ? 230 PRO D CA  1 
ATOM   1055 C C   . PRO A 1 136 ? 8.012   -4.167  0.070   1.00 24.23 ? 230 PRO D C   1 
ATOM   1056 O O   . PRO A 1 136 ? 8.815   -4.432  -0.815  1.00 24.56 ? 230 PRO D O   1 
ATOM   1057 C CB  . PRO A 1 136 ? 7.099   -6.096  1.291   1.00 26.77 ? 230 PRO D CB  1 
ATOM   1058 C CG  . PRO A 1 136 ? 6.652   -6.317  2.697   1.00 30.24 ? 230 PRO D CG  1 
ATOM   1059 C CD  . PRO A 1 136 ? 6.568   -4.924  3.303   1.00 26.05 ? 230 PRO D CD  1 
ATOM   1060 N N   . PHE A 1 137 ? 7.097   -3.202  -0.026  1.00 20.79 ? 231 PHE D N   1 
ATOM   1061 C CA  . PHE A 1 137 ? 6.923   -2.422  -1.270  1.00 20.67 ? 231 PHE D CA  1 
ATOM   1062 C C   . PHE A 1 137 ? 7.789   -1.204  -1.359  1.00 20.15 ? 231 PHE D C   1 
ATOM   1063 O O   . PHE A 1 137 ? 7.844   -0.625  -2.409  1.00 20.24 ? 231 PHE D O   1 
ATOM   1064 C CB  . PHE A 1 137 ? 5.433   -1.987  -1.411  1.00 19.64 ? 231 PHE D CB  1 
ATOM   1065 C CG  . PHE A 1 137 ? 4.497   -3.161  -1.520  1.00 22.89 ? 231 PHE D CG  1 
ATOM   1066 C CD1 . PHE A 1 137 ? 4.170   -3.689  -2.802  1.00 25.19 ? 231 PHE D CD1 1 
ATOM   1067 C CD2 . PHE A 1 137 ? 3.941   -3.713  -0.399  1.00 23.14 ? 231 PHE D CD2 1 
ATOM   1068 C CE1 . PHE A 1 137 ? 3.336   -4.798  -2.866  1.00 26.57 ? 231 PHE D CE1 1 
ATOM   1069 C CE2 . PHE A 1 137 ? 3.058   -4.780  -0.480  1.00 27.68 ? 231 PHE D CE2 1 
ATOM   1070 C CZ  . PHE A 1 137 ? 2.783   -5.333  -1.728  1.00 26.32 ? 231 PHE D CZ  1 
ATOM   1071 N N   . ILE A 1 138 ? 8.437   -0.761  -0.287  1.00 22.13 ? 232 ILE D N   1 
ATOM   1072 C CA  . ILE A 1 138 ? 9.105   0.525   -0.275  1.00 21.22 ? 232 ILE D CA  1 
ATOM   1073 C C   . ILE A 1 138 ? 10.359  0.641   -1.168  1.00 26.33 ? 232 ILE D C   1 
ATOM   1074 O O   . ILE A 1 138 ? 10.436  1.524   -2.011  1.00 22.90 ? 232 ILE D O   1 
ATOM   1075 C CB  . ILE A 1 138 ? 9.434   0.978   1.157   1.00 22.38 ? 232 ILE D CB  1 
ATOM   1076 C CG1 . ILE A 1 138 ? 8.159   1.054   2.011   1.00 21.15 ? 232 ILE D CG1 1 
ATOM   1077 C CG2 . ILE A 1 138 ? 10.101  2.326   1.194   1.00 25.33 ? 232 ILE D CG2 1 
ATOM   1078 C CD1 . ILE A 1 138 ? 7.065   1.943   1.440   1.00 22.59 ? 232 ILE D CD1 1 
ATOM   1079 N N   . ARG A 1 139 ? 11.286  -0.294  -1.048  1.00 25.10 ? 233 ARG D N   1 
ATOM   1080 C CA  . ARG A 1 139 ? 12.410  -0.263  -1.939  1.00 25.85 ? 233 ARG D CA  1 
ATOM   1081 C C   . ARG A 1 139 ? 12.016  -0.478  -3.421  1.00 24.66 ? 233 ARG D C   1 
ATOM   1082 O O   . ARG A 1 139 ? 12.451  0.255   -4.274  1.00 28.25 ? 233 ARG D O   1 
ATOM   1083 C CB  . ARG A 1 139 ? 13.562  -1.205  -1.476  1.00 30.38 ? 233 ARG D CB  1 
ATOM   1084 C CG  . ARG A 1 139 ? 14.846  -1.012  -2.332  1.00 36.37 ? 233 ARG D CG  1 
ATOM   1085 C CD  . ARG A 1 139 ? 15.384  0.428   -2.378  1.00 43.66 ? 233 ARG D CD  1 
ATOM   1086 N NE  . ARG A 1 139 ? 15.685  1.138   -1.100  1.00 49.04 ? 233 ARG D NE  1 
ATOM   1087 C CZ  . ARG A 1 139 ? 16.200  2.386   -1.025  1.00 59.48 ? 233 ARG D CZ  1 
ATOM   1088 N NH1 . ARG A 1 139 ? 16.452  3.109   -2.132  1.00 61.56 ? 233 ARG D NH1 1 
ATOM   1089 N NH2 . ARG A 1 139 ? 16.469  2.940   0.160   1.00 64.36 ? 233 ARG D NH2 1 
ATOM   1090 N N   . PRO A 1 140 ? 11.160  -1.467  -3.732  1.00 24.47 ? 234 PRO D N   1 
ATOM   1091 C CA  . PRO A 1 140 ? 10.739  -1.539  -5.095  1.00 27.26 ? 234 PRO D CA  1 
ATOM   1092 C C   . PRO A 1 140 ? 10.075  -0.282  -5.593  1.00 25.91 ? 234 PRO D C   1 
ATOM   1093 O O   . PRO A 1 140 ? 10.241  0.081   -6.783  1.00 25.02 ? 234 PRO D O   1 
ATOM   1094 C CB  . PRO A 1 140 ? 9.760   -2.732  -5.105  1.00 25.87 ? 234 PRO D CB  1 
ATOM   1095 C CG  . PRO A 1 140 ? 10.146  -3.543  -3.938  1.00 27.78 ? 234 PRO D CG  1 
ATOM   1096 C CD  . PRO A 1 140 ? 10.785  -2.657  -2.958  1.00 25.12 ? 234 PRO D CD  1 
ATOM   1097 N N   . LEU A 1 141 ? 9.302   0.382   -4.732  1.00 23.69 ? 235 LEU D N   1 
ATOM   1098 C CA  . LEU A 1 141 ? 8.697   1.666   -5.139  1.00 24.36 ? 235 LEU D CA  1 
ATOM   1099 C C   . LEU A 1 141 ? 9.735   2.739   -5.441  1.00 24.05 ? 235 LEU D C   1 
ATOM   1100 O O   . LEU A 1 141 ? 9.642   3.500   -6.465  1.00 24.77 ? 235 LEU D O   1 
ATOM   1101 C CB  . LEU A 1 141 ? 7.660   2.186   -4.103  1.00 21.72 ? 235 LEU D CB  1 
ATOM   1102 C CG  . LEU A 1 141 ? 7.055   3.597   -4.286  1.00 21.83 ? 235 LEU D CG  1 
ATOM   1103 C CD1 . LEU A 1 141 ? 6.249   3.690   -5.555  1.00 21.37 ? 235 LEU D CD1 1 
ATOM   1104 C CD2 . LEU A 1 141 ? 6.251   4.084   -3.065  1.00 22.05 ? 235 LEU D CD2 1 
ATOM   1105 N N   . ARG A 1 142 ? 10.676  2.899   -4.541  1.00 23.96 ? 236 ARG D N   1 
ATOM   1106 C CA  . ARG A 1 142 ? 11.678  3.909   -4.762  1.00 24.84 ? 236 ARG D CA  1 
ATOM   1107 C C   . ARG A 1 142 ? 12.431  3.625   -6.092  1.00 25.79 ? 236 ARG D C   1 
ATOM   1108 O O   . ARG A 1 142 ? 12.735  4.547   -6.847  1.00 28.64 ? 236 ARG D O   1 
ATOM   1109 C CB  . ARG A 1 142 ? 12.695  3.908   -3.635  1.00 25.69 ? 236 ARG D CB  1 
ATOM   1110 C CG  . ARG A 1 142 ? 12.155  4.484   -2.331  1.00 27.66 ? 236 ARG D CG  1 
ATOM   1111 C CD  . ARG A 1 142 ? 13.147  4.277   -1.230  1.00 31.26 ? 236 ARG D CD  1 
ATOM   1112 N NE  . ARG A 1 142 ? 12.663  4.854   0.013   1.00 33.51 ? 236 ARG D NE  1 
ATOM   1113 C CZ  . ARG A 1 142 ? 12.990  4.437   1.251   1.00 35.01 ? 236 ARG D CZ  1 
ATOM   1114 N NH1 . ARG A 1 142 ? 13.837  3.418   1.416   1.00 32.76 ? 236 ARG D NH1 1 
ATOM   1115 N NH2 . ARG A 1 142 ? 12.470  5.043   2.335   1.00 33.79 ? 236 ARG D NH2 1 
ATOM   1116 N N   . ASP A 1 143 ? 12.739  2.372   -6.335  1.00 30.53 ? 237 ASP D N   1 
ATOM   1117 C CA  . ASP A 1 143 ? 13.457  2.004   -7.586  1.00 33.09 ? 237 ASP D CA  1 
ATOM   1118 C C   . ASP A 1 143 ? 12.604  2.240   -8.820  1.00 33.47 ? 237 ASP D C   1 
ATOM   1119 O O   . ASP A 1 143 ? 13.069  2.714   -9.848  1.00 30.88 ? 237 ASP D O   1 
ATOM   1120 C CB  . ASP A 1 143 ? 13.872  0.543   -7.537  1.00 34.04 ? 237 ASP D CB  1 
ATOM   1121 C CG  . ASP A 1 143 ? 15.017  0.290   -6.507  1.00 37.00 ? 237 ASP D CG  1 
ATOM   1122 O OD1 . ASP A 1 143 ? 15.605  1.241   -5.931  1.00 37.67 ? 237 ASP D OD1 1 
ATOM   1123 O OD2 . ASP A 1 143 ? 15.251  -0.894  -6.213  1.00 41.96 ? 237 ASP D OD2 1 
ATOM   1124 N N   . TRP A 1 144 ? 11.337  1.900   -8.703  1.00 27.63 ? 238 TRP D N   1 
ATOM   1125 C CA  . TRP A 1 144 ? 10.390  2.175   -9.751  1.00 28.69 ? 238 TRP D CA  1 
ATOM   1126 C C   . TRP A 1 144 ? 10.242  3.671   -10.063 1.00 30.96 ? 238 TRP D C   1 
ATOM   1127 O O   . TRP A 1 144 ? 10.299  4.054   -11.253 1.00 31.55 ? 238 TRP D O   1 
ATOM   1128 C CB  . TRP A 1 144 ? 9.028   1.539   -9.397  1.00 29.48 ? 238 TRP D CB  1 
ATOM   1129 C CG  . TRP A 1 144 ? 8.041   1.561   -10.537 1.00 31.33 ? 238 TRP D CG  1 
ATOM   1130 C CD1 . TRP A 1 144 ? 7.720   0.509   -11.321 1.00 32.56 ? 238 TRP D CD1 1 
ATOM   1131 C CD2 . TRP A 1 144 ? 7.214   2.639   -10.970 1.00 28.97 ? 238 TRP D CD2 1 
ATOM   1132 N NE1 . TRP A 1 144 ? 6.800   0.850   -12.240 1.00 29.07 ? 238 TRP D NE1 1 
ATOM   1133 C CE2 . TRP A 1 144 ? 6.438   2.140   -12.054 1.00 33.39 ? 238 TRP D CE2 1 
ATOM   1134 C CE3 . TRP A 1 144 ? 7.050   3.967   -10.592 1.00 31.10 ? 238 TRP D CE3 1 
ATOM   1135 C CZ2 . TRP A 1 144 ? 5.521   2.906   -12.730 1.00 30.57 ? 238 TRP D CZ2 1 
ATOM   1136 C CZ3 . TRP A 1 144 ? 6.082   4.712   -11.225 1.00 30.86 ? 238 TRP D CZ3 1 
ATOM   1137 C CH2 . TRP A 1 144 ? 5.347   4.198   -12.306 1.00 31.74 ? 238 TRP D CH2 1 
ATOM   1138 N N   . LEU A 1 145 ? 10.154  4.529   -9.021  1.00 26.57 ? 239 LEU D N   1 
ATOM   1139 C CA  . LEU A 1 145 ? 10.080  5.959   -9.224  1.00 26.57 ? 239 LEU D CA  1 
ATOM   1140 C C   . LEU A 1 145 ? 11.356  6.584   -9.875  1.00 32.25 ? 239 LEU D C   1 
ATOM   1141 O O   . LEU A 1 145 ? 11.254  7.506   -10.684 1.00 34.08 ? 239 LEU D O   1 
ATOM   1142 C CB  . LEU A 1 145 ? 9.809   6.712   -7.967  1.00 25.40 ? 239 LEU D CB  1 
ATOM   1143 C CG  . LEU A 1 145 ? 8.418   6.408   -7.384  1.00 25.45 ? 239 LEU D CG  1 
ATOM   1144 C CD1 . LEU A 1 145 ? 8.338   6.868   -5.952  1.00 25.46 ? 239 LEU D CD1 1 
ATOM   1145 C CD2 . LEU A 1 145 ? 7.297   6.984   -8.234  1.00 25.74 ? 239 LEU D CD2 1 
ATOM   1146 N N   . SER A 1 146 ? 12.509  6.071   -9.497  1.00 33.44 ? 240 SER D N   1 
ATOM   1147 C CA  . SER A 1 146 ? 13.794  6.531   -10.110 1.00 38.74 ? 240 SER D CA  1 
ATOM   1148 C C   . SER A 1 146 ? 13.838  6.127   -11.548 1.00 35.47 ? 240 SER D C   1 
ATOM   1149 O O   . SER A 1 146 ? 14.085  6.950   -12.430 1.00 38.84 ? 240 SER D O   1 
ATOM   1150 C CB  . SER A 1 146 ? 14.989  5.892   -9.388  1.00 37.13 ? 240 SER D CB  1 
ATOM   1151 O OG  . SER A 1 146 ? 15.051  6.452   -8.109  1.00 49.41 ? 240 SER D OG  1 
ATOM   1152 N N   . ARG A 1 147 ? 13.551  4.881   -11.835 1.00 38.47 ? 241 ARG D N   1 
ATOM   1153 C CA  . ARG A 1 147 ? 13.529  4.436   -13.241 1.00 42.99 ? 241 ARG D CA  1 
ATOM   1154 C C   . ARG A 1 147 ? 12.482  5.209   -14.092 1.00 51.10 ? 241 ARG D C   1 
ATOM   1155 O O   . ARG A 1 147 ? 12.836  5.761   -15.136 1.00 50.82 ? 241 ARG D O   1 
ATOM   1156 C CB  . ARG A 1 147 ? 13.284  2.922   -13.335 1.00 43.33 ? 241 ARG D CB  1 
ATOM   1157 C CG  . ARG A 1 147 ? 14.419  2.041   -12.834 1.00 48.07 ? 241 ARG D CG  1 
ATOM   1158 N N   . ARG A 1 148 ? 11.214  5.253   -13.653 1.00 47.45 ? 242 ARG D N   1 
ATOM   1159 C CA  . ARG A 1 148 ? 10.099  5.847   -14.428 1.00 49.08 ? 242 ARG D CA  1 
ATOM   1160 C C   . ARG A 1 148 ? 9.797   7.334   -14.244 1.00 54.73 ? 242 ARG D C   1 
ATOM   1161 O O   . ARG A 1 148 ? 8.849   7.805   -14.846 1.00 66.68 ? 242 ARG D O   1 
ATOM   1162 C CB  . ARG A 1 148 ? 8.805   5.065   -14.178 1.00 54.75 ? 242 ARG D CB  1 
ATOM   1163 N N   . PHE A 1 149 ? 10.567  8.072   -13.434 1.00 60.50 ? 243 PHE D N   1 
ATOM   1164 C CA  . PHE A 1 149 ? 10.560  9.565   -13.417 1.00 53.77 ? 243 PHE D CA  1 
ATOM   1165 C C   . PHE A 1 149 ? 11.973  10.195  -13.414 1.00 63.23 ? 243 PHE D C   1 
ATOM   1166 O O   . PHE A 1 149 ? 12.105  11.421  -13.291 1.00 57.74 ? 243 PHE D O   1 
ATOM   1167 C CB  . PHE A 1 149 ? 9.807   10.139  -12.197 1.00 52.00 ? 243 PHE D CB  1 
ATOM   1168 C CG  . PHE A 1 149 ? 8.313   9.936   -12.231 1.00 61.48 ? 243 PHE D CG  1 
ATOM   1169 C CD1 . PHE A 1 149 ? 7.741   8.746   -11.826 1.00 56.70 ? 243 PHE D CD1 1 
ATOM   1170 C CD2 . PHE A 1 149 ? 7.473   10.945  -12.671 1.00 64.60 ? 243 PHE D CD2 1 
ATOM   1171 C CE1 . PHE A 1 149 ? 6.365   8.557   -11.895 1.00 59.25 ? 243 PHE D CE1 1 
ATOM   1172 C CE2 . PHE A 1 149 ? 6.089   10.770  -12.717 1.00 64.58 ? 243 PHE D CE2 1 
ATOM   1173 C CZ  . PHE A 1 149 ? 5.534   9.571   -12.330 1.00 58.82 ? 243 PHE D CZ  1 
ATOM   1174 N N   . GLY A 1 150 ? 13.031  9.390   -13.529 1.00 72.62 ? 244 GLY D N   1 
ATOM   1175 C CA  . GLY A 1 150 ? 14.413  9.877   -13.335 1.00 71.48 ? 244 GLY D CA  1 
ATOM   1176 C C   . GLY A 1 150 ? 14.810  9.885   -11.868 1.00 64.21 ? 244 GLY D C   1 
ATOM   1177 O O   . GLY A 1 150 ? 14.615  10.880  -11.186 1.00 69.29 ? 244 GLY D O   1 
HETATM 1178 C C1  . EDO B 2 .   ? -5.555  -2.492  17.294  1.00 38.68 ? 301 EDO D C1  1 
HETATM 1179 O O1  . EDO B 2 .   ? -6.834  -3.048  16.865  1.00 32.50 ? 301 EDO D O1  1 
HETATM 1180 C C2  . EDO B 2 .   ? -4.480  -3.220  18.094  1.00 32.87 ? 301 EDO D C2  1 
HETATM 1181 O O2  . EDO B 2 .   ? -4.948  -4.437  18.620  1.00 39.63 ? 301 EDO D O2  1 
HETATM 1182 C C1  . EDO C 2 .   ? -14.658 2.012   -7.841  1.00 45.11 ? 302 EDO D C1  1 
HETATM 1183 O O1  . EDO C 2 .   ? -15.993 2.597   -7.670  1.00 56.18 ? 302 EDO D O1  1 
HETATM 1184 C C2  . EDO C 2 .   ? -14.187 2.193   -9.290  1.00 33.38 ? 302 EDO D C2  1 
HETATM 1185 O O2  . EDO C 2 .   ? -14.408 0.991   -10.202 1.00 46.33 ? 302 EDO D O2  1 
HETATM 1186 O O   . HOH D 3 .   ? -9.850  12.395  -9.137  1.00 38.43 ? 401 HOH D O   1 
HETATM 1187 O O   . HOH D 3 .   ? 9.903   10.217  -4.389  1.00 40.45 ? 402 HOH D O   1 
HETATM 1188 O O   . HOH D 3 .   ? 5.338   -1.438  -13.786 1.00 38.43 ? 403 HOH D O   1 
HETATM 1189 O O   . HOH D 3 .   ? -2.683  -4.550  -15.432 1.00 34.50 ? 404 HOH D O   1 
HETATM 1190 O O   . HOH D 3 .   ? -21.669 -4.781  16.053  1.00 37.79 ? 405 HOH D O   1 
HETATM 1191 O O   . HOH D 3 .   ? -12.543 5.038   -16.345 1.00 48.70 ? 406 HOH D O   1 
HETATM 1192 O O   . HOH D 3 .   ? -7.147  -5.826  -15.152 1.00 45.66 ? 407 HOH D O   1 
HETATM 1193 O O   . HOH D 3 .   ? -5.255  -0.195  14.605  1.00 25.04 ? 408 HOH D O   1 
HETATM 1194 O O   . HOH D 3 .   ? -6.420  -12.552 -9.880  1.00 40.33 ? 409 HOH D O   1 
HETATM 1195 O O   . HOH D 3 .   ? -14.032 -7.448  -13.255 1.00 39.21 ? 410 HOH D O   1 
HETATM 1196 O O   . HOH D 3 .   ? -9.044  -3.936  9.668   1.00 31.16 ? 411 HOH D O   1 
HETATM 1197 O O   . HOH D 3 .   ? 13.850  -0.128  10.146  1.00 48.38 ? 412 HOH D O   1 
HETATM 1198 O O   . HOH D 3 .   ? -14.224 -1.899  -9.388  1.00 37.41 ? 413 HOH D O   1 
HETATM 1199 O O   . HOH D 3 .   ? -4.294  6.556   13.697  1.00 32.95 ? 414 HOH D O   1 
HETATM 1200 O O   . HOH D 3 .   ? -1.528  6.336   -12.854 1.00 22.85 ? 415 HOH D O   1 
HETATM 1201 O O   . HOH D 3 .   ? 10.387  -6.601  -1.146  1.00 32.94 ? 416 HOH D O   1 
HETATM 1202 O O   . HOH D 3 .   ? -1.850  4.155   -1.504  1.00 20.86 ? 417 HOH D O   1 
HETATM 1203 O O   . HOH D 3 .   ? 1.188   10.623  8.673   1.00 33.60 ? 418 HOH D O   1 
HETATM 1204 O O   . HOH D 3 .   ? -8.469  14.672  -5.511  1.00 36.00 ? 419 HOH D O   1 
HETATM 1205 O O   . HOH D 3 .   ? -10.582 3.306   -6.332  1.00 24.61 ? 420 HOH D O   1 
HETATM 1206 O O   . HOH D 3 .   ? 10.814  -1.826  -8.675  1.00 35.93 ? 421 HOH D O   1 
HETATM 1207 O O   . HOH D 3 .   ? 1.083   5.433   -13.051 1.00 27.43 ? 422 HOH D O   1 
HETATM 1208 O O   . HOH D 3 .   ? 1.762   -2.678  8.842   1.00 26.38 ? 423 HOH D O   1 
HETATM 1209 O O   . HOH D 3 .   ? -1.845  -3.483  3.181   1.00 30.20 ? 424 HOH D O   1 
HETATM 1210 O O   . HOH D 3 .   ? 11.438  -2.587  0.790   1.00 24.86 ? 425 HOH D O   1 
HETATM 1211 O O   . HOH D 3 .   ? 9.840   11.443  0.449   1.00 30.01 ? 426 HOH D O   1 
HETATM 1212 O O   . HOH D 3 .   ? -9.662  7.628   -17.482 1.00 30.36 ? 427 HOH D O   1 
HETATM 1213 O O   . HOH D 3 .   ? -1.446  2.464   -12.371 1.00 21.97 ? 428 HOH D O   1 
HETATM 1214 O O   . HOH D 3 .   ? 0.659   -2.894  2.223   1.00 22.96 ? 429 HOH D O   1 
HETATM 1215 O O   . HOH D 3 .   ? -2.001  12.718  6.216   1.00 28.75 ? 430 HOH D O   1 
HETATM 1216 O O   . HOH D 3 .   ? -11.475 10.087  -8.384  1.00 31.61 ? 431 HOH D O   1 
HETATM 1217 O O   . HOH D 3 .   ? -15.175 9.672   -15.277 1.00 41.55 ? 432 HOH D O   1 
HETATM 1218 O O   . HOH D 3 .   ? -11.569 7.545   -11.217 1.00 30.03 ? 433 HOH D O   1 
HETATM 1219 O O   . HOH D 3 .   ? 17.763  -10.121 15.329  1.00 35.06 ? 434 HOH D O   1 
HETATM 1220 O O   . HOH D 3 .   ? 6.584   0.993   14.829  1.00 34.62 ? 435 HOH D O   1 
HETATM 1221 O O   . HOH D 3 .   ? 6.641   -5.726  -9.645  1.00 40.24 ? 436 HOH D O   1 
HETATM 1222 O O   . HOH D 3 .   ? 13.029  7.160   -5.800  1.00 30.61 ? 437 HOH D O   1 
HETATM 1223 O O   . HOH D 3 .   ? -13.938 0.045   4.642   1.00 39.90 ? 438 HOH D O   1 
HETATM 1224 O O   . HOH D 3 .   ? -12.892 9.758   -5.992  1.00 30.96 ? 439 HOH D O   1 
HETATM 1225 O O   . HOH D 3 .   ? -1.805  -15.336 -5.216  1.00 41.33 ? 440 HOH D O   1 
HETATM 1226 O O   . HOH D 3 .   ? -11.089 11.779  -14.395 1.00 40.82 ? 441 HOH D O   1 
HETATM 1227 O O   . HOH D 3 .   ? 5.858   10.842  7.232   1.00 25.47 ? 442 HOH D O   1 
HETATM 1228 O O   . HOH D 3 .   ? 5.524   -5.642  13.314  1.00 39.73 ? 443 HOH D O   1 
HETATM 1229 O O   . HOH D 3 .   ? -1.374  8.392   13.648  1.00 36.24 ? 444 HOH D O   1 
HETATM 1230 O O   . HOH D 3 .   ? -3.460  -1.600  7.004   1.00 37.18 ? 445 HOH D O   1 
HETATM 1231 O O   . HOH D 3 .   ? 13.903  5.662   5.863   1.00 39.64 ? 446 HOH D O   1 
HETATM 1232 O O   . HOH D 3 .   ? 12.302  -5.575  3.452   1.00 48.99 ? 447 HOH D O   1 
HETATM 1233 O O   . HOH D 3 .   ? -3.862  1.493   -19.000 1.00 39.99 ? 448 HOH D O   1 
HETATM 1234 O O   . HOH D 3 .   ? 3.305   13.941  4.827   1.00 52.14 ? 449 HOH D O   1 
HETATM 1235 O O   . HOH D 3 .   ? -11.574 15.794  -2.139  1.00 36.89 ? 450 HOH D O   1 
HETATM 1236 O O   . HOH D 3 .   ? -11.826 -2.754  4.359   1.00 43.02 ? 451 HOH D O   1 
HETATM 1237 O O   . HOH D 3 .   ? -10.543 0.146   -12.412 1.00 38.03 ? 452 HOH D O   1 
HETATM 1238 O O   . HOH D 3 .   ? -6.243  11.747  4.965   1.00 51.50 ? 453 HOH D O   1 
HETATM 1239 O O   . HOH D 3 .   ? 9.698   3.114   11.340  1.00 31.95 ? 454 HOH D O   1 
HETATM 1240 O O   . HOH D 3 .   ? 13.813  4.826   8.600   1.00 44.86 ? 455 HOH D O   1 
HETATM 1241 O O   . HOH D 3 .   ? 13.058  -3.312  -7.893  1.00 46.36 ? 456 HOH D O   1 
HETATM 1242 O O   . HOH D 3 .   ? 7.583   7.755   9.078   1.00 42.41 ? 457 HOH D O   1 
HETATM 1243 O O   . HOH D 3 .   ? -12.482 11.957  -4.179  1.00 43.25 ? 458 HOH D O   1 
HETATM 1244 O O   . HOH D 3 .   ? -5.416  -2.997  6.087   1.00 42.71 ? 459 HOH D O   1 
HETATM 1245 O O   . HOH D 3 .   ? -15.674 9.126   -6.313  1.00 35.10 ? 460 HOH D O   1 
# 
